data_7NWJ
#
_entry.id   7NWJ
#
_entity_poly.entity_id   1
_entity_poly.type   'polypeptide(L)'
_entity_poly.pdbx_seq_one_letter_code
;GPLGSMAGRPLRIGDQLVLEEDYDETYIPSEQEILEFAREIGIDPIKEPELMWLAREGIVAPLPGEWKPCQDITGDIYYF
NFANGQSMWDHPCDEHYRSLVIQERAKLSTSGAI
;
_entity_poly.pdbx_strand_id   A
#
# COMPACT_ATOMS: atom_id res chain seq x y z
N GLY A 1 -17.93 12.72 -38.58
CA GLY A 1 -17.75 11.61 -37.61
C GLY A 1 -16.32 11.08 -37.60
N PRO A 2 -15.93 10.28 -36.59
CA PRO A 2 -14.57 9.77 -36.42
C PRO A 2 -14.19 8.63 -37.40
N LEU A 3 -15.17 7.95 -38.00
CA LEU A 3 -15.00 6.80 -38.91
C LEU A 3 -14.13 5.67 -38.30
N GLY A 4 -14.28 5.47 -36.98
CA GLY A 4 -13.53 4.53 -36.15
C GLY A 4 -13.77 4.79 -34.65
N SER A 5 -12.84 4.38 -33.80
CA SER A 5 -12.88 4.63 -32.35
C SER A 5 -12.89 6.11 -32.00
N MET A 6 -13.77 6.53 -31.08
CA MET A 6 -13.95 7.92 -30.66
C MET A 6 -13.13 8.26 -29.41
N ALA A 7 -12.56 9.48 -29.36
CA ALA A 7 -11.69 9.97 -28.28
C ALA A 7 -12.33 11.00 -27.34
N GLY A 8 -13.67 11.12 -27.37
CA GLY A 8 -14.50 12.08 -26.62
C GLY A 8 -14.64 11.79 -25.12
N ARG A 9 -13.52 11.53 -24.46
CA ARG A 9 -13.36 11.19 -23.03
C ARG A 9 -13.73 12.34 -22.08
N PRO A 10 -14.25 12.05 -20.86
CA PRO A 10 -14.56 13.07 -19.86
C PRO A 10 -13.28 13.67 -19.24
N LEU A 11 -13.39 14.90 -18.73
CA LEU A 11 -12.31 15.65 -18.07
C LEU A 11 -12.83 16.37 -16.81
N ARG A 12 -11.97 16.54 -15.80
CA ARG A 12 -12.20 17.26 -14.55
C ARG A 12 -10.88 17.65 -13.87
N ILE A 13 -10.86 18.75 -13.12
CA ILE A 13 -9.67 19.20 -12.37
C ILE A 13 -9.54 18.50 -11.01
N GLY A 14 -10.66 18.16 -10.36
CA GLY A 14 -10.64 17.41 -9.10
C GLY A 14 -10.00 16.00 -9.23
N ASP A 15 -10.09 15.41 -10.43
CA ASP A 15 -9.48 14.13 -10.78
C ASP A 15 -7.95 14.20 -10.96
N GLN A 16 -7.35 15.40 -10.94
CA GLN A 16 -5.90 15.64 -11.11
C GLN A 16 -5.13 15.76 -9.78
N LEU A 17 -5.82 15.77 -8.63
CA LEU A 17 -5.22 15.97 -7.31
C LEU A 17 -4.51 14.71 -6.77
N VAL A 18 -3.22 14.60 -7.07
CA VAL A 18 -2.31 13.54 -6.59
C VAL A 18 -1.84 13.87 -5.17
N LEU A 19 -1.81 12.87 -4.28
CA LEU A 19 -1.46 13.02 -2.85
C LEU A 19 0.01 12.72 -2.52
N GLU A 20 0.77 12.13 -3.44
CA GLU A 20 2.20 11.85 -3.27
C GLU A 20 3.02 13.15 -3.25
N GLU A 21 3.74 13.39 -2.15
CA GLU A 21 4.52 14.62 -1.91
C GLU A 21 5.81 14.37 -1.11
N ASP A 22 5.71 13.73 0.06
CA ASP A 22 6.83 13.46 0.99
C ASP A 22 6.89 12.00 1.48
N TYR A 23 8.10 11.50 1.70
CA TYR A 23 8.43 10.17 2.22
C TYR A 23 9.85 10.20 2.83
N ASP A 24 10.02 9.54 3.98
CA ASP A 24 11.31 9.37 4.67
C ASP A 24 11.78 7.91 4.62
N GLU A 25 13.01 7.71 4.17
CA GLU A 25 13.63 6.39 3.97
C GLU A 25 14.48 5.91 5.16
N THR A 26 15.20 6.83 5.82
CA THR A 26 16.16 6.51 6.88
C THR A 26 15.56 6.24 8.27
N TYR A 27 14.32 6.64 8.57
CA TYR A 27 13.75 6.45 9.91
C TYR A 27 13.58 4.97 10.31
N ILE A 28 13.71 4.73 11.62
CA ILE A 28 13.59 3.41 12.26
C ILE A 28 12.24 3.37 13.01
N PRO A 29 11.37 2.37 12.76
CA PRO A 29 10.10 2.22 13.46
C PRO A 29 10.30 1.62 14.87
N SER A 30 9.44 2.01 15.81
CA SER A 30 9.44 1.44 17.17
C SER A 30 8.83 0.03 17.18
N GLU A 31 9.16 -0.81 18.16
CA GLU A 31 8.59 -2.16 18.29
C GLU A 31 7.06 -2.14 18.34
N GLN A 32 6.46 -1.14 18.99
CA GLN A 32 5.00 -0.97 19.05
C GLN A 32 4.40 -0.68 17.65
N GLU A 33 5.13 0.02 16.77
CA GLU A 33 4.72 0.31 15.39
C GLU A 33 4.89 -0.92 14.49
N ILE A 34 5.95 -1.71 14.69
CA ILE A 34 6.18 -2.98 13.99
C ILE A 34 5.06 -3.97 14.36
N LEU A 35 4.72 -4.07 15.65
CA LEU A 35 3.62 -4.89 16.16
C LEU A 35 2.28 -4.41 15.59
N GLU A 36 2.06 -3.10 15.45
CA GLU A 36 0.85 -2.55 14.85
C GLU A 36 0.70 -2.95 13.37
N PHE A 37 1.75 -2.85 12.54
CA PHE A 37 1.66 -3.30 11.14
C PHE A 37 1.50 -4.83 11.06
N ALA A 38 2.17 -5.60 11.92
CA ALA A 38 2.01 -7.05 11.98
C ALA A 38 0.56 -7.45 12.29
N ARG A 39 -0.04 -6.86 13.33
CA ARG A 39 -1.45 -7.10 13.71
C ARG A 39 -2.43 -6.61 12.63
N GLU A 40 -2.11 -5.50 11.95
CA GLU A 40 -2.91 -4.95 10.84
C GLU A 40 -2.87 -5.88 9.60
N ILE A 41 -1.71 -6.43 9.21
CA ILE A 41 -1.59 -7.29 8.03
C ILE A 41 -2.02 -8.76 8.27
N GLY A 42 -2.50 -9.09 9.49
CA GLY A 42 -3.05 -10.41 9.85
C GLY A 42 -2.12 -11.39 10.59
N ILE A 43 -1.09 -10.91 11.29
CA ILE A 43 -0.07 -11.71 11.98
C ILE A 43 -0.31 -11.78 13.50
N ASP A 44 0.10 -12.88 14.13
CA ASP A 44 0.21 -13.06 15.57
C ASP A 44 1.71 -13.01 15.94
N PRO A 45 2.35 -11.82 16.00
CA PRO A 45 3.79 -11.66 16.20
C PRO A 45 4.37 -12.30 17.47
N ILE A 46 3.54 -12.62 18.47
CA ILE A 46 3.95 -13.32 19.69
C ILE A 46 4.42 -14.76 19.36
N LYS A 47 3.85 -15.38 18.32
CA LYS A 47 4.14 -16.75 17.87
C LYS A 47 4.68 -16.84 16.44
N GLU A 48 4.64 -15.74 15.67
CA GLU A 48 5.04 -15.67 14.26
C GLU A 48 6.11 -14.58 13.98
N PRO A 49 7.28 -14.60 14.65
CA PRO A 49 8.31 -13.56 14.53
C PRO A 49 8.94 -13.48 13.13
N GLU A 50 8.90 -14.53 12.32
CA GLU A 50 9.40 -14.51 10.94
C GLU A 50 8.54 -13.55 10.09
N LEU A 51 7.22 -13.71 10.21
CA LEU A 51 6.26 -12.82 9.54
C LEU A 51 6.37 -11.39 10.11
N MET A 52 6.93 -11.21 11.32
CA MET A 52 7.19 -9.88 11.87
C MET A 52 8.51 -9.25 11.38
N TRP A 53 9.52 -10.01 10.93
CA TRP A 53 10.65 -9.39 10.19
C TRP A 53 10.08 -8.79 8.91
N LEU A 54 9.14 -9.52 8.29
CA LEU A 54 8.38 -9.04 7.13
C LEU A 54 7.63 -7.74 7.47
N ALA A 55 6.99 -7.65 8.64
CA ALA A 55 6.28 -6.46 9.08
C ALA A 55 7.20 -5.26 9.39
N ARG A 56 8.42 -5.50 9.91
CA ARG A 56 9.45 -4.47 10.15
C ARG A 56 9.83 -3.78 8.84
N GLU A 57 10.02 -4.55 7.78
CA GLU A 57 10.27 -4.00 6.44
C GLU A 57 8.98 -3.39 5.84
N GLY A 58 7.83 -3.99 6.13
CA GLY A 58 6.49 -3.56 5.76
C GLY A 58 6.15 -2.10 6.04
N ILE A 59 6.32 -1.67 7.30
CA ILE A 59 5.94 -0.33 7.73
C ILE A 59 6.83 0.79 7.13
N VAL A 60 8.09 0.49 6.77
CA VAL A 60 9.01 1.47 6.15
C VAL A 60 8.95 1.46 4.61
N ALA A 61 8.43 0.41 3.97
CA ALA A 61 8.41 0.28 2.52
C ALA A 61 7.42 1.26 1.82
N PRO A 62 7.85 1.96 0.75
CA PRO A 62 6.99 2.84 -0.04
C PRO A 62 6.25 2.08 -1.16
N LEU A 63 5.39 2.77 -1.92
CA LEU A 63 4.73 2.21 -3.10
C LEU A 63 5.74 2.05 -4.27
N PRO A 64 5.48 1.14 -5.23
CA PRO A 64 6.32 1.02 -6.43
C PRO A 64 6.30 2.34 -7.23
N GLY A 65 7.38 2.65 -7.96
CA GLY A 65 7.54 3.92 -8.69
C GLY A 65 6.45 4.30 -9.71
N GLU A 66 5.62 3.35 -10.14
CA GLU A 66 4.50 3.56 -11.07
C GLU A 66 3.14 3.84 -10.39
N TRP A 67 2.97 3.49 -9.11
CA TRP A 67 1.74 3.65 -8.31
C TRP A 67 1.82 4.87 -7.36
N LYS A 68 0.75 5.66 -7.26
CA LYS A 68 0.61 6.77 -6.29
C LYS A 68 -0.86 7.13 -6.00
N PRO A 69 -1.19 7.63 -4.79
CA PRO A 69 -2.55 8.02 -4.42
C PRO A 69 -3.02 9.30 -5.11
N CYS A 70 -4.34 9.37 -5.33
CA CYS A 70 -5.04 10.46 -5.98
C CYS A 70 -6.47 10.60 -5.42
N GLN A 71 -7.11 11.74 -5.64
CA GLN A 71 -8.49 12.00 -5.23
C GLN A 71 -9.50 11.71 -6.36
N ASP A 72 -10.56 10.98 -6.03
CA ASP A 72 -11.70 10.70 -6.88
C ASP A 72 -12.77 11.79 -6.68
N ILE A 73 -13.39 12.23 -7.78
CA ILE A 73 -14.37 13.32 -7.85
C ILE A 73 -15.58 13.18 -6.91
N THR A 74 -15.90 11.97 -6.44
CA THR A 74 -16.96 11.74 -5.43
C THR A 74 -16.55 12.21 -4.01
N GLY A 75 -15.32 12.69 -3.83
CA GLY A 75 -14.75 13.16 -2.57
C GLY A 75 -14.05 12.05 -1.78
N ASP A 76 -13.33 11.15 -2.46
CA ASP A 76 -12.67 9.98 -1.84
C ASP A 76 -11.23 9.78 -2.33
N ILE A 77 -10.41 9.00 -1.60
CA ILE A 77 -9.00 8.73 -1.94
C ILE A 77 -8.83 7.29 -2.43
N TYR A 78 -8.04 7.12 -3.50
CA TYR A 78 -7.73 5.84 -4.16
C TYR A 78 -6.29 5.84 -4.71
N TYR A 79 -5.83 4.71 -5.25
CA TYR A 79 -4.47 4.53 -5.81
C TYR A 79 -4.51 4.32 -7.32
N PHE A 80 -3.52 4.88 -8.04
CA PHE A 80 -3.43 4.75 -9.50
C PHE A 80 -2.01 4.46 -9.99
N ASN A 81 -1.90 3.54 -10.94
CA ASN A 81 -0.71 3.14 -11.68
C ASN A 81 -0.67 3.93 -12.99
N PHE A 82 0.33 4.80 -13.13
CA PHE A 82 0.52 5.71 -14.25
C PHE A 82 1.25 5.08 -15.46
N ALA A 83 1.92 3.94 -15.27
CA ALA A 83 2.59 3.20 -16.34
C ALA A 83 1.65 2.20 -17.03
N ASN A 84 0.78 1.54 -16.26
CA ASN A 84 -0.21 0.55 -16.75
C ASN A 84 -1.61 1.16 -17.00
N GLY A 85 -1.94 2.30 -16.38
CA GLY A 85 -3.25 2.94 -16.47
C GLY A 85 -4.33 2.17 -15.68
N GLN A 86 -4.04 1.82 -14.42
CA GLN A 86 -4.92 0.99 -13.57
C GLN A 86 -5.16 1.58 -12.18
N SER A 87 -6.39 1.48 -11.67
CA SER A 87 -6.81 1.94 -10.34
C SER A 87 -6.91 0.81 -9.30
N MET A 88 -6.79 1.17 -8.02
CA MET A 88 -6.93 0.31 -6.84
C MET A 88 -7.59 1.07 -5.68
N TRP A 89 -8.38 0.37 -4.86
CA TRP A 89 -9.12 0.93 -3.71
C TRP A 89 -8.41 0.72 -2.36
N ASP A 90 -7.27 0.04 -2.37
CA ASP A 90 -6.38 -0.23 -1.22
C ASP A 90 -4.92 -0.02 -1.66
N HIS A 91 -4.01 0.23 -0.71
CA HIS A 91 -2.60 0.53 -1.01
C HIS A 91 -1.93 -0.67 -1.71
N PRO A 92 -1.32 -0.51 -2.91
CA PRO A 92 -0.70 -1.61 -3.64
C PRO A 92 0.40 -2.36 -2.86
N CYS A 93 1.21 -1.65 -2.06
CA CYS A 93 2.26 -2.27 -1.25
C CYS A 93 1.71 -3.00 -0.01
N ASP A 94 0.62 -2.51 0.59
CA ASP A 94 -0.08 -3.14 1.72
C ASP A 94 -0.74 -4.47 1.29
N GLU A 95 -1.43 -4.47 0.14
CA GLU A 95 -2.02 -5.69 -0.45
C GLU A 95 -0.92 -6.71 -0.81
N HIS A 96 0.23 -6.22 -1.30
CA HIS A 96 1.42 -7.02 -1.58
C HIS A 96 1.98 -7.62 -0.29
N TYR A 97 2.12 -6.86 0.80
CA TYR A 97 2.64 -7.37 2.07
C TYR A 97 1.72 -8.41 2.70
N ARG A 98 0.39 -8.25 2.62
CA ARG A 98 -0.56 -9.28 3.09
C ARG A 98 -0.36 -10.59 2.30
N SER A 99 -0.29 -10.50 0.97
CA SER A 99 -0.04 -11.64 0.09
C SER A 99 1.31 -12.30 0.36
N LEU A 100 2.36 -11.50 0.59
CA LEU A 100 3.71 -11.96 0.90
C LEU A 100 3.77 -12.70 2.24
N VAL A 101 3.10 -12.17 3.27
CA VAL A 101 2.95 -12.81 4.60
C VAL A 101 2.26 -14.17 4.46
N ILE A 102 1.15 -14.23 3.73
CA ILE A 102 0.36 -15.45 3.51
C ILE A 102 1.17 -16.53 2.78
N GLN A 103 1.94 -16.15 1.77
CA GLN A 103 2.78 -17.07 0.98
C GLN A 103 4.01 -17.53 1.78
N GLU A 104 4.62 -16.66 2.57
CA GLU A 104 5.73 -16.99 3.47
C GLU A 104 5.23 -17.95 4.58
N ARG A 105 4.06 -17.67 5.15
CA ARG A 105 3.41 -18.50 6.18
C ARG A 105 3.07 -19.89 5.64
N ALA A 106 2.58 -19.98 4.41
CA ALA A 106 2.30 -21.26 3.76
C ALA A 106 3.58 -22.08 3.49
N LYS A 107 4.71 -21.43 3.19
CA LYS A 107 6.01 -22.08 2.99
C LYS A 107 6.60 -22.57 4.32
N LEU A 108 6.59 -21.72 5.35
CA LEU A 108 7.06 -22.06 6.71
C LEU A 108 6.24 -23.19 7.34
N SER A 109 4.92 -23.21 7.08
CA SER A 109 4.00 -24.25 7.56
C SER A 109 3.92 -25.49 6.64
N THR A 110 4.70 -25.52 5.55
CA THR A 110 4.72 -26.59 4.51
C THR A 110 3.30 -27.00 4.05
N SER A 111 2.49 -26.01 3.69
CA SER A 111 1.07 -26.11 3.29
C SER A 111 0.10 -26.63 4.37
N GLY A 112 0.57 -26.87 5.60
CA GLY A 112 -0.20 -27.29 6.77
C GLY A 112 -0.62 -26.14 7.71
N ALA A 113 -0.79 -24.92 7.16
CA ALA A 113 -1.12 -23.72 7.93
C ALA A 113 -2.50 -23.79 8.63
N ILE A 114 -2.65 -23.03 9.72
CA ILE A 114 -3.85 -22.98 10.59
C ILE A 114 -4.32 -21.54 10.85
N GLY A 1 3.17 15.02 -22.87
CA GLY A 1 4.45 14.27 -22.77
C GLY A 1 5.46 14.74 -23.80
N PRO A 2 6.57 13.99 -24.00
CA PRO A 2 7.60 14.34 -24.97
C PRO A 2 7.07 14.21 -26.42
N LEU A 3 7.17 15.31 -27.18
CA LEU A 3 6.78 15.42 -28.60
C LEU A 3 5.30 15.07 -28.92
N GLY A 4 4.41 15.04 -27.93
CA GLY A 4 2.98 14.73 -28.13
C GLY A 4 2.16 14.57 -26.83
N SER A 5 0.84 14.49 -26.98
CA SER A 5 -0.13 14.27 -25.89
C SER A 5 -1.40 13.58 -26.39
N MET A 6 -2.10 12.89 -25.49
CA MET A 6 -3.39 12.19 -25.74
C MET A 6 -4.58 12.85 -25.04
N ALA A 7 -4.39 14.07 -24.51
CA ALA A 7 -5.43 14.89 -23.87
C ALA A 7 -5.24 16.38 -24.21
N GLY A 8 -6.22 16.96 -24.93
CA GLY A 8 -6.18 18.37 -25.37
C GLY A 8 -6.51 19.39 -24.27
N ARG A 9 -7.30 18.99 -23.25
CA ARG A 9 -7.71 19.84 -22.11
C ARG A 9 -7.98 18.96 -20.86
N PRO A 10 -7.54 19.36 -19.65
CA PRO A 10 -7.82 18.62 -18.41
C PRO A 10 -9.25 18.85 -17.89
N LEU A 11 -9.72 17.95 -17.02
CA LEU A 11 -11.03 18.02 -16.35
C LEU A 11 -10.95 17.46 -14.91
N ARG A 12 -11.77 18.03 -14.01
CA ARG A 12 -11.83 17.72 -12.55
C ARG A 12 -10.44 17.50 -11.94
N ILE A 13 -9.58 18.52 -11.93
CA ILE A 13 -8.24 18.37 -11.34
C ILE A 13 -8.30 18.08 -9.82
N GLY A 14 -9.44 18.33 -9.17
CA GLY A 14 -9.68 17.95 -7.77
C GLY A 14 -9.73 16.43 -7.61
N ASP A 15 -10.19 15.69 -8.63
CA ASP A 15 -10.16 14.21 -8.65
C ASP A 15 -8.77 13.65 -9.05
N GLN A 16 -7.92 14.52 -9.61
CA GLN A 16 -6.53 14.24 -10.01
C GLN A 16 -5.49 14.57 -8.91
N LEU A 17 -5.93 15.00 -7.73
CA LEU A 17 -5.07 15.43 -6.62
C LEU A 17 -4.20 14.28 -6.07
N VAL A 18 -2.88 14.36 -6.31
CA VAL A 18 -1.87 13.39 -5.85
C VAL A 18 -1.51 13.64 -4.37
N LEU A 19 -1.25 12.56 -3.62
CA LEU A 19 -1.00 12.54 -2.18
C LEU A 19 0.43 12.07 -1.82
N GLU A 20 1.42 12.40 -2.66
CA GLU A 20 2.84 12.07 -2.48
C GLU A 20 3.51 12.97 -1.40
N GLU A 21 3.09 12.80 -0.15
CA GLU A 21 3.50 13.54 1.03
C GLU A 21 3.57 12.61 2.26
N ASP A 22 4.07 13.18 3.35
CA ASP A 22 4.21 12.58 4.69
C ASP A 22 4.95 11.23 4.72
N TYR A 23 6.12 11.18 4.07
CA TYR A 23 7.03 10.04 4.03
C TYR A 23 8.49 10.54 3.91
N ASP A 24 9.38 9.86 4.61
CA ASP A 24 10.84 10.07 4.59
C ASP A 24 11.56 8.71 4.54
N GLU A 25 12.54 8.60 3.65
CA GLU A 25 13.28 7.37 3.39
C GLU A 25 14.05 6.81 4.60
N THR A 26 14.63 7.71 5.41
CA THR A 26 15.49 7.37 6.56
C THR A 26 14.74 7.26 7.91
N TYR A 27 13.40 7.35 7.94
CA TYR A 27 12.63 7.18 9.17
C TYR A 27 12.68 5.74 9.71
N ILE A 28 12.57 5.64 11.03
CA ILE A 28 12.69 4.41 11.82
C ILE A 28 11.39 4.23 12.63
N PRO A 29 10.61 3.15 12.42
CA PRO A 29 9.34 2.93 13.13
C PRO A 29 9.56 2.38 14.54
N SER A 30 8.66 2.76 15.46
CA SER A 30 8.65 2.27 16.84
C SER A 30 7.95 0.91 16.95
N GLU A 31 8.25 0.13 18.00
CA GLU A 31 7.73 -1.23 18.20
C GLU A 31 6.18 -1.30 18.18
N GLN A 32 5.49 -0.32 18.76
CA GLN A 32 4.03 -0.23 18.74
C GLN A 32 3.48 -0.16 17.31
N GLU A 33 4.12 0.61 16.42
CA GLU A 33 3.70 0.78 15.03
C GLU A 33 4.05 -0.46 14.20
N ILE A 34 5.18 -1.14 14.49
CA ILE A 34 5.55 -2.40 13.84
C ILE A 34 4.52 -3.48 14.21
N LEU A 35 4.11 -3.55 15.49
CA LEU A 35 3.06 -4.47 15.97
C LEU A 35 1.72 -4.19 15.29
N GLU A 36 1.34 -2.92 15.12
CA GLU A 36 0.10 -2.56 14.40
C GLU A 36 0.18 -2.93 12.91
N PHE A 37 1.30 -2.71 12.21
CA PHE A 37 1.42 -3.15 10.81
C PHE A 37 1.35 -4.68 10.71
N ALA A 38 1.91 -5.41 11.69
CA ALA A 38 1.83 -6.87 11.74
C ALA A 38 0.37 -7.32 11.88
N ARG A 39 -0.37 -6.75 12.85
CA ARG A 39 -1.80 -7.04 13.04
C ARG A 39 -2.64 -6.70 11.80
N GLU A 40 -2.26 -5.65 11.05
CA GLU A 40 -2.92 -5.24 9.81
C GLU A 40 -2.58 -6.14 8.60
N ILE A 41 -1.33 -6.61 8.44
CA ILE A 41 -0.97 -7.55 7.34
C ILE A 41 -1.36 -9.02 7.62
N GLY A 42 -2.02 -9.29 8.76
CA GLY A 42 -2.55 -10.60 9.14
C GLY A 42 -1.62 -11.47 10.00
N ILE A 43 -0.81 -10.87 10.86
CA ILE A 43 0.13 -11.56 11.77
C ILE A 43 -0.37 -11.59 13.22
N ASP A 44 0.00 -12.63 13.96
CA ASP A 44 -0.10 -12.71 15.43
C ASP A 44 1.35 -12.57 15.95
N PRO A 45 1.92 -11.34 16.06
CA PRO A 45 3.33 -11.12 16.40
C PRO A 45 3.80 -11.72 17.74
N ILE A 46 2.87 -12.02 18.65
CA ILE A 46 3.16 -12.70 19.93
C ILE A 46 3.72 -14.12 19.70
N LYS A 47 3.32 -14.78 18.58
CA LYS A 47 3.69 -16.15 18.20
C LYS A 47 4.41 -16.27 16.85
N GLU A 48 4.40 -15.21 16.03
CA GLU A 48 4.96 -15.18 14.67
C GLU A 48 5.99 -14.04 14.46
N PRO A 49 7.12 -14.02 15.19
CA PRO A 49 8.12 -12.94 15.08
C PRO A 49 8.79 -12.88 13.69
N GLU A 50 8.83 -13.97 12.93
CA GLU A 50 9.36 -13.98 11.57
C GLU A 50 8.47 -13.15 10.63
N LEU A 51 7.16 -13.40 10.69
CA LEU A 51 6.20 -12.63 9.91
C LEU A 51 6.11 -11.17 10.42
N MET A 52 6.60 -10.87 11.62
CA MET A 52 6.71 -9.49 12.11
C MET A 52 8.00 -8.80 11.63
N TRP A 53 9.08 -9.53 11.28
CA TRP A 53 10.21 -8.89 10.56
C TRP A 53 9.67 -8.41 9.20
N LEU A 54 8.79 -9.22 8.59
CA LEU A 54 8.09 -8.87 7.37
C LEU A 54 7.26 -7.59 7.55
N ALA A 55 6.56 -7.45 8.68
CA ALA A 55 5.79 -6.25 9.00
C ALA A 55 6.65 -5.01 9.27
N ARG A 56 7.86 -5.19 9.84
CA ARG A 56 8.83 -4.10 10.05
C ARG A 56 9.29 -3.53 8.71
N GLU A 57 9.49 -4.38 7.71
CA GLU A 57 9.78 -3.95 6.32
C GLU A 57 8.50 -3.35 5.69
N GLY A 58 7.33 -3.92 6.02
CA GLY A 58 6.00 -3.50 5.65
C GLY A 58 5.75 -2.01 5.79
N ILE A 59 5.96 -1.47 7.00
CA ILE A 59 5.68 -0.06 7.32
C ILE A 59 6.69 0.95 6.77
N VAL A 60 7.87 0.53 6.30
CA VAL A 60 8.91 1.44 5.76
C VAL A 60 9.03 1.44 4.24
N ALA A 61 8.54 0.40 3.55
CA ALA A 61 8.67 0.28 2.09
C ALA A 61 7.77 1.28 1.32
N PRO A 62 8.30 2.02 0.33
CA PRO A 62 7.53 2.93 -0.52
C PRO A 62 6.82 2.21 -1.68
N LEU A 63 5.97 2.93 -2.40
CA LEU A 63 5.26 2.44 -3.60
C LEU A 63 6.22 2.22 -4.80
N PRO A 64 5.87 1.34 -5.77
CA PRO A 64 6.64 1.19 -7.00
C PRO A 64 6.58 2.50 -7.81
N GLY A 65 7.58 2.75 -8.66
CA GLY A 65 7.70 4.01 -9.43
C GLY A 65 6.49 4.40 -10.30
N GLU A 66 5.65 3.43 -10.68
CA GLU A 66 4.49 3.65 -11.56
C GLU A 66 3.17 3.94 -10.83
N TRP A 67 3.05 3.59 -9.54
CA TRP A 67 1.85 3.77 -8.70
C TRP A 67 1.95 5.04 -7.84
N LYS A 68 0.87 5.83 -7.77
CA LYS A 68 0.75 7.03 -6.91
C LYS A 68 -0.59 7.04 -6.16
N PRO A 69 -0.64 7.53 -4.91
CA PRO A 69 -1.88 7.68 -4.17
C PRO A 69 -2.55 9.02 -4.52
N CYS A 70 -3.87 9.03 -4.59
CA CYS A 70 -4.67 10.19 -5.00
C CYS A 70 -5.98 10.29 -4.21
N GLN A 71 -6.57 11.49 -4.18
CA GLN A 71 -7.85 11.77 -3.53
C GLN A 71 -9.00 11.80 -4.55
N ASP A 72 -10.08 11.06 -4.25
CA ASP A 72 -11.33 11.06 -5.03
C ASP A 72 -12.15 12.30 -4.63
N ILE A 73 -12.68 13.02 -5.62
CA ILE A 73 -13.42 14.28 -5.45
C ILE A 73 -14.67 14.19 -4.55
N THR A 74 -15.22 12.99 -4.33
CA THR A 74 -16.35 12.75 -3.40
C THR A 74 -15.91 12.68 -1.93
N GLY A 75 -14.60 12.75 -1.66
CA GLY A 75 -14.01 12.73 -0.31
C GLY A 75 -13.45 11.35 0.08
N ASP A 76 -12.76 10.66 -0.83
CA ASP A 76 -12.18 9.31 -0.59
C ASP A 76 -10.72 9.19 -1.09
N ILE A 77 -10.08 8.03 -0.91
CA ILE A 77 -8.67 7.77 -1.25
C ILE A 77 -8.53 6.55 -2.16
N TYR A 78 -7.67 6.63 -3.19
CA TYR A 78 -7.36 5.54 -4.12
C TYR A 78 -5.88 5.55 -4.57
N TYR A 79 -5.44 4.50 -5.26
CA TYR A 79 -4.10 4.33 -5.84
C TYR A 79 -4.19 4.12 -7.36
N PHE A 80 -3.27 4.71 -8.13
CA PHE A 80 -3.30 4.64 -9.60
C PHE A 80 -1.92 4.43 -10.24
N ASN A 81 -1.85 3.45 -11.14
CA ASN A 81 -0.70 3.06 -11.97
C ASN A 81 -0.73 3.78 -13.33
N PHE A 82 0.33 4.56 -13.60
CA PHE A 82 0.49 5.40 -14.79
C PHE A 82 0.92 4.61 -16.04
N ALA A 83 1.65 3.50 -15.88
CA ALA A 83 2.18 2.70 -16.98
C ALA A 83 1.09 1.84 -17.68
N ASN A 84 0.07 1.42 -16.92
CA ASN A 84 -1.02 0.55 -17.37
C ASN A 84 -2.41 1.22 -17.35
N GLY A 85 -2.53 2.40 -16.73
CA GLY A 85 -3.79 3.12 -16.56
C GLY A 85 -4.77 2.41 -15.60
N GLN A 86 -4.24 1.77 -14.55
CA GLN A 86 -5.02 0.96 -13.59
C GLN A 86 -5.28 1.70 -12.28
N SER A 87 -6.50 1.60 -11.75
CA SER A 87 -6.91 2.17 -10.45
C SER A 87 -7.29 1.07 -9.46
N MET A 88 -6.97 1.27 -8.18
CA MET A 88 -7.26 0.33 -7.08
C MET A 88 -7.62 1.09 -5.79
N TRP A 89 -8.59 0.56 -5.02
CA TRP A 89 -9.11 1.17 -3.79
C TRP A 89 -8.34 0.78 -2.51
N ASP A 90 -7.19 0.11 -2.69
CA ASP A 90 -6.31 -0.41 -1.64
C ASP A 90 -4.83 -0.24 -2.03
N HIS A 91 -3.92 -0.26 -1.06
CA HIS A 91 -2.49 -0.03 -1.23
C HIS A 91 -1.79 -1.19 -1.99
N PRO A 92 -1.12 -0.93 -3.13
CA PRO A 92 -0.39 -1.95 -3.89
C PRO A 92 0.64 -2.77 -3.12
N CYS A 93 1.38 -2.15 -2.19
CA CYS A 93 2.38 -2.86 -1.38
C CYS A 93 1.74 -3.71 -0.29
N ASP A 94 0.60 -3.29 0.27
CA ASP A 94 -0.13 -4.06 1.29
C ASP A 94 -0.70 -5.37 0.69
N GLU A 95 -1.27 -5.33 -0.52
CA GLU A 95 -1.72 -6.53 -1.24
C GLU A 95 -0.54 -7.51 -1.47
N HIS A 96 0.62 -6.97 -1.84
CA HIS A 96 1.87 -7.72 -1.99
C HIS A 96 2.30 -8.31 -0.65
N TYR A 97 2.28 -7.55 0.45
CA TYR A 97 2.69 -8.03 1.77
C TYR A 97 1.75 -9.11 2.30
N ARG A 98 0.42 -9.00 2.13
CA ARG A 98 -0.53 -10.06 2.53
C ARG A 98 -0.20 -11.37 1.79
N SER A 99 0.07 -11.30 0.48
CA SER A 99 0.49 -12.46 -0.32
C SER A 99 1.85 -13.03 0.10
N LEU A 100 2.80 -12.15 0.44
CA LEU A 100 4.15 -12.52 0.89
C LEU A 100 4.12 -13.20 2.27
N VAL A 101 3.27 -12.72 3.19
CA VAL A 101 3.01 -13.30 4.51
C VAL A 101 2.52 -14.72 4.38
N ILE A 102 1.52 -14.96 3.53
CA ILE A 102 0.92 -16.27 3.28
C ILE A 102 1.97 -17.27 2.76
N GLN A 103 2.83 -16.84 1.84
CA GLN A 103 3.86 -17.70 1.24
C GLN A 103 5.02 -17.98 2.22
N GLU A 104 5.44 -17.00 3.02
CA GLU A 104 6.48 -17.20 4.04
C GLU A 104 5.93 -18.07 5.19
N ARG A 105 4.66 -17.87 5.59
CA ARG A 105 4.00 -18.69 6.63
C ARG A 105 3.89 -20.16 6.17
N ALA A 106 3.56 -20.40 4.91
CA ALA A 106 3.51 -21.75 4.33
C ALA A 106 4.89 -22.42 4.36
N LYS A 107 5.96 -21.67 4.06
CA LYS A 107 7.34 -22.15 4.06
C LYS A 107 7.81 -22.51 5.47
N LEU A 108 7.58 -21.62 6.44
CA LEU A 108 7.91 -21.84 7.85
C LEU A 108 7.11 -22.99 8.46
N SER A 109 5.82 -23.13 8.10
CA SER A 109 4.98 -24.25 8.54
C SER A 109 5.51 -25.59 8.01
N THR A 110 6.02 -25.62 6.77
CA THR A 110 6.65 -26.80 6.17
C THR A 110 7.98 -27.12 6.86
N SER A 111 8.85 -26.13 7.08
CA SER A 111 10.11 -26.28 7.80
C SER A 111 9.94 -26.78 9.24
N GLY A 112 8.84 -26.41 9.90
CA GLY A 112 8.49 -26.83 11.26
C GLY A 112 8.02 -28.30 11.42
N ALA A 113 7.91 -29.06 10.32
CA ALA A 113 7.47 -30.46 10.33
C ALA A 113 8.57 -31.47 10.78
N ILE A 114 9.80 -31.01 11.00
CA ILE A 114 10.98 -31.82 11.42
C ILE A 114 11.74 -31.18 12.59
N GLY A 1 -26.25 37.26 -11.57
CA GLY A 1 -25.76 38.17 -12.63
C GLY A 1 -24.48 37.66 -13.28
N PRO A 2 -24.11 38.16 -14.47
CA PRO A 2 -22.90 37.77 -15.20
C PRO A 2 -21.61 38.19 -14.48
N LEU A 3 -20.52 37.45 -14.75
CA LEU A 3 -19.17 37.66 -14.18
C LEU A 3 -19.11 37.66 -12.62
N GLY A 4 -20.07 36.98 -11.96
CA GLY A 4 -20.17 36.92 -10.50
C GLY A 4 -19.02 36.16 -9.80
N SER A 5 -18.31 35.29 -10.52
CA SER A 5 -17.13 34.54 -10.05
C SER A 5 -16.20 34.21 -11.22
N MET A 6 -14.90 34.12 -10.94
CA MET A 6 -13.84 33.75 -11.89
C MET A 6 -12.91 32.65 -11.33
N ALA A 7 -13.34 31.96 -10.26
CA ALA A 7 -12.57 30.94 -9.54
C ALA A 7 -13.46 29.79 -8.99
N GLY A 8 -14.48 29.38 -9.76
CA GLY A 8 -15.45 28.35 -9.35
C GLY A 8 -14.85 26.97 -9.01
N ARG A 9 -13.82 26.55 -9.74
CA ARG A 9 -13.04 25.31 -9.50
C ARG A 9 -11.62 25.42 -10.09
N PRO A 10 -10.57 24.91 -9.40
CA PRO A 10 -9.20 24.85 -9.95
C PRO A 10 -9.09 23.90 -11.16
N LEU A 11 -7.90 23.80 -11.76
CA LEU A 11 -7.64 22.89 -12.89
C LEU A 11 -7.74 21.40 -12.49
N ARG A 12 -7.38 21.06 -11.24
CA ARG A 12 -7.46 19.70 -10.64
C ARG A 12 -6.84 18.57 -11.50
N ILE A 13 -5.81 18.87 -12.30
CA ILE A 13 -5.16 17.93 -13.24
C ILE A 13 -6.22 17.33 -14.22
N GLY A 14 -7.28 18.08 -14.52
CA GLY A 14 -8.41 17.63 -15.33
C GLY A 14 -9.41 16.82 -14.50
N ASP A 15 -9.79 17.33 -13.33
CA ASP A 15 -10.68 16.69 -12.34
C ASP A 15 -10.19 15.32 -11.81
N GLN A 16 -8.87 15.07 -11.90
CA GLN A 16 -8.21 13.85 -11.38
C GLN A 16 -7.72 14.02 -9.93
N LEU A 17 -7.38 15.24 -9.53
CA LEU A 17 -6.85 15.65 -8.22
C LEU A 17 -5.76 14.69 -7.68
N VAL A 18 -4.60 14.70 -8.35
CA VAL A 18 -3.41 13.94 -7.95
C VAL A 18 -2.85 14.52 -6.65
N LEU A 19 -2.54 13.65 -5.67
CA LEU A 19 -2.05 14.04 -4.34
C LEU A 19 -0.57 13.71 -4.13
N GLU A 20 -0.12 12.54 -4.61
CA GLU A 20 1.24 11.99 -4.45
C GLU A 20 1.66 11.67 -3.00
N GLU A 21 2.57 10.71 -2.81
CA GLU A 21 3.12 10.29 -1.53
C GLU A 21 4.48 10.98 -1.28
N ASP A 22 5.24 10.46 -0.32
CA ASP A 22 6.56 10.96 0.12
C ASP A 22 7.38 9.84 0.81
N TYR A 23 8.71 9.91 0.71
CA TYR A 23 9.65 8.98 1.35
C TYR A 23 11.02 9.65 1.57
N ASP A 24 11.53 9.59 2.80
CA ASP A 24 12.84 10.11 3.20
C ASP A 24 14.00 9.15 2.84
N GLU A 25 15.24 9.64 2.83
CA GLU A 25 16.45 8.86 2.50
C GLU A 25 16.61 7.57 3.34
N THR A 26 16.23 7.61 4.61
CA THR A 26 16.23 6.46 5.53
C THR A 26 15.09 6.53 6.56
N TYR A 27 14.61 5.37 7.01
CA TYR A 27 13.56 5.24 8.01
C TYR A 27 13.94 4.25 9.12
N ILE A 28 13.62 4.63 10.35
CA ILE A 28 13.93 3.93 11.59
C ILE A 28 12.60 3.77 12.37
N PRO A 29 11.89 2.64 12.18
CA PRO A 29 10.58 2.41 12.78
C PRO A 29 10.66 2.00 14.26
N SER A 30 9.59 2.27 15.00
CA SER A 30 9.43 1.84 16.40
C SER A 30 8.82 0.44 16.45
N GLU A 31 9.15 -0.34 17.48
CA GLU A 31 8.57 -1.69 17.70
C GLU A 31 7.04 -1.65 17.76
N GLN A 32 6.46 -0.58 18.31
CA GLN A 32 5.01 -0.39 18.36
C GLN A 32 4.37 -0.24 16.97
N GLU A 33 5.10 0.36 16.01
CA GLU A 33 4.64 0.52 14.61
C GLU A 33 4.79 -0.80 13.84
N ILE A 34 5.86 -1.56 14.10
CA ILE A 34 6.08 -2.89 13.51
C ILE A 34 4.98 -3.86 13.99
N LEU A 35 4.69 -3.86 15.29
CA LEU A 35 3.63 -4.67 15.90
C LEU A 35 2.24 -4.25 15.39
N GLU A 36 1.99 -2.95 15.20
CA GLU A 36 0.71 -2.47 14.65
C GLU A 36 0.51 -2.94 13.20
N PHE A 37 1.51 -2.85 12.32
CA PHE A 37 1.39 -3.37 10.95
C PHE A 37 1.20 -4.89 10.95
N ALA A 38 1.94 -5.63 11.80
CA ALA A 38 1.79 -7.08 11.93
C ALA A 38 0.35 -7.47 12.34
N ARG A 39 -0.19 -6.83 13.39
CA ARG A 39 -1.56 -7.09 13.86
C ARG A 39 -2.62 -6.67 12.84
N GLU A 40 -2.38 -5.60 12.07
CA GLU A 40 -3.28 -5.11 11.03
C GLU A 40 -3.30 -6.01 9.77
N ILE A 41 -2.16 -6.57 9.36
CA ILE A 41 -2.06 -7.46 8.18
C ILE A 41 -2.41 -8.94 8.48
N GLY A 42 -2.86 -9.24 9.71
CA GLY A 42 -3.33 -10.58 10.12
C GLY A 42 -2.25 -11.51 10.69
N ILE A 43 -1.33 -10.99 11.51
CA ILE A 43 -0.23 -11.75 12.16
C ILE A 43 -0.37 -11.73 13.70
N ASP A 44 0.08 -12.82 14.34
CA ASP A 44 0.33 -12.89 15.78
C ASP A 44 1.86 -12.78 15.96
N PRO A 45 2.45 -11.56 16.01
CA PRO A 45 3.91 -11.36 16.02
C PRO A 45 4.64 -11.98 17.23
N ILE A 46 3.91 -12.34 18.29
CA ILE A 46 4.47 -13.01 19.47
C ILE A 46 4.73 -14.51 19.19
N LYS A 47 3.99 -15.10 18.24
CA LYS A 47 4.05 -16.53 17.85
C LYS A 47 4.59 -16.77 16.44
N GLU A 48 4.61 -15.74 15.59
CA GLU A 48 5.01 -15.80 14.17
C GLU A 48 6.16 -14.79 13.87
N PRO A 49 7.37 -14.98 14.46
CA PRO A 49 8.49 -14.04 14.30
C PRO A 49 8.97 -13.88 12.86
N GLU A 50 8.79 -14.89 12.00
CA GLU A 50 9.15 -14.79 10.58
C GLU A 50 8.24 -13.80 9.83
N LEU A 51 6.93 -13.92 10.08
CA LEU A 51 5.95 -12.99 9.52
C LEU A 51 6.12 -11.58 10.13
N MET A 52 6.78 -11.49 11.29
CA MET A 52 7.13 -10.22 11.92
C MET A 52 8.37 -9.56 11.26
N TRP A 53 9.35 -10.32 10.72
CA TRP A 53 10.44 -9.71 9.93
C TRP A 53 9.82 -9.08 8.67
N LEU A 54 8.84 -9.77 8.09
CA LEU A 54 8.04 -9.28 6.97
C LEU A 54 7.35 -7.96 7.32
N ALA A 55 6.76 -7.86 8.51
CA ALA A 55 6.11 -6.64 8.98
C ALA A 55 7.11 -5.49 9.22
N ARG A 56 8.34 -5.80 9.68
CA ARG A 56 9.42 -4.83 9.88
C ARG A 56 9.88 -4.22 8.55
N GLU A 57 9.81 -4.97 7.45
CA GLU A 57 10.07 -4.44 6.10
C GLU A 57 8.84 -3.65 5.61
N GLY A 58 7.64 -4.20 5.84
CA GLY A 58 6.34 -3.63 5.54
C GLY A 58 6.13 -2.18 5.97
N ILE A 59 6.44 -1.88 7.23
CA ILE A 59 6.21 -0.55 7.82
C ILE A 59 7.09 0.56 7.20
N VAL A 60 8.22 0.21 6.56
CA VAL A 60 9.15 1.18 5.92
C VAL A 60 9.11 1.21 4.39
N ALA A 61 8.62 0.15 3.73
CA ALA A 61 8.63 0.03 2.27
C ALA A 61 7.75 1.11 1.56
N PRO A 62 8.33 1.94 0.67
CA PRO A 62 7.58 2.94 -0.10
C PRO A 62 6.92 2.33 -1.35
N LEU A 63 5.97 3.07 -1.95
CA LEU A 63 5.30 2.65 -3.20
C LEU A 63 6.25 2.71 -4.42
N PRO A 64 6.03 1.89 -5.47
CA PRO A 64 6.82 1.96 -6.71
C PRO A 64 6.63 3.31 -7.41
N GLY A 65 7.63 3.77 -8.16
CA GLY A 65 7.63 5.08 -8.82
C GLY A 65 6.50 5.33 -9.85
N GLU A 66 5.76 4.30 -10.24
CA GLU A 66 4.62 4.38 -11.17
C GLU A 66 3.24 4.51 -10.48
N TRP A 67 3.12 4.12 -9.20
CA TRP A 67 1.91 4.23 -8.38
C TRP A 67 1.91 5.52 -7.52
N LYS A 68 0.79 6.24 -7.46
CA LYS A 68 0.61 7.41 -6.57
C LYS A 68 -0.86 7.68 -6.22
N PRO A 69 -1.15 8.26 -5.03
CA PRO A 69 -2.52 8.60 -4.62
C PRO A 69 -3.08 9.85 -5.32
N CYS A 70 -4.39 9.84 -5.46
CA CYS A 70 -5.28 10.84 -6.04
C CYS A 70 -6.61 10.88 -5.24
N GLN A 71 -7.55 11.77 -5.60
CA GLN A 71 -8.88 11.84 -4.96
C GLN A 71 -10.01 11.97 -5.98
N ASP A 72 -11.03 11.12 -5.87
CA ASP A 72 -12.24 11.16 -6.70
C ASP A 72 -13.33 12.03 -6.04
N ILE A 73 -14.11 12.75 -6.86
CA ILE A 73 -15.16 13.68 -6.40
C ILE A 73 -16.25 13.04 -5.51
N THR A 74 -16.47 11.73 -5.62
CA THR A 74 -17.41 10.96 -4.78
C THR A 74 -16.78 9.69 -4.17
N GLY A 75 -15.73 9.14 -4.81
CA GLY A 75 -14.98 7.97 -4.36
C GLY A 75 -13.91 8.26 -3.29
N ASP A 76 -13.60 9.54 -3.05
CA ASP A 76 -12.55 10.00 -2.13
C ASP A 76 -11.15 9.48 -2.52
N ILE A 77 -10.21 9.34 -1.57
CA ILE A 77 -8.81 8.95 -1.88
C ILE A 77 -8.75 7.56 -2.53
N TYR A 78 -7.97 7.47 -3.62
CA TYR A 78 -7.67 6.26 -4.38
C TYR A 78 -6.21 6.27 -4.86
N TYR A 79 -5.68 5.12 -5.28
CA TYR A 79 -4.31 4.94 -5.78
C TYR A 79 -4.31 4.49 -7.23
N PHE A 80 -3.38 5.01 -8.04
CA PHE A 80 -3.31 4.69 -9.47
C PHE A 80 -1.88 4.56 -10.00
N ASN A 81 -1.68 3.56 -10.86
CA ASN A 81 -0.47 3.28 -11.61
C ASN A 81 -0.56 3.94 -12.99
N PHE A 82 0.31 4.91 -13.23
CA PHE A 82 0.36 5.74 -14.44
C PHE A 82 1.16 5.12 -15.60
N ALA A 83 2.00 4.11 -15.33
CA ALA A 83 2.80 3.42 -16.34
C ALA A 83 2.09 2.18 -16.95
N ASN A 84 1.32 1.45 -16.12
CA ASN A 84 0.60 0.24 -16.51
C ASN A 84 -0.95 0.36 -16.43
N GLY A 85 -1.49 1.51 -16.03
CA GLY A 85 -2.94 1.79 -16.00
C GLY A 85 -3.72 0.91 -15.01
N GLN A 86 -3.33 0.93 -13.73
CA GLN A 86 -3.93 0.08 -12.68
C GLN A 86 -4.54 0.91 -11.54
N SER A 87 -5.64 0.44 -10.93
CA SER A 87 -6.38 1.16 -9.88
C SER A 87 -6.46 0.37 -8.56
N MET A 88 -6.37 1.08 -7.42
CA MET A 88 -6.47 0.55 -6.04
C MET A 88 -7.17 1.56 -5.12
N TRP A 89 -7.70 1.09 -3.97
CA TRP A 89 -8.37 1.94 -2.96
C TRP A 89 -7.52 2.18 -1.70
N ASP A 90 -6.41 1.45 -1.53
CA ASP A 90 -5.43 1.59 -0.46
C ASP A 90 -4.01 1.28 -0.98
N HIS A 91 -2.97 1.50 -0.16
CA HIS A 91 -1.56 1.33 -0.54
C HIS A 91 -1.27 -0.01 -1.26
N PRO A 92 -0.81 0.02 -2.53
CA PRO A 92 -0.51 -1.21 -3.30
C PRO A 92 0.51 -2.15 -2.64
N CYS A 93 1.51 -1.61 -1.93
CA CYS A 93 2.50 -2.42 -1.21
C CYS A 93 1.90 -3.15 0.00
N ASP A 94 0.93 -2.56 0.70
CA ASP A 94 0.27 -3.16 1.86
C ASP A 94 -0.54 -4.38 1.45
N GLU A 95 -1.27 -4.32 0.33
CA GLU A 95 -2.00 -5.47 -0.23
C GLU A 95 -1.04 -6.59 -0.66
N HIS A 96 0.13 -6.21 -1.20
CA HIS A 96 1.21 -7.13 -1.54
C HIS A 96 1.76 -7.80 -0.26
N TYR A 97 1.98 -7.05 0.83
CA TYR A 97 2.46 -7.61 2.09
C TYR A 97 1.45 -8.54 2.74
N ARG A 98 0.14 -8.24 2.70
CA ARG A 98 -0.92 -9.16 3.20
C ARG A 98 -0.83 -10.51 2.46
N SER A 99 -0.71 -10.46 1.13
CA SER A 99 -0.55 -11.65 0.28
C SER A 99 0.77 -12.39 0.55
N LEU A 100 1.87 -11.65 0.74
CA LEU A 100 3.20 -12.20 1.03
C LEU A 100 3.24 -12.91 2.39
N VAL A 101 2.58 -12.36 3.41
CA VAL A 101 2.41 -12.95 4.75
C VAL A 101 1.72 -14.30 4.64
N ILE A 102 0.61 -14.36 3.91
CA ILE A 102 -0.18 -15.58 3.67
C ILE A 102 0.65 -16.65 2.94
N GLN A 103 1.45 -16.26 1.95
CA GLN A 103 2.27 -17.18 1.16
C GLN A 103 3.49 -17.69 1.95
N GLU A 104 4.19 -16.83 2.69
CA GLU A 104 5.30 -17.27 3.54
C GLU A 104 4.77 -18.16 4.68
N ARG A 105 3.60 -17.84 5.26
CA ARG A 105 2.94 -18.68 6.28
C ARG A 105 2.63 -20.08 5.73
N ALA A 106 2.22 -20.20 4.47
CA ALA A 106 1.99 -21.48 3.83
C ALA A 106 3.28 -22.31 3.67
N LYS A 107 4.42 -21.67 3.36
CA LYS A 107 5.73 -22.36 3.27
C LYS A 107 6.17 -22.88 4.64
N LEU A 108 6.03 -22.03 5.67
CA LEU A 108 6.41 -22.32 7.05
C LEU A 108 5.52 -23.42 7.67
N SER A 109 4.23 -23.45 7.30
CA SER A 109 3.27 -24.46 7.75
C SER A 109 3.49 -25.83 7.09
N THR A 110 3.85 -25.86 5.80
CA THR A 110 4.05 -27.11 5.03
C THR A 110 5.46 -27.69 5.13
N SER A 111 6.48 -26.88 5.39
CA SER A 111 7.89 -27.30 5.50
C SER A 111 8.13 -28.32 6.62
N GLY A 112 8.98 -29.32 6.36
CA GLY A 112 9.40 -30.33 7.32
C GLY A 112 10.42 -29.83 8.37
N ALA A 113 10.94 -28.61 8.21
CA ALA A 113 11.95 -28.02 9.08
C ALA A 113 11.39 -27.41 10.40
N ILE A 114 10.06 -27.32 10.55
CA ILE A 114 9.34 -26.72 11.68
C ILE A 114 8.38 -27.75 12.32
N GLY A 1 -16.37 38.79 -10.44
CA GLY A 1 -16.69 40.22 -10.59
C GLY A 1 -17.52 40.73 -9.41
N PRO A 2 -18.29 41.82 -9.60
CA PRO A 2 -19.15 42.40 -8.55
C PRO A 2 -20.16 41.41 -7.96
N LEU A 3 -20.39 41.50 -6.65
CA LEU A 3 -21.26 40.61 -5.86
C LEU A 3 -20.86 39.11 -5.91
N GLY A 4 -19.60 38.80 -6.26
CA GLY A 4 -19.06 37.43 -6.30
C GLY A 4 -19.55 36.60 -7.49
N SER A 5 -19.56 35.28 -7.33
CA SER A 5 -19.99 34.29 -8.34
C SER A 5 -20.54 33.00 -7.69
N MET A 6 -21.19 32.16 -8.51
CA MET A 6 -21.73 30.85 -8.11
C MET A 6 -21.50 29.79 -9.21
N ALA A 7 -21.16 28.56 -8.82
CA ALA A 7 -20.90 27.41 -9.70
C ALA A 7 -19.85 27.65 -10.82
N GLY A 8 -18.91 28.57 -10.61
CA GLY A 8 -17.88 28.96 -11.59
C GLY A 8 -16.74 27.95 -11.80
N ARG A 9 -16.58 26.98 -10.88
CA ARG A 9 -15.57 25.91 -10.91
C ARG A 9 -16.20 24.54 -10.57
N PRO A 10 -16.95 23.92 -11.50
CA PRO A 10 -17.53 22.58 -11.30
C PRO A 10 -16.49 21.47 -11.47
N LEU A 11 -15.54 21.63 -12.39
CA LEU A 11 -14.43 20.72 -12.64
C LEU A 11 -13.28 21.01 -11.67
N ARG A 12 -13.44 20.58 -10.41
CA ARG A 12 -12.53 20.83 -9.29
C ARG A 12 -11.08 20.45 -9.61
N ILE A 13 -10.13 21.29 -9.17
CA ILE A 13 -8.70 20.96 -9.32
C ILE A 13 -8.26 19.90 -8.30
N GLY A 14 -9.05 19.71 -7.22
CA GLY A 14 -8.83 18.64 -6.26
C GLY A 14 -8.90 17.25 -6.89
N ASP A 15 -9.71 17.08 -7.94
CA ASP A 15 -9.79 15.83 -8.72
C ASP A 15 -8.50 15.54 -9.54
N GLN A 16 -7.61 16.53 -9.67
CA GLN A 16 -6.30 16.45 -10.35
C GLN A 16 -5.12 16.31 -9.37
N LEU A 17 -5.37 16.39 -8.05
CA LEU A 17 -4.33 16.40 -7.01
C LEU A 17 -3.69 15.02 -6.75
N VAL A 18 -2.37 14.96 -6.89
CA VAL A 18 -1.52 13.80 -6.56
C VAL A 18 -1.08 13.95 -5.10
N LEU A 19 -1.10 12.85 -4.34
CA LEU A 19 -0.87 12.82 -2.89
C LEU A 19 0.50 12.25 -2.44
N GLU A 20 1.41 11.95 -3.36
CA GLU A 20 2.78 11.48 -3.05
C GLU A 20 3.82 12.14 -3.98
N GLU A 21 4.90 12.64 -3.38
CA GLU A 21 6.00 13.37 -4.02
C GLU A 21 7.34 13.14 -3.30
N ASP A 22 7.38 13.41 -2.00
CA ASP A 22 8.56 13.23 -1.12
C ASP A 22 8.14 12.85 0.32
N TYR A 23 8.92 11.98 0.97
CA TYR A 23 8.72 11.49 2.33
C TYR A 23 10.08 11.09 2.94
N ASP A 24 10.21 11.29 4.24
CA ASP A 24 11.39 10.92 5.03
C ASP A 24 11.48 9.41 5.32
N GLU A 25 11.99 8.70 4.33
CA GLU A 25 12.28 7.26 4.35
C GLU A 25 13.14 6.83 5.56
N THR A 26 14.01 7.74 6.02
CA THR A 26 14.97 7.56 7.12
C THR A 26 14.36 7.41 8.52
N TYR A 27 13.04 7.55 8.68
CA TYR A 27 12.36 7.40 9.97
C TYR A 27 12.38 5.96 10.52
N ILE A 28 12.30 5.86 11.86
CA ILE A 28 12.24 4.61 12.61
C ILE A 28 10.84 4.48 13.23
N PRO A 29 10.08 3.39 12.96
CA PRO A 29 8.77 3.14 13.56
C PRO A 29 8.88 2.56 14.98
N SER A 30 7.86 2.79 15.81
CA SER A 30 7.76 2.22 17.16
C SER A 30 7.32 0.75 17.12
N GLU A 31 7.64 -0.03 18.17
CA GLU A 31 7.25 -1.43 18.32
C GLU A 31 5.73 -1.64 18.18
N GLN A 32 4.92 -0.73 18.74
CA GLN A 32 3.46 -0.78 18.66
C GLN A 32 2.94 -0.47 17.23
N GLU A 33 3.68 0.32 16.44
CA GLU A 33 3.36 0.60 15.04
C GLU A 33 3.74 -0.60 14.15
N ILE A 34 4.89 -1.24 14.43
CA ILE A 34 5.33 -2.46 13.76
C ILE A 34 4.32 -3.58 14.02
N LEU A 35 3.85 -3.75 15.26
CA LEU A 35 2.82 -4.72 15.65
C LEU A 35 1.47 -4.41 14.99
N GLU A 36 1.11 -3.13 14.82
CA GLU A 36 -0.13 -2.75 14.12
C GLU A 36 -0.06 -3.17 12.64
N PHE A 37 1.07 -2.93 11.96
CA PHE A 37 1.24 -3.40 10.58
C PHE A 37 1.27 -4.93 10.52
N ALA A 38 1.90 -5.59 11.49
CA ALA A 38 1.97 -7.06 11.57
C ALA A 38 0.58 -7.69 11.66
N ARG A 39 -0.25 -7.24 12.62
CA ARG A 39 -1.61 -7.75 12.79
C ARG A 39 -2.53 -7.36 11.62
N GLU A 40 -2.20 -6.30 10.87
CA GLU A 40 -2.90 -5.89 9.64
C GLU A 40 -2.45 -6.69 8.39
N ILE A 41 -1.20 -7.17 8.34
CA ILE A 41 -0.71 -8.05 7.25
C ILE A 41 -0.92 -9.55 7.55
N GLY A 42 -1.67 -9.88 8.62
CA GLY A 42 -2.05 -11.24 8.99
C GLY A 42 -1.03 -12.04 9.82
N ILE A 43 -0.19 -11.37 10.63
CA ILE A 43 0.81 -12.02 11.51
C ILE A 43 0.25 -12.26 12.91
N ASP A 44 0.52 -13.43 13.49
CA ASP A 44 0.18 -13.72 14.90
C ASP A 44 1.28 -13.09 15.78
N PRO A 45 0.96 -12.08 16.61
CA PRO A 45 1.95 -11.32 17.36
C PRO A 45 2.80 -12.19 18.27
N ILE A 46 4.09 -12.07 18.02
CA ILE A 46 5.23 -12.71 18.70
C ILE A 46 5.33 -14.24 18.47
N LYS A 47 4.25 -14.90 18.04
CA LYS A 47 4.23 -16.34 17.68
C LYS A 47 4.80 -16.61 16.29
N GLU A 48 4.77 -15.61 15.41
CA GLU A 48 5.33 -15.63 14.04
C GLU A 48 6.31 -14.45 13.85
N PRO A 49 7.42 -14.38 14.61
CA PRO A 49 8.33 -13.24 14.58
C PRO A 49 9.06 -13.05 13.24
N GLU A 50 9.24 -14.11 12.44
CA GLU A 50 9.84 -13.98 11.10
C GLU A 50 8.91 -13.20 10.16
N LEU A 51 7.63 -13.56 10.14
CA LEU A 51 6.64 -12.82 9.36
C LEU A 51 6.45 -11.39 9.94
N MET A 52 6.90 -11.15 11.18
CA MET A 52 6.92 -9.82 11.80
C MET A 52 8.16 -9.00 11.37
N TRP A 53 9.30 -9.62 11.00
CA TRP A 53 10.39 -8.87 10.33
C TRP A 53 9.83 -8.33 9.01
N LEU A 54 9.04 -9.16 8.33
CA LEU A 54 8.32 -8.79 7.12
C LEU A 54 7.39 -7.58 7.36
N ALA A 55 6.71 -7.53 8.50
CA ALA A 55 5.86 -6.40 8.89
C ALA A 55 6.64 -5.13 9.26
N ARG A 56 7.83 -5.26 9.87
CA ARG A 56 8.74 -4.14 10.14
C ARG A 56 9.16 -3.51 8.81
N GLU A 57 9.50 -4.34 7.82
CA GLU A 57 9.80 -3.87 6.46
C GLU A 57 8.52 -3.26 5.83
N GLY A 58 7.36 -3.87 6.11
CA GLY A 58 6.02 -3.45 5.75
C GLY A 58 5.73 -1.97 5.95
N ILE A 59 5.90 -1.49 7.19
CA ILE A 59 5.57 -0.11 7.55
C ILE A 59 6.60 0.94 7.07
N VAL A 60 7.87 0.57 6.85
CA VAL A 60 8.91 1.51 6.38
C VAL A 60 9.02 1.61 4.86
N ALA A 61 8.61 0.57 4.12
CA ALA A 61 8.72 0.52 2.66
C ALA A 61 7.73 1.48 1.96
N PRO A 62 8.19 2.35 1.03
CA PRO A 62 7.32 3.23 0.24
C PRO A 62 6.44 2.46 -0.77
N LEU A 63 5.55 3.17 -1.46
CA LEU A 63 4.71 2.61 -2.53
C LEU A 63 5.57 2.09 -3.71
N PRO A 64 5.09 1.11 -4.51
CA PRO A 64 5.82 0.63 -5.69
C PRO A 64 5.97 1.76 -6.72
N GLY A 65 7.07 1.77 -7.47
CA GLY A 65 7.43 2.84 -8.43
C GLY A 65 6.40 3.12 -9.55
N GLU A 66 5.47 2.21 -9.81
CA GLU A 66 4.46 2.36 -10.87
C GLU A 66 3.12 2.96 -10.37
N TRP A 67 2.86 2.97 -9.06
CA TRP A 67 1.62 3.43 -8.41
C TRP A 67 1.76 4.83 -7.79
N LYS A 68 0.66 5.61 -7.78
CA LYS A 68 0.54 6.92 -7.11
C LYS A 68 -0.87 7.12 -6.50
N PRO A 69 -0.99 7.74 -5.32
CA PRO A 69 -2.26 8.10 -4.71
C PRO A 69 -2.74 9.46 -5.21
N CYS A 70 -4.05 9.62 -5.32
CA CYS A 70 -4.73 10.81 -5.83
C CYS A 70 -6.06 11.05 -5.11
N GLN A 71 -6.56 12.29 -5.19
CA GLN A 71 -7.87 12.68 -4.66
C GLN A 71 -8.94 12.65 -5.78
N ASP A 72 -10.14 12.20 -5.44
CA ASP A 72 -11.33 12.16 -6.30
C ASP A 72 -12.32 13.28 -5.95
N ILE A 73 -12.99 13.85 -6.95
CA ILE A 73 -13.92 14.99 -6.89
C ILE A 73 -14.97 14.97 -5.76
N THR A 74 -15.39 13.80 -5.28
CA THR A 74 -16.33 13.66 -4.14
C THR A 74 -15.68 13.92 -2.77
N GLY A 75 -14.37 14.23 -2.73
CA GLY A 75 -13.58 14.41 -1.53
C GLY A 75 -13.03 13.08 -0.99
N ASP A 76 -12.75 12.12 -1.89
CA ASP A 76 -12.32 10.76 -1.55
C ASP A 76 -10.87 10.46 -2.01
N ILE A 77 -10.26 9.39 -1.51
CA ILE A 77 -8.86 9.00 -1.77
C ILE A 77 -8.79 7.68 -2.55
N TYR A 78 -7.94 7.61 -3.58
CA TYR A 78 -7.70 6.41 -4.39
C TYR A 78 -6.23 6.30 -4.85
N TYR A 79 -5.87 5.15 -5.45
CA TYR A 79 -4.54 4.83 -5.97
C TYR A 79 -4.63 4.37 -7.44
N PHE A 80 -3.62 4.71 -8.25
CA PHE A 80 -3.55 4.31 -9.67
C PHE A 80 -2.12 4.06 -10.16
N ASN A 81 -1.97 3.02 -10.99
CA ASN A 81 -0.76 2.61 -11.70
C ASN A 81 -0.96 2.81 -13.20
N PHE A 82 -0.13 3.70 -13.76
CA PHE A 82 -0.13 4.18 -15.14
C PHE A 82 0.45 3.18 -16.16
N ALA A 83 1.36 2.30 -15.72
CA ALA A 83 2.06 1.35 -16.58
C ALA A 83 1.23 0.09 -16.91
N ASN A 84 0.38 -0.35 -15.96
CA ASN A 84 -0.50 -1.52 -16.12
C ASN A 84 -2.01 -1.18 -16.07
N GLY A 85 -2.37 0.10 -15.91
CA GLY A 85 -3.76 0.57 -15.89
C GLY A 85 -4.58 0.08 -14.69
N GLN A 86 -3.94 -0.11 -13.53
CA GLN A 86 -4.59 -0.66 -12.33
C GLN A 86 -5.06 0.43 -11.36
N SER A 87 -6.19 0.19 -10.68
CA SER A 87 -6.80 1.09 -9.69
C SER A 87 -7.01 0.38 -8.35
N MET A 88 -6.85 1.11 -7.23
CA MET A 88 -7.03 0.63 -5.85
C MET A 88 -7.65 1.71 -4.95
N TRP A 89 -8.24 1.29 -3.83
CA TRP A 89 -8.87 2.17 -2.83
C TRP A 89 -8.11 2.21 -1.49
N ASP A 90 -6.98 1.51 -1.40
CA ASP A 90 -6.08 1.42 -0.25
C ASP A 90 -4.64 1.15 -0.73
N HIS A 91 -3.65 1.23 0.16
CA HIS A 91 -2.21 1.07 -0.14
C HIS A 91 -1.89 -0.22 -0.94
N PRO A 92 -1.35 -0.12 -2.17
CA PRO A 92 -0.96 -1.29 -2.96
C PRO A 92 0.14 -2.15 -2.32
N CYS A 93 1.08 -1.53 -1.58
CA CYS A 93 2.15 -2.25 -0.88
C CYS A 93 1.63 -3.13 0.27
N ASP A 94 0.65 -2.66 1.03
CA ASP A 94 0.00 -3.37 2.14
C ASP A 94 -0.68 -4.67 1.68
N GLU A 95 -1.37 -4.65 0.53
CA GLU A 95 -1.98 -5.86 -0.05
C GLU A 95 -0.89 -6.80 -0.61
N HIS A 96 0.17 -6.24 -1.18
CA HIS A 96 1.35 -7.01 -1.63
C HIS A 96 2.03 -7.69 -0.42
N TYR A 97 2.12 -7.02 0.72
CA TYR A 97 2.69 -7.59 1.94
C TYR A 97 1.86 -8.76 2.46
N ARG A 98 0.51 -8.72 2.40
CA ARG A 98 -0.32 -9.90 2.76
C ARG A 98 0.00 -11.09 1.85
N SER A 99 0.10 -10.87 0.54
CA SER A 99 0.48 -11.91 -0.43
C SER A 99 1.90 -12.45 -0.19
N LEU A 100 2.83 -11.58 0.21
CA LEU A 100 4.21 -11.93 0.55
C LEU A 100 4.28 -12.76 1.85
N VAL A 101 3.49 -12.42 2.86
CA VAL A 101 3.34 -13.17 4.13
C VAL A 101 2.87 -14.59 3.85
N ILE A 102 1.80 -14.74 3.05
CA ILE A 102 1.24 -16.02 2.63
C ILE A 102 2.28 -16.91 1.95
N GLN A 103 3.11 -16.34 1.08
CA GLN A 103 4.13 -17.07 0.33
C GLN A 103 5.36 -17.42 1.20
N GLU A 104 5.80 -16.53 2.10
CA GLU A 104 6.90 -16.83 3.01
C GLU A 104 6.48 -17.83 4.08
N ARG A 105 5.24 -17.75 4.58
CA ARG A 105 4.67 -18.72 5.54
C ARG A 105 4.58 -20.10 4.90
N ALA A 106 4.14 -20.19 3.64
CA ALA A 106 4.09 -21.46 2.90
C ALA A 106 5.49 -22.07 2.71
N LYS A 107 6.52 -21.24 2.49
CA LYS A 107 7.91 -21.67 2.30
C LYS A 107 8.52 -22.20 3.60
N LEU A 108 8.28 -21.52 4.72
CA LEU A 108 8.72 -21.93 6.06
C LEU A 108 7.97 -23.17 6.57
N SER A 109 6.69 -23.32 6.22
CA SER A 109 5.84 -24.45 6.63
C SER A 109 5.99 -25.70 5.73
N THR A 110 6.75 -25.60 4.63
CA THR A 110 6.91 -26.65 3.60
C THR A 110 5.55 -27.04 2.99
N SER A 111 4.82 -26.02 2.50
CA SER A 111 3.46 -26.08 1.94
C SER A 111 2.38 -26.51 2.96
N GLY A 112 1.13 -26.58 2.51
CA GLY A 112 -0.04 -26.99 3.31
C GLY A 112 -0.57 -25.96 4.32
N ALA A 113 0.02 -24.76 4.39
CA ALA A 113 -0.39 -23.65 5.25
C ALA A 113 -0.13 -22.28 4.58
N ILE A 114 -1.05 -21.33 4.80
CA ILE A 114 -1.05 -19.95 4.27
C ILE A 114 -1.51 -18.92 5.31
N GLY A 1 -13.70 17.80 -32.67
CA GLY A 1 -14.14 18.95 -33.49
C GLY A 1 -15.49 19.49 -33.06
N PRO A 2 -16.09 20.40 -33.86
CA PRO A 2 -17.38 21.04 -33.54
C PRO A 2 -18.53 20.03 -33.32
N LEU A 3 -19.41 20.36 -32.37
CA LEU A 3 -20.57 19.55 -31.94
C LEU A 3 -20.21 18.14 -31.41
N GLY A 4 -18.94 17.87 -31.08
CA GLY A 4 -18.47 16.60 -30.52
C GLY A 4 -18.87 16.41 -29.05
N SER A 5 -19.22 15.19 -28.67
CA SER A 5 -19.67 14.80 -27.32
C SER A 5 -19.13 13.41 -26.91
N MET A 6 -18.98 13.20 -25.60
CA MET A 6 -18.53 11.93 -24.99
C MET A 6 -19.36 11.60 -23.73
N ALA A 7 -19.44 10.32 -23.37
CA ALA A 7 -20.22 9.78 -22.26
C ALA A 7 -19.37 9.02 -21.20
N GLY A 8 -18.06 9.31 -21.13
CA GLY A 8 -17.12 8.71 -20.18
C GLY A 8 -17.12 9.38 -18.80
N ARG A 9 -15.93 9.42 -18.18
CA ARG A 9 -15.70 9.95 -16.83
C ARG A 9 -15.81 11.50 -16.80
N PRO A 10 -16.49 12.11 -15.81
CA PRO A 10 -16.55 13.57 -15.67
C PRO A 10 -15.16 14.21 -15.44
N LEU A 11 -14.99 15.44 -15.92
CA LEU A 11 -13.75 16.21 -15.74
C LEU A 11 -13.89 17.24 -14.59
N ARG A 12 -12.90 17.29 -13.71
CA ARG A 12 -12.79 18.21 -12.58
C ARG A 12 -11.34 18.31 -12.10
N ILE A 13 -10.89 19.48 -11.63
CA ILE A 13 -9.53 19.65 -11.08
C ILE A 13 -9.36 18.79 -9.81
N GLY A 14 -10.42 18.66 -9.02
CA GLY A 14 -10.44 17.80 -7.83
C GLY A 14 -10.31 16.29 -8.14
N ASP A 15 -10.52 15.89 -9.40
CA ASP A 15 -10.35 14.51 -9.88
C ASP A 15 -8.97 14.31 -10.57
N GLN A 16 -8.36 15.38 -11.08
CA GLN A 16 -7.02 15.38 -11.70
C GLN A 16 -5.89 15.45 -10.66
N LEU A 17 -6.22 15.82 -9.41
CA LEU A 17 -5.29 16.05 -8.30
C LEU A 17 -4.44 14.81 -7.92
N VAL A 18 -3.12 14.97 -8.00
CA VAL A 18 -2.08 14.00 -7.57
C VAL A 18 -1.43 14.60 -6.32
N LEU A 19 -1.29 13.80 -5.25
CA LEU A 19 -0.78 14.28 -3.95
C LEU A 19 0.71 14.01 -3.74
N GLU A 20 1.17 12.77 -3.99
CA GLU A 20 2.55 12.32 -3.72
C GLU A 20 3.02 12.66 -2.28
N GLU A 21 2.10 12.63 -1.31
CA GLU A 21 2.33 13.02 0.09
C GLU A 21 3.01 11.90 0.91
N ASP A 22 2.38 10.73 1.00
CA ASP A 22 2.88 9.56 1.73
C ASP A 22 3.95 8.77 0.94
N TYR A 23 4.96 9.50 0.46
CA TYR A 23 6.05 9.04 -0.42
C TYR A 23 7.43 9.06 0.29
N ASP A 24 7.47 9.39 1.59
CA ASP A 24 8.71 9.53 2.38
C ASP A 24 9.39 8.18 2.72
N GLU A 25 10.68 8.26 3.05
CA GLU A 25 11.59 7.13 3.31
C GLU A 25 12.49 7.33 4.55
N THR A 26 12.87 8.58 4.84
CA THR A 26 13.81 8.98 5.90
C THR A 26 13.35 8.68 7.34
N TYR A 27 12.05 8.52 7.59
CA TYR A 27 11.51 8.26 8.94
C TYR A 27 11.83 6.86 9.49
N ILE A 28 11.91 6.78 10.82
CA ILE A 28 12.16 5.56 11.61
C ILE A 28 10.84 5.10 12.24
N PRO A 29 10.47 3.81 12.16
CA PRO A 29 9.20 3.30 12.68
C PRO A 29 9.27 2.94 14.17
N SER A 30 8.14 3.09 14.86
CA SER A 30 7.99 2.68 16.28
C SER A 30 7.63 1.19 16.37
N GLU A 31 7.98 0.53 17.48
CA GLU A 31 7.60 -0.87 17.74
C GLU A 31 6.08 -1.06 17.72
N GLN A 32 5.32 -0.06 18.18
CA GLN A 32 3.86 -0.07 18.14
C GLN A 32 3.31 0.01 16.70
N GLU A 33 4.02 0.68 15.78
CA GLU A 33 3.65 0.77 14.35
C GLU A 33 4.01 -0.53 13.60
N ILE A 34 5.13 -1.17 13.97
CA ILE A 34 5.56 -2.47 13.44
C ILE A 34 4.51 -3.54 13.84
N LEU A 35 4.11 -3.54 15.12
CA LEU A 35 3.07 -4.44 15.65
C LEU A 35 1.69 -4.16 15.04
N GLU A 36 1.35 -2.89 14.80
CA GLU A 36 0.09 -2.51 14.14
C GLU A 36 0.03 -3.02 12.70
N PHE A 37 1.09 -2.85 11.89
CA PHE A 37 1.11 -3.39 10.54
C PHE A 37 1.06 -4.92 10.54
N ALA A 38 1.76 -5.59 11.47
CA ALA A 38 1.71 -7.05 11.60
C ALA A 38 0.29 -7.55 11.92
N ARG A 39 -0.37 -7.00 12.94
CA ARG A 39 -1.74 -7.38 13.32
C ARG A 39 -2.76 -7.01 12.22
N GLU A 40 -2.51 -5.94 11.47
CA GLU A 40 -3.35 -5.54 10.32
C GLU A 40 -3.23 -6.52 9.15
N ILE A 41 -2.01 -6.93 8.76
CA ILE A 41 -1.81 -7.84 7.62
C ILE A 41 -2.10 -9.33 7.92
N GLY A 42 -2.60 -9.65 9.13
CA GLY A 42 -3.04 -10.99 9.56
C GLY A 42 -2.05 -11.82 10.39
N ILE A 43 -1.02 -11.22 10.97
CA ILE A 43 0.02 -11.90 11.77
C ILE A 43 -0.38 -11.99 13.25
N ASP A 44 0.13 -13.01 13.95
CA ASP A 44 0.10 -13.14 15.41
C ASP A 44 1.55 -12.95 15.94
N PRO A 45 1.98 -11.72 16.29
CA PRO A 45 3.36 -11.42 16.72
C PRO A 45 3.92 -12.26 17.87
N ILE A 46 3.03 -12.84 18.67
CA ILE A 46 3.37 -13.66 19.85
C ILE A 46 4.16 -14.94 19.46
N LYS A 47 3.93 -15.50 18.25
CA LYS A 47 4.56 -16.77 17.82
C LYS A 47 4.96 -16.87 16.33
N GLU A 48 5.09 -15.76 15.61
CA GLU A 48 5.41 -15.74 14.16
C GLU A 48 6.57 -14.77 13.80
N PRO A 49 7.82 -15.01 14.28
CA PRO A 49 8.97 -14.10 14.07
C PRO A 49 9.34 -13.85 12.60
N GLU A 50 9.11 -14.82 11.71
CA GLU A 50 9.38 -14.66 10.28
C GLU A 50 8.49 -13.58 9.63
N LEU A 51 7.23 -13.55 10.07
CA LEU A 51 6.25 -12.64 9.53
C LEU A 51 6.45 -11.26 10.15
N MET A 52 7.06 -11.23 11.33
CA MET A 52 7.43 -10.00 12.01
C MET A 52 8.62 -9.30 11.34
N TRP A 53 9.63 -10.02 10.79
CA TRP A 53 10.69 -9.35 10.02
C TRP A 53 10.09 -8.76 8.73
N LEU A 54 9.16 -9.50 8.10
CA LEU A 54 8.41 -8.98 6.95
C LEU A 54 7.67 -7.69 7.33
N ALA A 55 7.01 -7.65 8.49
CA ALA A 55 6.24 -6.49 8.93
C ALA A 55 7.13 -5.28 9.29
N ARG A 56 8.32 -5.54 9.86
CA ARG A 56 9.33 -4.50 10.18
C ARG A 56 9.83 -3.81 8.91
N GLU A 57 9.96 -4.55 7.81
CA GLU A 57 10.29 -3.96 6.50
C GLU A 57 9.05 -3.26 5.91
N GLY A 58 7.87 -3.89 6.05
CA GLY A 58 6.56 -3.41 5.65
C GLY A 58 6.21 -1.97 6.00
N ILE A 59 6.35 -1.63 7.28
CA ILE A 59 5.95 -0.30 7.81
C ILE A 59 6.79 0.87 7.23
N VAL A 60 7.92 0.60 6.56
CA VAL A 60 8.78 1.59 5.89
C VAL A 60 8.91 1.40 4.36
N ALA A 61 8.25 0.39 3.78
CA ALA A 61 8.34 0.09 2.35
C ALA A 61 7.53 1.07 1.48
N PRO A 62 8.15 1.86 0.58
CA PRO A 62 7.44 2.78 -0.31
C PRO A 62 6.80 2.04 -1.49
N LEU A 63 5.70 2.58 -2.02
CA LEU A 63 5.01 2.03 -3.19
C LEU A 63 5.86 2.18 -4.49
N PRO A 64 5.66 1.33 -5.51
CA PRO A 64 6.44 1.39 -6.75
C PRO A 64 6.25 2.73 -7.48
N GLY A 65 7.27 3.18 -8.22
CA GLY A 65 7.27 4.48 -8.92
C GLY A 65 6.11 4.68 -9.92
N GLU A 66 5.53 3.60 -10.42
CA GLU A 66 4.36 3.60 -11.32
C GLU A 66 3.07 4.09 -10.61
N TRP A 67 2.99 4.00 -9.28
CA TRP A 67 1.83 4.35 -8.46
C TRP A 67 2.01 5.69 -7.72
N LYS A 68 0.94 6.51 -7.63
CA LYS A 68 0.90 7.76 -6.84
C LYS A 68 -0.46 7.92 -6.16
N PRO A 69 -0.54 8.47 -4.94
CA PRO A 69 -1.82 8.79 -4.32
C PRO A 69 -2.43 10.01 -5.01
N CYS A 70 -3.72 9.91 -5.29
CA CYS A 70 -4.54 10.87 -6.03
C CYS A 70 -5.91 11.02 -5.34
N GLN A 71 -6.74 11.97 -5.79
CA GLN A 71 -8.10 12.14 -5.30
C GLN A 71 -9.15 11.79 -6.36
N ASP A 72 -10.15 11.01 -5.97
CA ASP A 72 -11.31 10.65 -6.82
C ASP A 72 -12.49 11.59 -6.51
N ILE A 73 -13.19 12.05 -7.55
CA ILE A 73 -14.33 12.99 -7.49
C ILE A 73 -15.42 12.63 -6.47
N THR A 74 -15.61 11.34 -6.17
CA THR A 74 -16.57 10.83 -5.16
C THR A 74 -15.93 9.85 -4.16
N GLY A 75 -14.78 9.26 -4.52
CA GLY A 75 -14.04 8.25 -3.75
C GLY A 75 -13.01 8.79 -2.77
N ASP A 76 -12.76 10.11 -2.77
CA ASP A 76 -11.73 10.76 -1.93
C ASP A 76 -10.31 10.23 -2.22
N ILE A 77 -9.37 10.25 -1.28
CA ILE A 77 -7.98 9.83 -1.51
C ILE A 77 -7.86 8.32 -1.80
N TYR A 78 -7.14 7.98 -2.87
CA TYR A 78 -6.92 6.63 -3.40
C TYR A 78 -5.53 6.53 -4.09
N TYR A 79 -5.13 5.35 -4.57
CA TYR A 79 -3.85 5.10 -5.26
C TYR A 79 -4.03 4.75 -6.74
N PHE A 80 -3.24 5.37 -7.62
CA PHE A 80 -3.33 5.19 -9.08
C PHE A 80 -1.99 4.82 -9.74
N ASN A 81 -2.00 3.72 -10.50
CA ASN A 81 -0.93 3.22 -11.34
C ASN A 81 -1.05 3.82 -12.76
N PHE A 82 -0.04 4.61 -13.14
CA PHE A 82 0.04 5.35 -14.40
C PHE A 82 0.49 4.46 -15.59
N ALA A 83 1.18 3.36 -15.31
CA ALA A 83 1.67 2.42 -16.33
C ALA A 83 0.60 1.39 -16.76
N ASN A 84 -0.23 0.94 -15.81
CA ASN A 84 -1.31 -0.04 -16.04
C ASN A 84 -2.72 0.60 -16.12
N GLY A 85 -2.88 1.88 -15.75
CA GLY A 85 -4.18 2.56 -15.69
C GLY A 85 -5.11 1.92 -14.65
N GLN A 86 -4.56 1.59 -13.48
CA GLN A 86 -5.23 0.84 -12.40
C GLN A 86 -5.40 1.65 -11.11
N SER A 87 -6.55 1.50 -10.44
CA SER A 87 -6.92 2.24 -9.22
C SER A 87 -7.22 1.31 -8.04
N MET A 88 -6.76 1.66 -6.83
CA MET A 88 -7.03 0.95 -5.58
C MET A 88 -7.26 1.92 -4.41
N TRP A 89 -8.05 1.51 -3.42
CA TRP A 89 -8.39 2.33 -2.24
C TRP A 89 -7.36 2.26 -1.09
N ASP A 90 -6.33 1.40 -1.23
CA ASP A 90 -5.27 1.15 -0.25
C ASP A 90 -3.89 1.01 -0.94
N HIS A 91 -2.81 1.11 -0.17
CA HIS A 91 -1.43 1.03 -0.65
C HIS A 91 -1.13 -0.28 -1.40
N PRO A 92 -0.41 -0.24 -2.54
CA PRO A 92 0.02 -1.46 -3.25
C PRO A 92 0.88 -2.39 -2.38
N CYS A 93 1.69 -1.82 -1.48
CA CYS A 93 2.52 -2.57 -0.53
C CYS A 93 1.70 -3.44 0.43
N ASP A 94 0.50 -3.02 0.82
CA ASP A 94 -0.36 -3.73 1.78
C ASP A 94 -0.91 -5.04 1.18
N GLU A 95 -1.43 -4.98 -0.05
CA GLU A 95 -1.91 -6.17 -0.77
C GLU A 95 -0.74 -7.14 -1.04
N HIS A 96 0.43 -6.59 -1.39
CA HIS A 96 1.67 -7.34 -1.59
C HIS A 96 2.13 -8.02 -0.29
N TYR A 97 2.20 -7.30 0.84
CA TYR A 97 2.65 -7.85 2.11
C TYR A 97 1.66 -8.87 2.68
N ARG A 98 0.35 -8.67 2.52
CA ARG A 98 -0.66 -9.67 2.93
C ARG A 98 -0.39 -11.00 2.21
N SER A 99 -0.24 -10.97 0.89
CA SER A 99 0.10 -12.15 0.08
C SER A 99 1.46 -12.75 0.46
N LEU A 100 2.49 -11.91 0.63
CA LEU A 100 3.85 -12.33 0.97
C LEU A 100 3.91 -13.05 2.33
N VAL A 101 3.21 -12.52 3.34
CA VAL A 101 3.05 -13.10 4.69
C VAL A 101 2.38 -14.46 4.60
N ILE A 102 1.25 -14.55 3.92
CA ILE A 102 0.47 -15.79 3.77
C ILE A 102 1.27 -16.89 3.07
N GLN A 103 2.02 -16.54 2.02
CA GLN A 103 2.83 -17.48 1.25
C GLN A 103 4.07 -17.92 2.05
N GLU A 104 4.72 -17.00 2.77
CA GLU A 104 5.84 -17.32 3.66
C GLU A 104 5.39 -18.28 4.76
N ARG A 105 4.22 -18.02 5.37
CA ARG A 105 3.62 -18.86 6.41
C ARG A 105 3.23 -20.24 5.89
N ALA A 106 2.80 -20.35 4.62
CA ALA A 106 2.49 -21.63 3.99
C ALA A 106 3.76 -22.50 3.81
N LYS A 107 4.91 -21.91 3.44
CA LYS A 107 6.19 -22.64 3.33
C LYS A 107 6.65 -23.14 4.69
N LEU A 108 6.54 -22.29 5.72
CA LEU A 108 6.90 -22.61 7.10
C LEU A 108 5.99 -23.68 7.73
N SER A 109 4.68 -23.66 7.42
CA SER A 109 3.71 -24.65 7.90
C SER A 109 3.90 -26.02 7.22
N THR A 110 4.40 -26.03 5.98
CA THR A 110 4.73 -27.27 5.23
C THR A 110 6.11 -27.82 5.66
N SER A 111 7.03 -26.94 6.09
CA SER A 111 8.39 -27.18 6.60
C SER A 111 9.40 -27.77 5.61
N GLY A 112 8.99 -28.74 4.78
CA GLY A 112 9.81 -29.36 3.72
C GLY A 112 9.81 -28.60 2.39
N ALA A 113 9.03 -27.51 2.27
CA ALA A 113 8.89 -26.70 1.06
C ALA A 113 10.06 -25.73 0.82
N ILE A 114 10.25 -25.35 -0.45
CA ILE A 114 11.25 -24.39 -0.96
C ILE A 114 10.64 -23.33 -1.88
N GLY A 1 2.79 18.50 -27.81
CA GLY A 1 3.44 18.20 -26.51
C GLY A 1 3.50 16.71 -26.22
N PRO A 2 4.31 16.28 -25.24
CA PRO A 2 4.45 14.87 -24.84
C PRO A 2 3.19 14.32 -24.15
N LEU A 3 3.06 12.98 -24.15
CA LEU A 3 1.96 12.22 -23.54
C LEU A 3 0.55 12.68 -23.98
N GLY A 4 0.43 13.03 -25.27
CA GLY A 4 -0.79 13.55 -25.90
C GLY A 4 -1.99 12.59 -25.86
N SER A 5 -1.75 11.29 -25.63
CA SER A 5 -2.79 10.26 -25.46
C SER A 5 -3.69 10.51 -24.25
N MET A 6 -3.18 11.21 -23.22
CA MET A 6 -3.94 11.61 -22.02
C MET A 6 -4.66 12.96 -22.16
N ALA A 7 -4.68 13.51 -23.38
CA ALA A 7 -5.36 14.75 -23.76
C ALA A 7 -6.34 14.57 -24.95
N GLY A 8 -6.66 13.32 -25.29
CA GLY A 8 -7.62 12.96 -26.36
C GLY A 8 -9.09 13.19 -25.99
N ARG A 9 -9.40 13.26 -24.69
CA ARG A 9 -10.71 13.53 -24.08
C ARG A 9 -10.57 14.57 -22.94
N PRO A 10 -11.61 15.37 -22.65
CA PRO A 10 -11.58 16.34 -21.54
C PRO A 10 -11.60 15.62 -20.17
N LEU A 11 -10.93 16.20 -19.18
CA LEU A 11 -10.80 15.68 -17.82
C LEU A 11 -10.98 16.80 -16.77
N ARG A 12 -11.52 16.44 -15.59
CA ARG A 12 -11.72 17.34 -14.45
C ARG A 12 -10.38 17.84 -13.90
N ILE A 13 -10.33 19.12 -13.50
CA ILE A 13 -9.12 19.71 -12.89
C ILE A 13 -8.93 19.25 -11.44
N GLY A 14 -10.03 19.01 -10.71
CA GLY A 14 -9.97 18.49 -9.34
C GLY A 14 -9.34 17.08 -9.25
N ASP A 15 -9.46 16.29 -10.32
CA ASP A 15 -8.85 14.96 -10.44
C ASP A 15 -7.33 14.99 -10.72
N GLN A 16 -6.78 16.16 -11.07
CA GLN A 16 -5.34 16.37 -11.31
C GLN A 16 -4.54 16.58 -10.00
N LEU A 17 -5.20 16.51 -8.83
CA LEU A 17 -4.60 16.71 -7.52
C LEU A 17 -3.83 15.44 -7.08
N VAL A 18 -2.56 15.37 -7.49
CA VAL A 18 -1.61 14.31 -7.13
C VAL A 18 -1.12 14.53 -5.69
N LEU A 19 -1.07 13.46 -4.89
CA LEU A 19 -0.73 13.48 -3.46
C LEU A 19 0.73 13.11 -3.14
N GLU A 20 1.55 12.80 -4.16
CA GLU A 20 2.99 12.49 -4.03
C GLU A 20 3.81 13.79 -3.84
N GLU A 21 3.56 14.48 -2.72
CA GLU A 21 4.16 15.76 -2.35
C GLU A 21 5.04 15.63 -1.09
N ASP A 22 4.44 15.21 0.04
CA ASP A 22 5.11 15.00 1.32
C ASP A 22 4.98 13.55 1.82
N TYR A 23 6.11 12.96 2.24
CA TYR A 23 6.22 11.62 2.81
C TYR A 23 7.49 11.55 3.68
N ASP A 24 7.39 11.01 4.88
CA ASP A 24 8.49 10.92 5.85
C ASP A 24 9.55 9.86 5.47
N GLU A 25 10.76 10.03 5.99
CA GLU A 25 11.95 9.22 5.69
C GLU A 25 12.90 9.09 6.90
N THR A 26 13.05 10.17 7.67
CA THR A 26 13.95 10.26 8.85
C THR A 26 13.45 9.42 10.04
N TYR A 27 12.14 9.18 10.14
CA TYR A 27 11.51 8.40 11.23
C TYR A 27 11.88 6.92 11.25
N ILE A 28 11.67 6.32 12.44
CA ILE A 28 11.96 4.93 12.78
C ILE A 28 10.70 4.33 13.45
N PRO A 29 10.23 3.14 13.03
CA PRO A 29 8.99 2.55 13.56
C PRO A 29 9.18 1.93 14.96
N SER A 30 8.17 2.11 15.80
CA SER A 30 8.10 1.54 17.17
C SER A 30 7.41 0.17 17.17
N GLU A 31 7.73 -0.66 18.17
CA GLU A 31 7.22 -2.04 18.27
C GLU A 31 5.68 -2.11 18.30
N GLN A 32 5.01 -1.17 18.95
CA GLN A 32 3.53 -1.09 19.02
C GLN A 32 2.91 -0.85 17.63
N GLU A 33 3.55 -0.03 16.80
CA GLU A 33 3.09 0.25 15.42
C GLU A 33 3.33 -0.97 14.51
N ILE A 34 4.46 -1.66 14.69
CA ILE A 34 4.79 -2.89 13.97
C ILE A 34 3.81 -4.01 14.35
N LEU A 35 3.45 -4.12 15.63
CA LEU A 35 2.43 -5.07 16.12
C LEU A 35 1.05 -4.74 15.53
N GLU A 36 0.76 -3.48 15.24
CA GLU A 36 -0.48 -3.07 14.58
C GLU A 36 -0.50 -3.52 13.10
N PHE A 37 0.56 -3.22 12.31
CA PHE A 37 0.62 -3.69 10.91
C PHE A 37 0.66 -5.22 10.83
N ALA A 38 1.41 -5.89 11.71
CA ALA A 38 1.50 -7.35 11.77
C ALA A 38 0.13 -8.02 11.98
N ARG A 39 -0.63 -7.61 13.00
CA ARG A 39 -1.97 -8.15 13.27
C ARG A 39 -2.98 -7.79 12.16
N GLU A 40 -2.84 -6.63 11.54
CA GLU A 40 -3.69 -6.22 10.40
C GLU A 40 -3.39 -7.04 9.12
N ILE A 41 -2.13 -7.46 8.89
CA ILE A 41 -1.75 -8.32 7.74
C ILE A 41 -1.90 -9.83 8.03
N GLY A 42 -2.49 -10.22 9.16
CA GLY A 42 -2.80 -11.61 9.54
C GLY A 42 -1.71 -12.39 10.31
N ILE A 43 -0.76 -11.72 10.94
CA ILE A 43 0.34 -12.34 11.71
C ILE A 43 -0.08 -12.62 13.16
N ASP A 44 0.50 -13.68 13.75
CA ASP A 44 0.41 -14.03 15.17
C ASP A 44 1.77 -13.66 15.80
N PRO A 45 2.00 -12.38 16.19
CA PRO A 45 3.30 -11.89 16.65
C PRO A 45 3.90 -12.63 17.86
N ILE A 46 3.07 -13.30 18.66
CA ILE A 46 3.50 -14.11 19.82
C ILE A 46 4.31 -15.35 19.35
N LYS A 47 4.06 -15.85 18.13
CA LYS A 47 4.66 -17.08 17.56
C LYS A 47 5.42 -16.90 16.23
N GLU A 48 5.41 -15.70 15.63
CA GLU A 48 6.00 -15.45 14.30
C GLU A 48 6.97 -14.24 14.24
N PRO A 49 8.15 -14.27 14.91
CA PRO A 49 9.14 -13.19 14.84
C PRO A 49 9.69 -12.91 13.42
N GLU A 50 9.73 -13.93 12.56
CA GLU A 50 10.18 -13.76 11.17
C GLU A 50 9.18 -12.91 10.37
N LEU A 51 7.89 -13.17 10.54
CA LEU A 51 6.84 -12.38 9.91
C LEU A 51 6.82 -10.95 10.52
N MET A 52 7.38 -10.75 11.71
CA MET A 52 7.54 -9.41 12.28
C MET A 52 8.72 -8.64 11.66
N TRP A 53 9.80 -9.30 11.20
CA TRP A 53 10.86 -8.58 10.45
C TRP A 53 10.21 -8.04 9.17
N LEU A 54 9.35 -8.87 8.55
CA LEU A 54 8.53 -8.50 7.39
C LEU A 54 7.63 -7.28 7.71
N ALA A 55 6.98 -7.27 8.87
CA ALA A 55 6.13 -6.15 9.28
C ALA A 55 6.93 -4.86 9.57
N ARG A 56 8.15 -4.96 10.10
CA ARG A 56 9.05 -3.80 10.32
C ARG A 56 9.46 -3.16 9.00
N GLU A 57 9.69 -3.97 7.96
CA GLU A 57 9.96 -3.46 6.61
C GLU A 57 8.66 -2.88 6.00
N GLY A 58 7.53 -3.58 6.21
CA GLY A 58 6.18 -3.22 5.85
C GLY A 58 5.75 -1.79 6.15
N ILE A 59 5.88 -1.42 7.42
CA ILE A 59 5.41 -0.12 7.93
C ILE A 59 6.22 1.10 7.46
N VAL A 60 7.37 0.89 6.79
CA VAL A 60 8.22 1.96 6.21
C VAL A 60 8.31 1.94 4.67
N ALA A 61 7.71 0.94 4.02
CA ALA A 61 7.78 0.76 2.56
C ALA A 61 6.64 1.50 1.82
N PRO A 62 6.95 2.46 0.92
CA PRO A 62 5.95 3.17 0.11
C PRO A 62 5.50 2.36 -1.12
N LEU A 63 4.50 2.87 -1.85
CA LEU A 63 4.01 2.31 -3.11
C LEU A 63 5.10 2.22 -4.22
N PRO A 64 4.94 1.35 -5.24
CA PRO A 64 5.87 1.26 -6.36
C PRO A 64 5.85 2.55 -7.20
N GLY A 65 6.99 2.95 -7.78
CA GLY A 65 7.14 4.20 -8.53
C GLY A 65 6.21 4.37 -9.74
N GLU A 66 5.69 3.26 -10.28
CA GLU A 66 4.73 3.22 -11.40
C GLU A 66 3.33 3.72 -11.02
N TRP A 67 2.97 3.63 -9.74
CA TRP A 67 1.71 4.09 -9.16
C TRP A 67 1.82 5.55 -8.66
N LYS A 68 0.71 6.28 -8.68
CA LYS A 68 0.58 7.66 -8.19
C LYS A 68 -0.73 7.80 -7.38
N PRO A 69 -0.69 8.40 -6.17
CA PRO A 69 -1.88 8.66 -5.38
C PRO A 69 -2.51 9.99 -5.77
N CYS A 70 -3.85 10.06 -5.78
CA CYS A 70 -4.64 11.21 -6.19
C CYS A 70 -5.89 11.38 -5.31
N GLN A 71 -6.42 12.60 -5.23
CA GLN A 71 -7.66 12.92 -4.51
C GLN A 71 -8.87 12.89 -5.47
N ASP A 72 -9.95 12.23 -5.06
CA ASP A 72 -11.22 12.17 -5.78
C ASP A 72 -12.09 13.38 -5.33
N ILE A 73 -12.72 14.07 -6.29
CA ILE A 73 -13.53 15.28 -6.08
C ILE A 73 -14.72 15.07 -5.12
N THR A 74 -15.13 13.81 -4.91
CA THR A 74 -16.16 13.41 -3.93
C THR A 74 -15.68 13.50 -2.47
N GLY A 75 -14.40 13.79 -2.24
CA GLY A 75 -13.74 13.84 -0.93
C GLY A 75 -13.07 12.53 -0.52
N ASP A 76 -12.45 11.81 -1.47
CA ASP A 76 -11.83 10.50 -1.23
C ASP A 76 -10.38 10.40 -1.75
N ILE A 77 -9.69 9.29 -1.48
CA ILE A 77 -8.28 9.05 -1.83
C ILE A 77 -8.14 7.76 -2.64
N TYR A 78 -7.46 7.82 -3.79
CA TYR A 78 -7.22 6.65 -4.66
C TYR A 78 -5.80 6.61 -5.24
N TYR A 79 -5.44 5.49 -5.87
CA TYR A 79 -4.12 5.19 -6.45
C TYR A 79 -4.27 4.71 -7.90
N PHE A 80 -3.35 5.09 -8.78
CA PHE A 80 -3.39 4.71 -10.21
C PHE A 80 -2.01 4.52 -10.84
N ASN A 81 -1.87 3.47 -11.66
CA ASN A 81 -0.70 3.13 -12.47
C ASN A 81 -1.09 3.12 -13.96
N PHE A 82 -0.31 3.87 -14.75
CA PHE A 82 -0.46 4.06 -16.19
C PHE A 82 -0.33 2.74 -16.98
N ALA A 83 0.49 1.78 -16.51
CA ALA A 83 0.64 0.46 -17.11
C ALA A 83 -0.67 -0.33 -16.97
N ASN A 84 -1.31 -0.64 -18.10
CA ASN A 84 -2.62 -1.30 -18.21
C ASN A 84 -3.75 -0.58 -17.42
N GLY A 85 -3.61 0.72 -17.15
CA GLY A 85 -4.62 1.56 -16.48
C GLY A 85 -5.14 1.03 -15.14
N GLN A 86 -4.27 0.45 -14.31
CA GLN A 86 -4.66 -0.18 -13.04
C GLN A 86 -4.94 0.84 -11.93
N SER A 87 -5.97 0.58 -11.12
CA SER A 87 -6.42 1.46 -10.01
C SER A 87 -6.61 0.70 -8.68
N MET A 88 -6.41 1.42 -7.57
CA MET A 88 -6.47 0.93 -6.18
C MET A 88 -7.00 2.01 -5.23
N TRP A 89 -7.38 1.64 -4.00
CA TRP A 89 -7.86 2.57 -2.96
C TRP A 89 -6.93 2.64 -1.72
N ASP A 90 -5.79 1.96 -1.77
CA ASP A 90 -4.72 1.92 -0.76
C ASP A 90 -3.37 1.60 -1.44
N HIS A 91 -2.25 1.68 -0.71
CA HIS A 91 -0.92 1.33 -1.23
C HIS A 91 -0.90 -0.09 -1.82
N PRO A 92 -0.48 -0.29 -3.10
CA PRO A 92 -0.37 -1.60 -3.72
C PRO A 92 0.54 -2.59 -2.95
N CYS A 93 1.50 -2.08 -2.19
CA CYS A 93 2.38 -2.88 -1.33
C CYS A 93 1.63 -3.62 -0.21
N ASP A 94 0.43 -3.20 0.18
CA ASP A 94 -0.40 -3.87 1.20
C ASP A 94 -0.90 -5.25 0.73
N GLU A 95 -1.37 -5.35 -0.53
CA GLU A 95 -1.77 -6.61 -1.17
C GLU A 95 -0.56 -7.57 -1.27
N HIS A 96 0.59 -6.99 -1.63
CA HIS A 96 1.88 -7.68 -1.70
C HIS A 96 2.33 -8.19 -0.33
N TYR A 97 2.30 -7.37 0.74
CA TYR A 97 2.78 -7.79 2.07
C TYR A 97 1.89 -8.88 2.66
N ARG A 98 0.56 -8.84 2.50
CA ARG A 98 -0.32 -9.93 2.95
C ARG A 98 0.03 -11.23 2.22
N SER A 99 0.19 -11.18 0.89
CA SER A 99 0.58 -12.34 0.08
C SER A 99 1.99 -12.86 0.43
N LEU A 100 2.93 -11.97 0.74
CA LEU A 100 4.30 -12.28 1.12
C LEU A 100 4.36 -12.96 2.49
N VAL A 101 3.61 -12.46 3.48
CA VAL A 101 3.47 -13.03 4.83
C VAL A 101 2.99 -14.48 4.73
N ILE A 102 1.92 -14.72 3.96
CA ILE A 102 1.32 -16.04 3.76
C ILE A 102 2.31 -17.03 3.12
N GLN A 103 3.07 -16.58 2.12
CA GLN A 103 4.03 -17.44 1.41
C GLN A 103 5.27 -17.73 2.26
N GLU A 104 5.82 -16.73 2.97
CA GLU A 104 6.96 -16.97 3.88
C GLU A 104 6.54 -17.87 5.04
N ARG A 105 5.31 -17.69 5.57
CA ARG A 105 4.78 -18.56 6.63
C ARG A 105 4.62 -20.01 6.15
N ALA A 106 4.26 -20.23 4.88
CA ALA A 106 4.18 -21.56 4.29
C ALA A 106 5.57 -22.23 4.20
N LYS A 107 6.65 -21.48 3.92
CA LYS A 107 8.03 -22.00 3.90
C LYS A 107 8.52 -22.34 5.31
N LEU A 108 8.24 -21.45 6.26
CA LEU A 108 8.68 -21.55 7.66
C LEU A 108 7.98 -22.66 8.45
N SER A 109 6.68 -22.88 8.20
CA SER A 109 5.89 -23.92 8.87
C SER A 109 6.14 -25.34 8.33
N THR A 110 6.58 -25.47 7.07
CA THR A 110 6.93 -26.77 6.45
C THR A 110 8.41 -27.12 6.63
N SER A 111 9.33 -26.17 6.40
CA SER A 111 10.79 -26.33 6.49
C SER A 111 11.32 -27.51 5.63
N GLY A 112 12.55 -27.96 5.89
CA GLY A 112 13.19 -29.11 5.22
C GLY A 112 12.60 -30.49 5.57
N ALA A 113 11.60 -30.56 6.47
CA ALA A 113 10.95 -31.79 6.92
C ALA A 113 9.90 -32.34 5.93
N ILE A 114 9.45 -31.53 4.96
CA ILE A 114 8.44 -31.88 3.94
C ILE A 114 9.08 -32.03 2.56
N GLY A 1 -37.81 28.88 -23.46
CA GLY A 1 -36.45 29.45 -23.50
C GLY A 1 -35.38 28.38 -23.30
N PRO A 2 -34.09 28.71 -23.56
CA PRO A 2 -32.97 27.78 -23.40
C PRO A 2 -32.68 27.45 -21.92
N LEU A 3 -32.06 26.28 -21.70
CA LEU A 3 -31.60 25.77 -20.41
C LEU A 3 -30.42 24.80 -20.57
N GLY A 4 -29.65 24.60 -19.48
CA GLY A 4 -28.44 23.77 -19.44
C GLY A 4 -28.70 22.28 -19.27
N SER A 5 -27.75 21.60 -18.63
CA SER A 5 -27.80 20.17 -18.26
C SER A 5 -26.81 19.85 -17.13
N MET A 6 -27.13 18.87 -16.29
CA MET A 6 -26.31 18.44 -15.14
C MET A 6 -26.38 16.91 -14.89
N ALA A 7 -25.34 16.38 -14.26
CA ALA A 7 -25.20 14.98 -13.84
C ALA A 7 -24.60 14.92 -12.41
N GLY A 8 -25.18 15.73 -11.51
CA GLY A 8 -24.73 15.96 -10.13
C GLY A 8 -23.98 17.30 -10.03
N ARG A 9 -24.16 18.01 -8.92
CA ARG A 9 -23.60 19.37 -8.71
C ARG A 9 -22.05 19.36 -8.73
N PRO A 10 -21.40 20.20 -9.56
CA PRO A 10 -19.94 20.25 -9.68
C PRO A 10 -19.31 21.07 -8.54
N LEU A 11 -19.28 20.50 -7.33
CA LEU A 11 -18.65 21.10 -6.14
C LEU A 11 -17.13 21.28 -6.30
N ARG A 12 -16.50 20.37 -7.05
CA ARG A 12 -15.10 20.32 -7.47
C ARG A 12 -15.03 19.69 -8.88
N ILE A 13 -13.90 19.83 -9.58
CA ILE A 13 -13.65 19.21 -10.91
C ILE A 13 -13.82 17.69 -10.83
N GLY A 14 -13.22 17.11 -9.79
CA GLY A 14 -13.15 15.69 -9.45
C GLY A 14 -12.08 15.47 -8.37
N ASP A 15 -11.92 16.46 -7.49
CA ASP A 15 -10.89 16.65 -6.45
C ASP A 15 -9.46 16.75 -7.01
N GLN A 16 -8.99 15.70 -7.71
CA GLN A 16 -7.73 15.61 -8.44
C GLN A 16 -6.43 15.92 -7.65
N LEU A 17 -6.48 15.91 -6.31
CA LEU A 17 -5.32 16.16 -5.46
C LEU A 17 -4.40 14.92 -5.38
N VAL A 18 -3.15 15.07 -5.82
CA VAL A 18 -2.11 14.03 -5.71
C VAL A 18 -1.53 14.09 -4.30
N LEU A 19 -1.44 12.96 -3.62
CA LEU A 19 -1.01 12.86 -2.22
C LEU A 19 0.51 12.67 -2.07
N GLU A 20 1.25 13.64 -2.61
CA GLU A 20 2.71 13.75 -2.55
C GLU A 20 3.16 15.11 -1.94
N GLU A 21 4.43 15.20 -1.52
CA GLU A 21 5.05 16.35 -0.91
C GLU A 21 6.28 16.83 -1.70
N ASP A 22 6.60 18.08 -1.46
CA ASP A 22 7.70 18.83 -2.10
C ASP A 22 9.11 18.51 -1.52
N TYR A 23 9.17 17.78 -0.41
CA TYR A 23 10.38 17.34 0.27
C TYR A 23 10.10 16.03 1.02
N ASP A 24 11.09 15.15 1.05
CA ASP A 24 11.06 13.83 1.71
C ASP A 24 12.40 13.51 2.39
N GLU A 25 12.35 12.81 3.54
CA GLU A 25 13.52 12.37 4.30
C GLU A 25 13.28 11.03 5.03
N THR A 26 14.32 10.50 5.69
CA THR A 26 14.29 9.21 6.38
C THR A 26 13.53 9.28 7.71
N TYR A 27 12.53 8.42 7.89
CA TYR A 27 11.74 8.27 9.12
C TYR A 27 11.94 6.89 9.76
N ILE A 28 11.69 6.83 11.06
CA ILE A 28 11.85 5.65 11.91
C ILE A 28 10.49 5.36 12.60
N PRO A 29 9.80 4.25 12.27
CA PRO A 29 8.54 3.89 12.91
C PRO A 29 8.74 3.36 14.33
N SER A 30 7.75 3.58 15.19
CA SER A 30 7.74 3.05 16.56
C SER A 30 7.37 1.57 16.59
N GLU A 31 7.78 0.83 17.62
CA GLU A 31 7.52 -0.61 17.76
C GLU A 31 6.02 -0.94 17.77
N GLN A 32 5.20 -0.08 18.38
CA GLN A 32 3.74 -0.23 18.38
C GLN A 32 3.13 -0.06 16.98
N GLU A 33 3.73 0.75 16.11
CA GLU A 33 3.27 0.92 14.71
C GLU A 33 3.64 -0.29 13.87
N ILE A 34 4.84 -0.85 14.08
CA ILE A 34 5.32 -2.08 13.42
C ILE A 34 4.40 -3.26 13.81
N LEU A 35 4.07 -3.38 15.11
CA LEU A 35 3.13 -4.38 15.62
C LEU A 35 1.72 -4.16 15.07
N GLU A 36 1.28 -2.91 14.91
CA GLU A 36 -0.03 -2.59 14.32
C GLU A 36 -0.11 -3.01 12.85
N PHE A 37 0.93 -2.78 12.03
CA PHE A 37 0.93 -3.26 10.64
C PHE A 37 0.92 -4.79 10.59
N ALA A 38 1.66 -5.47 11.48
CA ALA A 38 1.62 -6.94 11.59
C ALA A 38 0.20 -7.45 11.88
N ARG A 39 -0.50 -6.91 12.89
CA ARG A 39 -1.88 -7.32 13.18
C ARG A 39 -2.87 -6.92 12.09
N GLU A 40 -2.63 -5.80 11.40
CA GLU A 40 -3.45 -5.33 10.27
C GLU A 40 -3.29 -6.18 9.00
N ILE A 41 -2.11 -6.77 8.74
CA ILE A 41 -1.87 -7.67 7.60
C ILE A 41 -2.17 -9.16 7.91
N GLY A 42 -2.70 -9.46 9.10
CA GLY A 42 -3.11 -10.81 9.52
C GLY A 42 -2.04 -11.65 10.21
N ILE A 43 -1.22 -11.06 11.08
CA ILE A 43 -0.16 -11.70 11.86
C ILE A 43 -0.42 -11.62 13.36
N ASP A 44 0.00 -12.64 14.12
CA ASP A 44 0.06 -12.63 15.58
C ASP A 44 1.55 -12.57 15.99
N PRO A 45 2.19 -11.36 15.95
CA PRO A 45 3.63 -11.19 16.18
C PRO A 45 4.17 -11.70 17.53
N ILE A 46 3.29 -11.98 18.50
CA ILE A 46 3.64 -12.56 19.80
C ILE A 46 4.21 -13.99 19.62
N LYS A 47 3.76 -14.72 18.57
CA LYS A 47 4.22 -16.09 18.23
C LYS A 47 4.70 -16.26 16.78
N GLU A 48 4.66 -15.21 15.95
CA GLU A 48 5.09 -15.21 14.54
C GLU A 48 6.17 -14.13 14.25
N PRO A 49 7.33 -14.14 14.93
CA PRO A 49 8.36 -13.11 14.77
C PRO A 49 8.98 -13.06 13.36
N GLU A 50 8.95 -14.14 12.58
CA GLU A 50 9.45 -14.14 11.20
C GLU A 50 8.54 -13.28 10.31
N LEU A 51 7.23 -13.50 10.42
CA LEU A 51 6.24 -12.71 9.70
C LEU A 51 6.27 -11.26 10.21
N MET A 52 6.75 -11.01 11.44
CA MET A 52 6.92 -9.66 11.97
C MET A 52 8.19 -8.97 11.42
N TRP A 53 9.25 -9.68 11.03
CA TRP A 53 10.39 -9.04 10.31
C TRP A 53 9.83 -8.51 8.98
N LEU A 54 8.96 -9.29 8.35
CA LEU A 54 8.23 -8.93 7.14
C LEU A 54 7.43 -7.62 7.35
N ALA A 55 6.74 -7.49 8.49
CA ALA A 55 5.97 -6.30 8.84
C ALA A 55 6.86 -5.08 9.18
N ARG A 56 8.05 -5.30 9.77
CA ARG A 56 9.04 -4.25 10.07
C ARG A 56 9.54 -3.59 8.78
N GLU A 57 9.72 -4.37 7.71
CA GLU A 57 10.03 -3.84 6.38
C GLU A 57 8.76 -3.25 5.73
N GLY A 58 7.61 -3.88 5.96
CA GLY A 58 6.27 -3.48 5.54
C GLY A 58 5.91 -2.02 5.70
N ILE A 59 5.96 -1.54 6.96
CA ILE A 59 5.52 -0.18 7.29
C ILE A 59 6.42 0.94 6.71
N VAL A 60 7.65 0.62 6.28
CA VAL A 60 8.59 1.56 5.64
C VAL A 60 8.70 1.40 4.11
N ALA A 61 8.02 0.42 3.51
CA ALA A 61 8.11 0.13 2.08
C ALA A 61 7.45 1.24 1.21
N PRO A 62 8.18 1.84 0.24
CA PRO A 62 7.65 2.84 -0.68
C PRO A 62 6.91 2.20 -1.88
N LEU A 63 6.11 3.01 -2.59
CA LEU A 63 5.43 2.58 -3.81
C LEU A 63 6.43 2.33 -4.97
N PRO A 64 6.12 1.44 -5.93
CA PRO A 64 6.94 1.26 -7.12
C PRO A 64 6.97 2.54 -7.97
N GLY A 65 8.01 2.73 -8.80
CA GLY A 65 8.24 3.92 -9.64
C GLY A 65 7.26 4.16 -10.80
N GLU A 66 6.02 3.71 -10.65
CA GLU A 66 4.93 3.75 -11.64
C GLU A 66 3.52 3.98 -11.02
N TRP A 67 3.36 3.92 -9.68
CA TRP A 67 2.13 4.19 -8.93
C TRP A 67 2.19 5.54 -8.18
N LYS A 68 1.04 6.22 -8.00
CA LYS A 68 0.87 7.44 -7.19
C LYS A 68 -0.47 7.41 -6.43
N PRO A 69 -0.53 7.92 -5.18
CA PRO A 69 -1.77 8.05 -4.42
C PRO A 69 -2.47 9.38 -4.71
N CYS A 70 -3.79 9.38 -4.69
CA CYS A 70 -4.65 10.54 -5.01
C CYS A 70 -5.94 10.52 -4.16
N GLN A 71 -6.56 11.70 -3.99
CA GLN A 71 -7.83 11.87 -3.30
C GLN A 71 -9.00 11.98 -4.31
N ASP A 72 -10.15 11.41 -3.94
CA ASP A 72 -11.41 11.40 -4.69
C ASP A 72 -12.48 12.28 -4.03
N ILE A 73 -13.31 12.93 -4.87
CA ILE A 73 -14.37 13.88 -4.52
C ILE A 73 -15.41 13.35 -3.52
N THR A 74 -15.58 12.02 -3.41
CA THR A 74 -16.46 11.39 -2.39
C THR A 74 -15.88 11.47 -0.97
N GLY A 75 -14.67 12.04 -0.80
CA GLY A 75 -13.95 12.14 0.47
C GLY A 75 -13.13 10.88 0.76
N ASP A 76 -12.51 10.28 -0.26
CA ASP A 76 -11.77 9.02 -0.14
C ASP A 76 -10.39 9.06 -0.82
N ILE A 77 -9.55 8.03 -0.60
CA ILE A 77 -8.19 7.91 -1.14
C ILE A 77 -8.08 6.66 -2.03
N TYR A 78 -7.39 6.81 -3.17
CA TYR A 78 -7.11 5.74 -4.14
C TYR A 78 -5.68 5.83 -4.70
N TYR A 79 -5.26 4.83 -5.46
CA TYR A 79 -3.93 4.70 -6.09
C TYR A 79 -4.07 4.48 -7.60
N PHE A 80 -3.14 5.05 -8.39
CA PHE A 80 -3.12 4.92 -9.85
C PHE A 80 -1.72 4.68 -10.42
N ASN A 81 -1.62 3.67 -11.29
CA ASN A 81 -0.47 3.22 -12.06
C ASN A 81 -0.48 3.79 -13.48
N PHE A 82 0.60 4.50 -13.85
CA PHE A 82 0.76 5.19 -15.14
C PHE A 82 1.25 4.28 -16.27
N ALA A 83 1.97 3.20 -15.95
CA ALA A 83 2.56 2.27 -16.93
C ALA A 83 1.51 1.33 -17.55
N ASN A 84 0.51 0.91 -16.77
CA ASN A 84 -0.58 0.01 -17.20
C ASN A 84 -1.96 0.72 -17.29
N GLY A 85 -2.08 1.98 -16.82
CA GLY A 85 -3.35 2.71 -16.77
C GLY A 85 -4.36 2.03 -15.83
N GLN A 86 -3.87 1.57 -14.68
CA GLN A 86 -4.60 0.76 -13.69
C GLN A 86 -4.80 1.51 -12.36
N SER A 87 -5.90 1.25 -11.65
CA SER A 87 -6.21 1.86 -10.34
C SER A 87 -6.60 0.84 -9.27
N MET A 88 -6.42 1.24 -8.00
CA MET A 88 -6.78 0.47 -6.79
C MET A 88 -7.37 1.40 -5.73
N TRP A 89 -8.33 0.92 -4.94
CA TRP A 89 -8.94 1.66 -3.83
C TRP A 89 -8.23 1.42 -2.47
N ASP A 90 -7.08 0.73 -2.50
CA ASP A 90 -6.20 0.44 -1.36
C ASP A 90 -4.73 0.39 -1.83
N HIS A 91 -3.78 0.39 -0.90
CA HIS A 91 -2.34 0.44 -1.19
C HIS A 91 -1.84 -0.78 -1.99
N PRO A 92 -1.17 -0.61 -3.15
CA PRO A 92 -0.64 -1.71 -3.96
C PRO A 92 0.29 -2.69 -3.22
N CYS A 93 1.09 -2.19 -2.27
CA CYS A 93 2.04 -3.03 -1.52
C CYS A 93 1.37 -3.82 -0.38
N ASP A 94 0.24 -3.37 0.16
CA ASP A 94 -0.51 -4.05 1.22
C ASP A 94 -1.06 -5.41 0.74
N GLU A 95 -1.64 -5.47 -0.47
CA GLU A 95 -2.14 -6.71 -1.07
C GLU A 95 -0.97 -7.69 -1.31
N HIS A 96 0.17 -7.17 -1.76
CA HIS A 96 1.42 -7.91 -1.94
C HIS A 96 1.92 -8.46 -0.59
N TYR A 97 1.95 -7.64 0.48
CA TYR A 97 2.43 -8.05 1.79
C TYR A 97 1.54 -9.14 2.41
N ARG A 98 0.21 -9.08 2.24
CA ARG A 98 -0.69 -10.15 2.73
C ARG A 98 -0.35 -11.48 2.03
N SER A 99 -0.20 -11.46 0.71
CA SER A 99 0.19 -12.64 -0.08
C SER A 99 1.59 -13.15 0.28
N LEU A 100 2.53 -12.25 0.59
CA LEU A 100 3.90 -12.57 1.01
C LEU A 100 3.93 -13.21 2.40
N VAL A 101 3.15 -12.69 3.35
CA VAL A 101 2.98 -13.23 4.72
C VAL A 101 2.46 -14.66 4.64
N ILE A 102 1.43 -14.90 3.83
CA ILE A 102 0.82 -16.21 3.63
C ILE A 102 1.82 -17.23 3.04
N GLN A 103 2.65 -16.81 2.08
CA GLN A 103 3.64 -17.66 1.45
C GLN A 103 4.82 -17.97 2.38
N GLU A 104 5.30 -17.01 3.17
CA GLU A 104 6.35 -17.26 4.16
C GLU A 104 5.80 -18.11 5.32
N ARG A 105 4.54 -17.92 5.73
CA ARG A 105 3.88 -18.73 6.76
C ARG A 105 3.74 -20.19 6.29
N ALA A 106 3.38 -20.42 5.04
CA ALA A 106 3.32 -21.76 4.45
C ALA A 106 4.70 -22.44 4.50
N LYS A 107 5.72 -21.74 3.98
CA LYS A 107 7.11 -22.20 3.86
C LYS A 107 7.74 -22.59 5.20
N LEU A 108 7.34 -21.93 6.30
CA LEU A 108 7.86 -22.15 7.65
C LEU A 108 6.99 -23.07 8.53
N SER A 109 5.67 -23.08 8.35
CA SER A 109 4.73 -23.81 9.24
C SER A 109 3.99 -25.01 8.63
N THR A 110 3.92 -25.16 7.30
CA THR A 110 3.19 -26.28 6.65
C THR A 110 4.02 -27.07 5.64
N SER A 111 4.85 -26.41 4.82
CA SER A 111 5.69 -27.05 3.80
C SER A 111 6.68 -28.05 4.42
N GLY A 112 6.47 -29.34 4.16
CA GLY A 112 7.29 -30.44 4.72
C GLY A 112 7.11 -30.68 6.23
N ALA A 113 6.12 -30.04 6.87
CA ALA A 113 5.86 -30.11 8.32
C ALA A 113 4.78 -31.16 8.68
N ILE A 114 4.70 -31.49 9.98
CA ILE A 114 3.72 -32.42 10.58
C ILE A 114 2.51 -31.65 11.12
N GLY A 1 -23.44 4.35 -30.22
CA GLY A 1 -22.83 3.34 -29.32
C GLY A 1 -21.68 3.93 -28.51
N PRO A 2 -20.77 3.09 -27.96
CA PRO A 2 -19.62 3.52 -27.17
C PRO A 2 -18.64 4.44 -27.92
N LEU A 3 -17.89 5.26 -27.17
CA LEU A 3 -16.96 6.26 -27.68
C LEU A 3 -15.75 5.67 -28.42
N GLY A 4 -15.37 4.42 -28.13
CA GLY A 4 -14.20 3.75 -28.71
C GLY A 4 -12.86 4.35 -28.23
N SER A 5 -11.82 4.20 -29.05
CA SER A 5 -10.48 4.73 -28.76
C SER A 5 -10.44 6.27 -28.82
N MET A 6 -9.79 6.90 -27.84
CA MET A 6 -9.70 8.37 -27.68
C MET A 6 -8.25 8.87 -27.52
N ALA A 7 -7.27 8.13 -28.04
CA ALA A 7 -5.84 8.46 -28.06
C ALA A 7 -5.23 8.89 -26.69
N GLY A 8 -5.77 8.35 -25.58
CA GLY A 8 -5.32 8.67 -24.22
C GLY A 8 -5.72 10.05 -23.69
N ARG A 9 -6.71 10.73 -24.31
CA ARG A 9 -7.22 12.05 -23.89
C ARG A 9 -7.71 12.04 -22.42
N PRO A 10 -7.36 13.03 -21.59
CA PRO A 10 -7.86 13.15 -20.22
C PRO A 10 -9.38 13.38 -20.13
N LEU A 11 -9.92 13.13 -18.94
CA LEU A 11 -11.34 13.20 -18.60
C LEU A 11 -11.50 13.61 -17.12
N ARG A 12 -12.49 14.45 -16.80
CA ARG A 12 -12.77 15.03 -15.46
C ARG A 12 -11.55 15.71 -14.82
N ILE A 13 -11.39 17.01 -15.00
CA ILE A 13 -10.23 17.76 -14.44
C ILE A 13 -10.17 17.66 -12.91
N GLY A 14 -11.33 17.62 -12.24
CA GLY A 14 -11.40 17.43 -10.79
C GLY A 14 -11.00 16.02 -10.31
N ASP A 15 -10.99 15.03 -11.21
CA ASP A 15 -10.57 13.65 -10.96
C ASP A 15 -9.11 13.35 -11.39
N GLN A 16 -8.51 14.24 -12.19
CA GLN A 16 -7.15 14.07 -12.76
C GLN A 16 -6.00 14.50 -11.82
N LEU A 17 -6.31 15.17 -10.71
CA LEU A 17 -5.33 15.74 -9.77
C LEU A 17 -4.48 14.66 -9.08
N VAL A 18 -3.16 14.69 -9.32
CA VAL A 18 -2.16 13.80 -8.72
C VAL A 18 -1.64 14.43 -7.42
N LEU A 19 -1.51 13.64 -6.35
CA LEU A 19 -1.13 14.11 -5.01
C LEU A 19 0.39 14.08 -4.73
N GLU A 20 1.15 13.26 -5.48
CA GLU A 20 2.63 13.17 -5.44
C GLU A 20 3.27 12.90 -4.06
N GLU A 21 2.52 12.28 -3.13
CA GLU A 21 2.99 12.02 -1.75
C GLU A 21 4.05 10.90 -1.69
N ASP A 22 3.67 9.69 -2.11
CA ASP A 22 4.44 8.43 -2.16
C ASP A 22 4.98 7.87 -0.82
N TYR A 23 5.31 8.70 0.16
CA TYR A 23 5.75 8.37 1.51
C TYR A 23 5.70 9.64 2.40
N ASP A 24 5.80 9.44 3.70
CA ASP A 24 5.88 10.49 4.73
C ASP A 24 7.22 11.28 4.66
N GLU A 25 7.27 12.49 5.23
CA GLU A 25 8.48 13.31 5.28
C GLU A 25 9.63 12.62 6.06
N THR A 26 9.36 12.14 7.29
CA THR A 26 10.29 11.37 8.12
C THR A 26 9.60 10.80 9.36
N TYR A 27 9.76 9.48 9.58
CA TYR A 27 9.14 8.72 10.65
C TYR A 27 9.98 7.49 11.02
N ILE A 28 10.13 7.30 12.33
CA ILE A 28 10.82 6.20 12.99
C ILE A 28 9.73 5.38 13.70
N PRO A 29 9.51 4.10 13.35
CA PRO A 29 8.42 3.30 13.90
C PRO A 29 8.68 2.79 15.32
N SER A 30 7.64 2.82 16.16
CA SER A 30 7.67 2.25 17.52
C SER A 30 7.42 0.73 17.47
N GLU A 31 7.95 -0.02 18.43
CA GLU A 31 7.72 -1.48 18.53
C GLU A 31 6.23 -1.82 18.65
N GLN A 32 5.45 -1.00 19.37
CA GLN A 32 4.00 -1.16 19.49
C GLN A 32 3.27 -0.98 18.14
N GLU A 33 3.79 -0.13 17.26
CA GLU A 33 3.24 0.10 15.91
C GLU A 33 3.62 -1.03 14.95
N ILE A 34 4.85 -1.57 15.05
CA ILE A 34 5.32 -2.72 14.28
C ILE A 34 4.47 -3.96 14.62
N LEU A 35 4.22 -4.18 15.92
CA LEU A 35 3.34 -5.24 16.42
C LEU A 35 1.88 -5.04 15.96
N GLU A 36 1.41 -3.79 15.87
CA GLU A 36 0.07 -3.48 15.37
C GLU A 36 -0.05 -3.80 13.87
N PHE A 37 0.91 -3.39 13.02
CA PHE A 37 0.86 -3.74 11.58
C PHE A 37 0.86 -5.26 11.39
N ALA A 38 1.69 -5.99 12.13
CA ALA A 38 1.73 -7.45 12.10
C ALA A 38 0.39 -8.09 12.47
N ARG A 39 -0.20 -7.72 13.62
CA ARG A 39 -1.49 -8.27 14.08
C ARG A 39 -2.65 -7.87 13.15
N GLU A 40 -2.59 -6.69 12.53
CA GLU A 40 -3.60 -6.23 11.56
C GLU A 40 -3.50 -6.94 10.20
N ILE A 41 -2.29 -7.28 9.72
CA ILE A 41 -2.10 -8.04 8.46
C ILE A 41 -2.23 -9.57 8.64
N GLY A 42 -2.61 -10.03 9.85
CA GLY A 42 -2.87 -11.44 10.17
C GLY A 42 -1.65 -12.27 10.59
N ILE A 43 -0.72 -11.70 11.35
CA ILE A 43 0.50 -12.36 11.86
C ILE A 43 0.45 -12.58 13.37
N ASP A 44 0.99 -13.72 13.84
CA ASP A 44 1.21 -13.98 15.27
C ASP A 44 2.63 -13.46 15.61
N PRO A 45 2.79 -12.34 16.34
CA PRO A 45 4.10 -11.75 16.61
C PRO A 45 5.00 -12.58 17.54
N ILE A 46 4.43 -13.53 18.28
CA ILE A 46 5.15 -14.41 19.21
C ILE A 46 5.68 -15.66 18.48
N LYS A 47 4.89 -16.22 17.55
CA LYS A 47 5.20 -17.49 16.85
C LYS A 47 5.75 -17.38 15.43
N GLU A 48 5.77 -16.20 14.79
CA GLU A 48 6.19 -16.04 13.38
C GLU A 48 7.23 -14.92 13.15
N PRO A 49 8.49 -15.04 13.66
CA PRO A 49 9.52 -14.01 13.51
C PRO A 49 9.88 -13.63 12.06
N GLU A 50 9.71 -14.54 11.11
CA GLU A 50 9.96 -14.28 9.68
C GLU A 50 8.90 -13.29 9.14
N LEU A 51 7.65 -13.54 9.49
CA LEU A 51 6.56 -12.64 9.13
C LEU A 51 6.70 -11.32 9.91
N MET A 52 7.42 -11.31 11.05
CA MET A 52 7.74 -10.05 11.74
C MET A 52 8.83 -9.26 11.01
N TRP A 53 9.74 -9.90 10.25
CA TRP A 53 10.70 -9.15 9.40
C TRP A 53 9.91 -8.41 8.31
N LEU A 54 8.89 -9.08 7.73
CA LEU A 54 7.97 -8.42 6.78
C LEU A 54 7.28 -7.22 7.44
N ALA A 55 6.76 -7.38 8.66
CA ALA A 55 6.06 -6.30 9.36
C ALA A 55 6.98 -5.10 9.70
N ARG A 56 8.23 -5.37 10.09
CA ARG A 56 9.25 -4.36 10.39
C ARG A 56 9.56 -3.48 9.18
N GLU A 57 9.67 -4.09 7.98
CA GLU A 57 9.87 -3.36 6.72
C GLU A 57 8.56 -2.68 6.28
N GLY A 58 7.43 -3.37 6.44
CA GLY A 58 6.07 -2.97 6.18
C GLY A 58 5.66 -1.56 6.55
N ILE A 59 5.81 -1.24 7.84
CA ILE A 59 5.36 0.03 8.39
C ILE A 59 6.14 1.28 7.90
N VAL A 60 7.29 1.08 7.25
CA VAL A 60 8.13 2.13 6.63
C VAL A 60 8.26 2.00 5.10
N ALA A 61 7.47 1.12 4.47
CA ALA A 61 7.51 0.89 3.04
C ALA A 61 6.81 2.01 2.23
N PRO A 62 7.47 2.61 1.22
CA PRO A 62 6.87 3.61 0.33
C PRO A 62 6.00 2.94 -0.75
N LEU A 63 5.26 3.73 -1.53
CA LEU A 63 4.49 3.20 -2.67
C LEU A 63 5.44 2.63 -3.76
N PRO A 64 5.05 1.60 -4.53
CA PRO A 64 5.87 1.08 -5.63
C PRO A 64 6.00 2.14 -6.74
N GLY A 65 7.13 2.14 -7.45
CA GLY A 65 7.46 3.14 -8.49
C GLY A 65 6.49 3.27 -9.68
N GLU A 66 5.61 2.27 -9.89
CA GLU A 66 4.63 2.27 -10.98
C GLU A 66 3.25 2.85 -10.60
N TRP A 67 3.00 3.13 -9.32
CA TRP A 67 1.75 3.67 -8.75
C TRP A 67 1.90 5.12 -8.27
N LYS A 68 0.83 5.92 -8.34
CA LYS A 68 0.73 7.29 -7.81
C LYS A 68 -0.64 7.54 -7.15
N PRO A 69 -0.71 8.30 -6.05
CA PRO A 69 -1.97 8.67 -5.41
C PRO A 69 -2.57 9.90 -6.10
N CYS A 70 -3.89 9.91 -6.19
CA CYS A 70 -4.69 10.93 -6.87
C CYS A 70 -5.97 11.23 -6.08
N GLN A 71 -6.59 12.38 -6.33
CA GLN A 71 -7.86 12.78 -5.70
C GLN A 71 -9.05 12.32 -6.56
N ASP A 72 -9.98 11.59 -5.94
CA ASP A 72 -11.23 11.14 -6.57
C ASP A 72 -12.29 12.25 -6.55
N ILE A 73 -13.04 12.39 -7.66
CA ILE A 73 -14.06 13.42 -7.91
C ILE A 73 -15.15 13.52 -6.81
N THR A 74 -15.41 12.44 -6.05
CA THR A 74 -16.36 12.44 -4.92
C THR A 74 -15.81 13.14 -3.66
N GLY A 75 -14.56 13.63 -3.70
CA GLY A 75 -13.87 14.25 -2.58
C GLY A 75 -13.08 13.23 -1.73
N ASP A 76 -12.46 12.24 -2.37
CA ASP A 76 -11.74 11.14 -1.69
C ASP A 76 -10.33 10.89 -2.27
N ILE A 77 -9.61 9.88 -1.76
CA ILE A 77 -8.23 9.53 -2.13
C ILE A 77 -8.18 8.11 -2.73
N TYR A 78 -7.45 7.93 -3.84
CA TYR A 78 -7.24 6.65 -4.51
C TYR A 78 -5.85 6.56 -5.18
N TYR A 79 -5.51 5.41 -5.76
CA TYR A 79 -4.20 5.11 -6.38
C TYR A 79 -4.35 4.62 -7.83
N PHE A 80 -3.39 4.99 -8.69
CA PHE A 80 -3.34 4.57 -10.10
C PHE A 80 -1.94 4.11 -10.55
N ASN A 81 -1.89 2.95 -11.21
CA ASN A 81 -0.74 2.32 -11.84
C ASN A 81 -0.70 2.58 -13.36
N PHE A 82 0.43 3.09 -13.85
CA PHE A 82 0.62 3.48 -15.25
C PHE A 82 1.10 2.34 -16.17
N ALA A 83 1.77 1.33 -15.61
CA ALA A 83 2.32 0.19 -16.37
C ALA A 83 1.23 -0.81 -16.81
N ASN A 84 0.20 -1.00 -15.98
CA ASN A 84 -0.93 -1.92 -16.20
C ASN A 84 -2.28 -1.20 -16.39
N GLY A 85 -2.36 0.11 -16.16
CA GLY A 85 -3.62 0.88 -16.22
C GLY A 85 -4.59 0.46 -15.10
N GLN A 86 -4.06 0.18 -13.91
CA GLN A 86 -4.79 -0.37 -12.76
C GLN A 86 -5.13 0.70 -11.70
N SER A 87 -6.19 0.50 -10.93
CA SER A 87 -6.59 1.39 -9.83
C SER A 87 -6.85 0.64 -8.52
N MET A 88 -6.64 1.33 -7.39
CA MET A 88 -6.82 0.82 -6.02
C MET A 88 -7.39 1.92 -5.11
N TRP A 89 -8.19 1.54 -4.10
CA TRP A 89 -8.78 2.48 -3.12
C TRP A 89 -7.98 2.60 -1.80
N ASP A 90 -7.02 1.69 -1.59
CA ASP A 90 -6.09 1.62 -0.45
C ASP A 90 -4.65 1.42 -0.96
N HIS A 91 -3.64 1.68 -0.12
CA HIS A 91 -2.22 1.61 -0.47
C HIS A 91 -1.85 0.28 -1.18
N PRO A 92 -1.31 0.32 -2.42
CA PRO A 92 -0.89 -0.88 -3.15
C PRO A 92 0.15 -1.74 -2.42
N CYS A 93 1.09 -1.11 -1.69
CA CYS A 93 2.11 -1.81 -0.91
C CYS A 93 1.53 -2.60 0.30
N ASP A 94 0.49 -2.09 0.94
CA ASP A 94 -0.22 -2.73 2.06
C ASP A 94 -0.95 -4.01 1.63
N GLU A 95 -1.63 -3.99 0.48
CA GLU A 95 -2.28 -5.19 -0.07
C GLU A 95 -1.23 -6.22 -0.53
N HIS A 96 -0.10 -5.74 -1.08
CA HIS A 96 1.06 -6.55 -1.44
C HIS A 96 1.66 -7.21 -0.19
N TYR A 97 1.74 -6.51 0.95
CA TYR A 97 2.24 -7.11 2.19
C TYR A 97 1.34 -8.23 2.68
N ARG A 98 0.01 -8.12 2.57
CA ARG A 98 -0.90 -9.23 2.92
C ARG A 98 -0.64 -10.48 2.07
N SER A 99 -0.57 -10.34 0.74
CA SER A 99 -0.27 -11.48 -0.14
C SER A 99 1.15 -12.01 0.01
N LEU A 100 2.12 -11.16 0.38
CA LEU A 100 3.51 -11.56 0.66
C LEU A 100 3.61 -12.36 1.97
N VAL A 101 2.89 -11.94 3.02
CA VAL A 101 2.80 -12.67 4.31
C VAL A 101 2.29 -14.09 4.08
N ILE A 102 1.22 -14.22 3.29
CA ILE A 102 0.61 -15.51 2.94
C ILE A 102 1.57 -16.42 2.18
N GLN A 103 2.33 -15.88 1.21
CA GLN A 103 3.26 -16.65 0.38
C GLN A 103 4.54 -17.04 1.14
N GLU A 104 5.07 -16.16 2.00
CA GLU A 104 6.22 -16.47 2.85
C GLU A 104 5.81 -17.52 3.90
N ARG A 105 4.60 -17.39 4.47
CA ARG A 105 4.06 -18.38 5.42
C ARG A 105 3.90 -19.75 4.76
N ALA A 106 3.40 -19.79 3.52
CA ALA A 106 3.24 -21.04 2.77
C ALA A 106 4.58 -21.75 2.51
N LYS A 107 5.63 -21.02 2.07
CA LYS A 107 6.94 -21.65 1.78
C LYS A 107 7.65 -22.16 3.04
N LEU A 108 7.41 -21.52 4.20
CA LEU A 108 7.94 -21.93 5.50
C LEU A 108 7.13 -23.05 6.17
N SER A 109 5.81 -23.09 5.97
CA SER A 109 4.90 -24.05 6.61
C SER A 109 4.76 -25.39 5.85
N THR A 110 4.58 -25.35 4.53
CA THR A 110 4.34 -26.54 3.69
C THR A 110 5.30 -26.69 2.50
N SER A 111 5.85 -25.59 1.96
CA SER A 111 6.75 -25.60 0.80
C SER A 111 6.14 -26.32 -0.43
N GLY A 112 6.98 -26.88 -1.31
CA GLY A 112 6.58 -27.63 -2.50
C GLY A 112 6.04 -29.06 -2.24
N ALA A 113 5.95 -29.50 -0.98
CA ALA A 113 5.46 -30.83 -0.61
C ALA A 113 3.93 -30.97 -0.73
N ILE A 114 3.46 -32.21 -0.96
CA ILE A 114 2.04 -32.59 -1.12
C ILE A 114 1.71 -33.78 -0.20
N GLY A 1 -5.88 37.45 -9.44
CA GLY A 1 -4.44 37.63 -9.18
C GLY A 1 -3.59 36.63 -9.96
N PRO A 2 -2.28 36.87 -10.10
CA PRO A 2 -1.35 36.00 -10.83
C PRO A 2 -1.13 34.65 -10.14
N LEU A 3 -0.74 33.64 -10.92
CA LEU A 3 -0.44 32.26 -10.50
C LEU A 3 -1.57 31.58 -9.69
N GLY A 4 -2.82 31.88 -10.04
CA GLY A 4 -4.03 31.27 -9.45
C GLY A 4 -4.24 29.80 -9.82
N SER A 5 -3.55 29.32 -10.86
CA SER A 5 -3.52 27.94 -11.35
C SER A 5 -2.16 27.66 -12.05
N MET A 6 -1.92 26.41 -12.45
CA MET A 6 -0.66 25.96 -13.07
C MET A 6 -0.87 24.95 -14.20
N ALA A 7 0.17 24.81 -15.04
CA ALA A 7 0.16 23.97 -16.24
C ALA A 7 -0.27 22.52 -15.96
N GLY A 8 -1.40 22.13 -16.56
CA GLY A 8 -1.97 20.78 -16.51
C GLY A 8 -2.83 20.45 -15.29
N ARG A 9 -3.16 21.43 -14.42
CA ARG A 9 -4.04 21.23 -13.26
C ARG A 9 -5.47 20.83 -13.71
N PRO A 10 -6.07 19.75 -13.17
CA PRO A 10 -7.41 19.30 -13.56
C PRO A 10 -8.54 20.19 -13.00
N LEU A 11 -9.78 19.88 -13.37
CA LEU A 11 -10.99 20.54 -12.89
C LEU A 11 -11.21 20.26 -11.40
N ARG A 12 -11.62 21.30 -10.65
CA ARG A 12 -11.81 21.35 -9.18
C ARG A 12 -10.52 21.19 -8.37
N ILE A 13 -10.46 21.88 -7.22
CA ILE A 13 -9.34 21.78 -6.27
C ILE A 13 -9.34 20.41 -5.56
N GLY A 14 -10.50 19.74 -5.51
CA GLY A 14 -10.61 18.39 -4.95
C GLY A 14 -9.82 17.35 -5.75
N ASP A 15 -9.77 17.47 -7.08
CA ASP A 15 -9.09 16.50 -7.97
C ASP A 15 -7.60 16.83 -8.25
N GLN A 16 -7.12 18.04 -7.93
CA GLN A 16 -5.76 18.48 -8.25
C GLN A 16 -4.64 17.79 -7.44
N LEU A 17 -4.96 17.29 -6.25
CA LEU A 17 -3.98 16.68 -5.33
C LEU A 17 -3.63 15.23 -5.73
N VAL A 18 -2.66 15.04 -6.62
CA VAL A 18 -2.13 13.73 -7.01
C VAL A 18 -1.03 13.29 -6.02
N LEU A 19 -1.24 13.64 -4.75
CA LEU A 19 -0.42 13.49 -3.52
C LEU A 19 1.10 13.76 -3.60
N GLU A 20 1.57 14.28 -4.73
CA GLU A 20 2.96 14.66 -5.02
C GLU A 20 3.31 16.09 -4.57
N GLU A 21 2.29 16.87 -4.16
CA GLU A 21 2.40 18.25 -3.67
C GLU A 21 3.24 18.36 -2.39
N ASP A 22 2.85 17.62 -1.34
CA ASP A 22 3.55 17.51 -0.06
C ASP A 22 3.34 16.13 0.58
N TYR A 23 4.44 15.46 0.95
CA TYR A 23 4.47 14.13 1.58
C TYR A 23 5.81 13.92 2.31
N ASP A 24 5.76 13.42 3.54
CA ASP A 24 6.93 13.09 4.35
C ASP A 24 7.24 11.59 4.31
N GLU A 25 8.39 11.26 3.71
CA GLU A 25 8.85 9.89 3.47
C GLU A 25 9.70 9.32 4.62
N THR A 26 10.57 10.15 5.21
CA THR A 26 11.55 9.77 6.25
C THR A 26 10.98 9.63 7.67
N TYR A 27 9.73 9.19 7.79
CA TYR A 27 9.07 8.91 9.06
C TYR A 27 9.58 7.60 9.68
N ILE A 28 9.62 7.59 11.01
CA ILE A 28 10.12 6.50 11.85
C ILE A 28 8.93 5.83 12.54
N PRO A 29 8.66 4.53 12.28
CA PRO A 29 7.49 3.83 12.80
C PRO A 29 7.61 3.45 14.28
N SER A 30 6.52 3.59 15.01
CA SER A 30 6.42 3.19 16.42
C SER A 30 6.14 1.67 16.55
N GLU A 31 6.49 1.06 17.68
CA GLU A 31 6.26 -0.38 17.93
C GLU A 31 4.79 -0.77 17.81
N GLN A 32 3.87 0.09 18.26
CA GLN A 32 2.42 -0.12 18.13
C GLN A 32 1.95 -0.10 16.67
N GLU A 33 2.62 0.66 15.80
CA GLU A 33 2.31 0.73 14.36
C GLU A 33 2.87 -0.51 13.62
N ILE A 34 4.03 -1.00 14.05
CA ILE A 34 4.63 -2.25 13.53
C ILE A 34 3.72 -3.43 13.90
N LEU A 35 3.24 -3.48 15.15
CA LEU A 35 2.29 -4.48 15.63
C LEU A 35 0.93 -4.39 14.92
N GLU A 36 0.45 -3.17 14.64
CA GLU A 36 -0.80 -2.94 13.91
C GLU A 36 -0.70 -3.49 12.48
N PHE A 37 0.35 -3.15 11.72
CA PHE A 37 0.52 -3.71 10.37
C PHE A 37 0.75 -5.22 10.41
N ALA A 38 1.48 -5.75 11.40
CA ALA A 38 1.66 -7.20 11.56
C ALA A 38 0.32 -7.93 11.73
N ARG A 39 -0.52 -7.52 12.68
CA ARG A 39 -1.85 -8.12 12.88
C ARG A 39 -2.80 -7.87 11.69
N GLU A 40 -2.62 -6.78 10.95
CA GLU A 40 -3.39 -6.46 9.74
C GLU A 40 -2.97 -7.27 8.51
N ILE A 41 -1.70 -7.66 8.37
CA ILE A 41 -1.24 -8.54 7.27
C ILE A 41 -1.37 -10.04 7.60
N GLY A 42 -1.85 -10.38 8.80
CA GLY A 42 -2.12 -11.76 9.25
C GLY A 42 -1.00 -12.44 10.04
N ILE A 43 -0.19 -11.69 10.80
CA ILE A 43 0.88 -12.21 11.66
C ILE A 43 0.38 -12.46 13.10
N ASP A 44 0.92 -13.48 13.76
CA ASP A 44 0.78 -13.70 15.20
C ASP A 44 2.05 -13.10 15.85
N PRO A 45 2.03 -11.84 16.34
CA PRO A 45 3.24 -11.16 16.84
C PRO A 45 3.88 -11.81 18.08
N ILE A 46 3.14 -12.67 18.79
CA ILE A 46 3.63 -13.41 19.96
C ILE A 46 4.46 -14.65 19.53
N LYS A 47 4.26 -15.17 18.30
CA LYS A 47 4.87 -16.43 17.81
C LYS A 47 5.69 -16.34 16.52
N GLU A 48 5.56 -15.26 15.74
CA GLU A 48 6.17 -15.13 14.39
C GLU A 48 7.07 -13.87 14.24
N PRO A 49 8.26 -13.84 14.88
CA PRO A 49 9.16 -12.67 14.83
C PRO A 49 9.78 -12.42 13.45
N GLU A 50 9.90 -13.46 12.60
CA GLU A 50 10.41 -13.31 11.23
C GLU A 50 9.35 -12.69 10.31
N LEU A 51 8.09 -13.13 10.45
CA LEU A 51 6.99 -12.49 9.72
C LEU A 51 6.73 -11.07 10.29
N MET A 52 7.25 -10.76 11.49
CA MET A 52 7.29 -9.39 11.99
C MET A 52 8.46 -8.58 11.40
N TRP A 53 9.58 -9.19 10.97
CA TRP A 53 10.60 -8.42 10.22
C TRP A 53 9.97 -7.92 8.93
N LEU A 54 9.16 -8.77 8.28
CA LEU A 54 8.36 -8.39 7.12
C LEU A 54 7.44 -7.21 7.46
N ALA A 55 6.73 -7.27 8.59
CA ALA A 55 5.82 -6.20 9.00
C ALA A 55 6.53 -4.88 9.36
N ARG A 56 7.74 -4.96 9.96
CA ARG A 56 8.61 -3.82 10.32
C ARG A 56 9.07 -3.07 9.07
N GLU A 57 9.29 -3.78 7.96
CA GLU A 57 9.58 -3.17 6.67
C GLU A 57 8.28 -2.62 6.06
N GLY A 58 7.20 -3.42 6.11
CA GLY A 58 5.84 -3.13 5.67
C GLY A 58 5.28 -1.76 6.00
N ILE A 59 5.35 -1.36 7.27
CA ILE A 59 4.79 -0.09 7.77
C ILE A 59 5.44 1.16 7.10
N VAL A 60 6.62 1.02 6.49
CA VAL A 60 7.35 2.07 5.74
C VAL A 60 7.70 1.67 4.30
N ALA A 61 7.16 0.55 3.79
CA ALA A 61 7.49 0.02 2.46
C ALA A 61 6.96 0.89 1.29
N PRO A 62 7.81 1.34 0.36
CA PRO A 62 7.38 2.09 -0.83
C PRO A 62 6.58 1.24 -1.82
N LEU A 63 5.81 1.91 -2.68
CA LEU A 63 5.03 1.28 -3.76
C LEU A 63 5.91 1.03 -5.00
N PRO A 64 5.50 0.12 -5.93
CA PRO A 64 6.21 -0.10 -7.19
C PRO A 64 6.29 1.19 -8.04
N GLY A 65 7.26 1.29 -8.95
CA GLY A 65 7.55 2.46 -9.80
C GLY A 65 6.50 2.83 -10.87
N GLU A 66 5.24 2.51 -10.62
CA GLU A 66 4.08 2.72 -11.49
C GLU A 66 2.77 3.06 -10.72
N TRP A 67 2.69 2.75 -9.43
CA TRP A 67 1.58 3.05 -8.52
C TRP A 67 1.89 4.25 -7.60
N LYS A 68 0.94 5.18 -7.42
CA LYS A 68 1.02 6.29 -6.46
C LYS A 68 -0.39 6.77 -6.04
N PRO A 69 -0.58 7.30 -4.83
CA PRO A 69 -1.88 7.82 -4.38
C PRO A 69 -2.27 9.14 -5.05
N CYS A 70 -3.57 9.41 -5.01
CA CYS A 70 -4.23 10.57 -5.59
C CYS A 70 -5.54 10.87 -4.82
N GLN A 71 -6.01 12.11 -4.88
CA GLN A 71 -7.28 12.52 -4.30
C GLN A 71 -8.37 12.58 -5.39
N ASP A 72 -9.44 11.81 -5.21
CA ASP A 72 -10.63 11.82 -6.06
C ASP A 72 -11.40 13.13 -5.83
N ILE A 73 -12.02 13.65 -6.90
CA ILE A 73 -12.77 14.91 -6.97
C ILE A 73 -13.79 15.12 -5.83
N THR A 74 -14.35 14.06 -5.25
CA THR A 74 -15.26 14.12 -4.09
C THR A 74 -14.55 14.52 -2.78
N GLY A 75 -13.22 14.64 -2.80
CA GLY A 75 -12.35 15.06 -1.69
C GLY A 75 -11.80 13.88 -0.88
N ASP A 76 -11.43 12.75 -1.52
CA ASP A 76 -10.96 11.55 -0.77
C ASP A 76 -9.79 10.79 -1.44
N ILE A 77 -8.91 10.19 -0.65
CA ILE A 77 -7.67 9.52 -1.12
C ILE A 77 -7.90 8.08 -1.61
N TYR A 78 -7.26 7.73 -2.72
CA TYR A 78 -7.21 6.41 -3.35
C TYR A 78 -5.85 6.19 -4.04
N TYR A 79 -5.61 5.00 -4.63
CA TYR A 79 -4.36 4.62 -5.29
C TYR A 79 -4.53 4.32 -6.78
N PHE A 80 -3.57 4.73 -7.61
CA PHE A 80 -3.61 4.58 -9.07
C PHE A 80 -2.27 4.16 -9.69
N ASN A 81 -2.35 3.23 -10.65
CA ASN A 81 -1.29 2.73 -11.51
C ASN A 81 -1.33 3.49 -12.84
N PHE A 82 -0.29 4.28 -13.09
CA PHE A 82 -0.14 5.17 -14.24
C PHE A 82 0.46 4.49 -15.48
N ALA A 83 1.08 3.30 -15.33
CA ALA A 83 1.69 2.55 -16.42
C ALA A 83 0.65 1.80 -17.28
N ASN A 84 -0.41 1.27 -16.67
CA ASN A 84 -1.45 0.50 -17.36
C ASN A 84 -2.91 0.91 -17.04
N GLY A 85 -3.11 1.93 -16.18
CA GLY A 85 -4.43 2.50 -15.87
C GLY A 85 -5.30 1.67 -14.91
N GLN A 86 -4.75 1.25 -13.76
CA GLN A 86 -5.48 0.47 -12.72
C GLN A 86 -5.65 1.27 -11.42
N SER A 87 -6.64 0.91 -10.59
CA SER A 87 -6.98 1.61 -9.34
C SER A 87 -7.27 0.67 -8.16
N MET A 88 -7.02 1.17 -6.94
CA MET A 88 -7.30 0.52 -5.65
C MET A 88 -7.73 1.57 -4.62
N TRP A 89 -8.54 1.19 -3.63
CA TRP A 89 -8.98 2.08 -2.53
C TRP A 89 -8.05 2.02 -1.30
N ASP A 90 -7.10 1.09 -1.29
CA ASP A 90 -6.07 0.88 -0.26
C ASP A 90 -4.68 0.67 -0.90
N HIS A 91 -3.62 0.72 -0.10
CA HIS A 91 -2.22 0.62 -0.54
C HIS A 91 -1.96 -0.67 -1.36
N PRO A 92 -1.38 -0.58 -2.59
CA PRO A 92 -1.04 -1.76 -3.38
C PRO A 92 -0.03 -2.71 -2.72
N CYS A 93 0.83 -2.21 -1.83
CA CYS A 93 1.80 -3.03 -1.08
C CYS A 93 1.15 -3.91 0.01
N ASP A 94 0.01 -3.53 0.57
CA ASP A 94 -0.69 -4.22 1.67
C ASP A 94 -1.15 -5.64 1.26
N GLU A 95 -1.79 -5.77 0.09
CA GLU A 95 -2.19 -7.08 -0.45
C GLU A 95 -0.97 -7.91 -0.88
N HIS A 96 0.07 -7.25 -1.41
CA HIS A 96 1.36 -7.88 -1.74
C HIS A 96 2.01 -8.46 -0.49
N TYR A 97 1.97 -7.74 0.64
CA TYR A 97 2.50 -8.21 1.92
C TYR A 97 1.75 -9.44 2.41
N ARG A 98 0.42 -9.54 2.27
CA ARG A 98 -0.31 -10.78 2.65
C ARG A 98 0.20 -11.98 1.83
N SER A 99 0.33 -11.84 0.51
CA SER A 99 0.88 -12.90 -0.35
C SER A 99 2.33 -13.24 0.00
N LEU A 100 3.16 -12.24 0.31
CA LEU A 100 4.57 -12.42 0.72
C LEU A 100 4.68 -13.16 2.06
N VAL A 101 3.84 -12.80 3.05
CA VAL A 101 3.73 -13.45 4.37
C VAL A 101 3.41 -14.93 4.19
N ILE A 102 2.39 -15.24 3.41
CA ILE A 102 1.92 -16.60 3.13
C ILE A 102 3.03 -17.45 2.48
N GLN A 103 3.78 -16.88 1.54
CA GLN A 103 4.83 -17.58 0.79
C GLN A 103 6.09 -17.79 1.65
N GLU A 104 6.45 -16.82 2.49
CA GLU A 104 7.58 -16.95 3.42
C GLU A 104 7.23 -17.96 4.53
N ARG A 105 6.01 -17.88 5.09
CA ARG A 105 5.51 -18.82 6.10
C ARG A 105 5.47 -20.25 5.55
N ALA A 106 5.02 -20.42 4.29
CA ALA A 106 4.98 -21.73 3.63
C ALA A 106 6.38 -22.34 3.44
N LYS A 107 7.37 -21.58 2.91
CA LYS A 107 8.71 -22.16 2.65
C LYS A 107 9.48 -22.47 3.94
N LEU A 108 9.28 -21.67 4.99
CA LEU A 108 9.90 -21.88 6.30
C LEU A 108 9.27 -23.07 7.05
N SER A 109 7.93 -23.20 7.07
CA SER A 109 7.24 -24.32 7.74
C SER A 109 7.39 -25.65 7.00
N THR A 110 7.55 -25.62 5.67
CA THR A 110 7.79 -26.81 4.83
C THR A 110 9.29 -27.18 4.74
N SER A 111 10.18 -26.34 5.28
CA SER A 111 11.64 -26.49 5.21
C SER A 111 12.17 -26.62 3.77
N GLY A 112 11.64 -25.79 2.88
CA GLY A 112 11.95 -25.75 1.44
C GLY A 112 13.21 -24.94 1.10
N ALA A 113 13.14 -24.19 0.00
CA ALA A 113 14.22 -23.33 -0.49
C ALA A 113 14.51 -22.13 0.44
N ILE A 114 15.73 -21.58 0.34
CA ILE A 114 16.23 -20.42 1.11
C ILE A 114 17.15 -19.52 0.25
N GLY A 1 -5.42 36.90 -20.12
CA GLY A 1 -5.11 38.33 -19.90
C GLY A 1 -6.18 39.02 -19.05
N PRO A 2 -5.90 40.26 -18.57
CA PRO A 2 -6.84 41.03 -17.75
C PRO A 2 -8.08 41.47 -18.52
N LEU A 3 -9.18 41.71 -17.80
CA LEU A 3 -10.51 42.10 -18.32
C LEU A 3 -11.05 41.16 -19.43
N GLY A 4 -10.74 39.87 -19.31
CA GLY A 4 -11.19 38.80 -20.21
C GLY A 4 -12.66 38.39 -20.04
N SER A 5 -13.12 37.47 -20.89
CA SER A 5 -14.48 36.91 -20.88
C SER A 5 -14.48 35.42 -21.28
N MET A 6 -15.54 34.69 -20.92
CA MET A 6 -15.69 33.24 -21.17
C MET A 6 -17.17 32.90 -21.48
N ALA A 7 -17.38 32.02 -22.45
CA ALA A 7 -18.71 31.61 -22.96
C ALA A 7 -19.23 30.27 -22.38
N GLY A 8 -18.69 29.84 -21.23
CA GLY A 8 -19.00 28.58 -20.56
C GLY A 8 -18.23 28.46 -19.23
N ARG A 9 -17.69 27.26 -18.95
CA ARG A 9 -16.87 26.93 -17.77
C ARG A 9 -15.51 26.36 -18.19
N PRO A 10 -14.41 26.63 -17.44
CA PRO A 10 -13.07 26.14 -17.78
C PRO A 10 -12.92 24.62 -17.54
N LEU A 11 -12.04 23.99 -18.32
CA LEU A 11 -11.76 22.54 -18.23
C LEU A 11 -10.79 22.16 -17.09
N ARG A 12 -10.02 23.15 -16.58
CA ARG A 12 -9.08 23.03 -15.43
C ARG A 12 -8.02 21.92 -15.54
N ILE A 13 -7.78 21.35 -16.73
CA ILE A 13 -6.89 20.19 -16.92
C ILE A 13 -7.25 18.99 -16.02
N GLY A 14 -8.55 18.88 -15.67
CA GLY A 14 -9.08 17.87 -14.74
C GLY A 14 -8.65 18.11 -13.28
N ASP A 15 -8.32 19.36 -12.93
CA ASP A 15 -7.80 19.84 -11.63
C ASP A 15 -6.45 19.20 -11.20
N GLN A 16 -5.81 18.38 -12.07
CA GLN A 16 -4.50 17.74 -11.89
C GLN A 16 -4.24 17.20 -10.47
N LEU A 17 -5.23 16.47 -9.94
CA LEU A 17 -5.32 15.93 -8.57
C LEU A 17 -4.36 14.74 -8.27
N VAL A 18 -3.14 14.75 -8.80
CA VAL A 18 -2.09 13.74 -8.56
C VAL A 18 -1.19 14.19 -7.40
N LEU A 19 -0.89 13.29 -6.46
CA LEU A 19 -0.09 13.57 -5.25
C LEU A 19 1.38 13.15 -5.41
N GLU A 20 1.64 11.98 -6.02
CA GLU A 20 3.00 11.48 -6.33
C GLU A 20 3.98 11.45 -5.13
N GLU A 21 3.49 11.10 -3.93
CA GLU A 21 4.30 11.01 -2.70
C GLU A 21 5.18 9.76 -2.68
N ASP A 22 4.57 8.58 -2.79
CA ASP A 22 5.14 7.22 -2.89
C ASP A 22 6.00 6.70 -1.72
N TYR A 23 6.70 7.58 -0.98
CA TYR A 23 7.61 7.27 0.11
C TYR A 23 7.88 8.54 0.94
N ASP A 24 7.87 8.42 2.26
CA ASP A 24 8.18 9.51 3.21
C ASP A 24 9.68 9.85 3.25
N GLU A 25 10.00 11.13 3.50
CA GLU A 25 11.36 11.65 3.51
C GLU A 25 12.29 10.97 4.53
N THR A 26 11.85 10.78 5.78
CA THR A 26 12.57 10.07 6.86
C THR A 26 11.60 9.68 7.98
N TYR A 27 11.42 8.38 8.20
CA TYR A 27 10.54 7.84 9.24
C TYR A 27 11.13 6.63 9.97
N ILE A 28 10.73 6.51 11.24
CA ILE A 28 11.16 5.50 12.20
C ILE A 28 9.88 4.98 12.89
N PRO A 29 9.43 3.74 12.61
CA PRO A 29 8.18 3.20 13.16
C PRO A 29 8.33 2.74 14.61
N SER A 30 7.24 2.87 15.37
CA SER A 30 7.14 2.39 16.76
C SER A 30 6.62 0.94 16.80
N GLU A 31 6.92 0.20 17.87
CA GLU A 31 6.50 -1.20 18.03
C GLU A 31 4.98 -1.37 17.91
N GLN A 32 4.19 -0.42 18.40
CA GLN A 32 2.72 -0.42 18.28
C GLN A 32 2.25 -0.34 16.81
N GLU A 33 2.97 0.39 15.95
CA GLU A 33 2.67 0.52 14.52
C GLU A 33 3.07 -0.75 13.75
N ILE A 34 4.19 -1.37 14.15
CA ILE A 34 4.67 -2.65 13.58
C ILE A 34 3.68 -3.77 13.94
N LEU A 35 3.23 -3.82 15.21
CA LEU A 35 2.21 -4.76 15.69
C LEU A 35 0.88 -4.57 14.97
N GLU A 36 0.46 -3.32 14.71
CA GLU A 36 -0.78 -3.01 13.99
C GLU A 36 -0.72 -3.52 12.54
N PHE A 37 0.37 -3.24 11.79
CA PHE A 37 0.49 -3.76 10.41
C PHE A 37 0.58 -5.30 10.40
N ALA A 38 1.32 -5.91 11.33
CA ALA A 38 1.43 -7.37 11.44
C ALA A 38 0.06 -8.03 11.67
N ARG A 39 -0.71 -7.58 12.67
CA ARG A 39 -2.05 -8.12 12.94
C ARG A 39 -3.04 -7.82 11.81
N GLU A 40 -2.90 -6.69 11.12
CA GLU A 40 -3.73 -6.31 9.97
C GLU A 40 -3.43 -7.12 8.70
N ILE A 41 -2.18 -7.54 8.46
CA ILE A 41 -1.80 -8.39 7.31
C ILE A 41 -1.93 -9.90 7.58
N GLY A 42 -2.44 -10.29 8.77
CA GLY A 42 -2.71 -11.68 9.14
C GLY A 42 -1.56 -12.44 9.81
N ILE A 43 -0.79 -11.78 10.68
CA ILE A 43 0.34 -12.36 11.45
C ILE A 43 0.00 -12.50 12.94
N ASP A 44 0.49 -13.57 13.58
CA ASP A 44 0.44 -13.74 15.03
C ASP A 44 1.75 -13.14 15.62
N PRO A 45 1.71 -11.96 16.27
CA PRO A 45 2.93 -11.29 16.73
C PRO A 45 3.62 -11.99 17.90
N ILE A 46 2.93 -12.92 18.59
CA ILE A 46 3.49 -13.70 19.70
C ILE A 46 4.33 -14.88 19.19
N LYS A 47 3.90 -15.53 18.10
CA LYS A 47 4.53 -16.75 17.55
C LYS A 47 5.30 -16.59 16.23
N GLU A 48 5.19 -15.46 15.51
CA GLU A 48 5.79 -15.26 14.18
C GLU A 48 6.70 -14.01 14.06
N PRO A 49 7.82 -13.93 14.81
CA PRO A 49 8.71 -12.76 14.78
C PRO A 49 9.42 -12.54 13.43
N GLU A 50 9.58 -13.59 12.61
CA GLU A 50 10.16 -13.45 11.26
C GLU A 50 9.19 -12.69 10.34
N LEU A 51 7.90 -13.05 10.39
CA LEU A 51 6.88 -12.34 9.65
C LEU A 51 6.74 -10.90 10.20
N MET A 52 7.18 -10.64 11.44
CA MET A 52 7.24 -9.27 11.97
C MET A 52 8.45 -8.49 11.46
N TRP A 53 9.58 -9.11 11.08
CA TRP A 53 10.66 -8.35 10.39
C TRP A 53 10.07 -7.83 9.08
N LEU A 54 9.28 -8.67 8.42
CA LEU A 54 8.53 -8.32 7.21
C LEU A 54 7.58 -7.13 7.47
N ALA A 55 6.86 -7.15 8.60
CA ALA A 55 5.95 -6.06 8.98
C ALA A 55 6.68 -4.76 9.36
N ARG A 56 7.88 -4.86 9.97
CA ARG A 56 8.74 -3.71 10.31
C ARG A 56 9.21 -2.97 9.06
N GLU A 57 9.44 -3.70 7.96
CA GLU A 57 9.72 -3.09 6.66
C GLU A 57 8.42 -2.52 6.09
N GLY A 58 7.33 -3.30 6.12
CA GLY A 58 5.98 -2.99 5.70
C GLY A 58 5.41 -1.63 6.08
N ILE A 59 5.43 -1.31 7.37
CA ILE A 59 4.85 -0.08 7.93
C ILE A 59 5.49 1.22 7.37
N VAL A 60 6.68 1.15 6.78
CA VAL A 60 7.40 2.27 6.12
C VAL A 60 7.83 1.96 4.68
N ALA A 61 7.28 0.92 4.05
CA ALA A 61 7.67 0.47 2.72
C ALA A 61 7.27 1.47 1.59
N PRO A 62 8.15 1.71 0.59
CA PRO A 62 7.85 2.55 -0.56
C PRO A 62 6.92 1.83 -1.57
N LEU A 63 6.14 2.59 -2.32
CA LEU A 63 5.27 2.04 -3.38
C LEU A 63 6.06 1.75 -4.69
N PRO A 64 5.64 0.77 -5.52
CA PRO A 64 6.27 0.48 -6.81
C PRO A 64 6.19 1.68 -7.77
N GLY A 65 7.18 1.86 -8.64
CA GLY A 65 7.29 3.01 -9.55
C GLY A 65 6.15 3.21 -10.57
N GLU A 66 5.29 2.20 -10.77
CA GLU A 66 4.12 2.27 -11.65
C GLU A 66 2.83 2.77 -10.95
N TRP A 67 2.76 2.68 -9.62
CA TRP A 67 1.64 3.13 -8.77
C TRP A 67 1.94 4.50 -8.12
N LYS A 68 0.95 5.40 -8.06
CA LYS A 68 1.04 6.68 -7.34
C LYS A 68 -0.33 7.20 -6.84
N PRO A 69 -0.39 7.95 -5.72
CA PRO A 69 -1.64 8.45 -5.17
C PRO A 69 -2.22 9.64 -5.94
N CYS A 70 -3.54 9.75 -5.88
CA CYS A 70 -4.38 10.79 -6.44
C CYS A 70 -5.55 11.10 -5.48
N GLN A 71 -6.16 12.28 -5.62
CA GLN A 71 -7.32 12.73 -4.83
C GLN A 71 -8.62 12.65 -5.64
N ASP A 72 -9.69 12.16 -5.01
CA ASP A 72 -11.04 12.12 -5.54
C ASP A 72 -11.82 13.37 -5.11
N ILE A 73 -12.54 13.98 -6.05
CA ILE A 73 -13.30 15.23 -5.88
C ILE A 73 -14.34 15.21 -4.74
N THR A 74 -14.81 14.03 -4.32
CA THR A 74 -15.74 13.88 -3.17
C THR A 74 -15.03 14.05 -1.81
N GLY A 75 -13.70 14.23 -1.81
CA GLY A 75 -12.89 14.44 -0.61
C GLY A 75 -12.21 13.16 -0.10
N ASP A 76 -11.66 12.33 -1.00
CA ASP A 76 -10.98 11.07 -0.63
C ASP A 76 -9.61 10.90 -1.34
N ILE A 77 -8.79 9.95 -0.89
CA ILE A 77 -7.48 9.62 -1.47
C ILE A 77 -7.48 8.16 -1.96
N TYR A 78 -6.93 7.93 -3.16
CA TYR A 78 -6.81 6.61 -3.79
C TYR A 78 -5.47 6.46 -4.52
N TYR A 79 -5.14 5.25 -4.96
CA TYR A 79 -3.91 4.91 -5.69
C TYR A 79 -4.22 4.44 -7.11
N PHE A 80 -3.35 4.77 -8.07
CA PHE A 80 -3.51 4.37 -9.47
C PHE A 80 -2.19 3.92 -10.11
N ASN A 81 -2.27 2.82 -10.86
CA ASN A 81 -1.21 2.23 -11.66
C ASN A 81 -1.29 2.77 -13.10
N PHE A 82 -0.27 3.51 -13.52
CA PHE A 82 -0.21 4.19 -14.82
C PHE A 82 0.33 3.30 -15.95
N ALA A 83 0.93 2.15 -15.63
CA ALA A 83 1.42 1.16 -16.60
C ALA A 83 0.33 0.14 -16.96
N ASN A 84 -0.49 -0.26 -15.96
CA ASN A 84 -1.59 -1.22 -16.11
C ASN A 84 -2.97 -0.56 -16.32
N GLY A 85 -3.13 0.72 -15.94
CA GLY A 85 -4.41 1.45 -16.01
C GLY A 85 -5.42 0.94 -14.97
N GLN A 86 -4.98 0.76 -13.72
CA GLN A 86 -5.78 0.16 -12.63
C GLN A 86 -5.81 1.04 -11.36
N SER A 87 -6.97 1.11 -10.69
CA SER A 87 -7.17 1.82 -9.43
C SER A 87 -7.23 0.90 -8.20
N MET A 88 -6.92 1.46 -7.02
CA MET A 88 -6.98 0.85 -5.69
C MET A 88 -7.37 1.91 -4.65
N TRP A 89 -8.29 1.58 -3.73
CA TRP A 89 -8.72 2.51 -2.65
C TRP A 89 -7.93 2.32 -1.34
N ASP A 90 -6.93 1.45 -1.35
CA ASP A 90 -5.99 1.12 -0.26
C ASP A 90 -4.56 1.01 -0.84
N HIS A 91 -3.54 1.02 0.02
CA HIS A 91 -2.12 0.98 -0.39
C HIS A 91 -1.79 -0.28 -1.22
N PRO A 92 -1.30 -0.15 -2.47
CA PRO A 92 -1.00 -1.31 -3.33
C PRO A 92 0.01 -2.31 -2.75
N CYS A 93 0.90 -1.87 -1.85
CA CYS A 93 1.86 -2.75 -1.17
C CYS A 93 1.20 -3.73 -0.17
N ASP A 94 -0.01 -3.45 0.33
CA ASP A 94 -0.74 -4.30 1.29
C ASP A 94 -1.07 -5.69 0.71
N GLU A 95 -1.56 -5.75 -0.53
CA GLU A 95 -1.84 -7.00 -1.23
C GLU A 95 -0.55 -7.81 -1.45
N HIS A 96 0.53 -7.11 -1.82
CA HIS A 96 1.87 -7.68 -1.98
C HIS A 96 2.38 -8.24 -0.66
N TYR A 97 2.25 -7.50 0.46
CA TYR A 97 2.71 -7.95 1.78
C TYR A 97 1.92 -9.16 2.28
N ARG A 98 0.61 -9.25 2.03
CA ARG A 98 -0.18 -10.44 2.40
C ARG A 98 0.37 -11.69 1.69
N SER A 99 0.58 -11.61 0.38
CA SER A 99 1.19 -12.72 -0.40
C SER A 99 2.62 -13.03 0.05
N LEU A 100 3.42 -12.01 0.36
CA LEU A 100 4.81 -12.16 0.81
C LEU A 100 4.89 -12.85 2.19
N VAL A 101 4.01 -12.48 3.12
CA VAL A 101 3.86 -13.09 4.46
C VAL A 101 3.52 -14.57 4.32
N ILE A 102 2.56 -14.91 3.48
CA ILE A 102 2.12 -16.27 3.19
C ILE A 102 3.25 -17.13 2.59
N GLN A 103 4.02 -16.58 1.65
CA GLN A 103 5.12 -17.29 1.00
C GLN A 103 6.32 -17.49 1.94
N GLU A 104 6.65 -16.50 2.78
CA GLU A 104 7.70 -16.66 3.80
C GLU A 104 7.24 -17.64 4.89
N ARG A 105 5.97 -17.60 5.30
CA ARG A 105 5.38 -18.54 6.27
C ARG A 105 5.45 -19.97 5.74
N ALA A 106 5.18 -20.19 4.45
CA ALA A 106 5.29 -21.50 3.81
C ALA A 106 6.75 -22.01 3.77
N LYS A 107 7.73 -21.13 3.52
CA LYS A 107 9.17 -21.45 3.52
C LYS A 107 9.63 -21.83 4.93
N LEU A 108 9.23 -21.09 5.96
CA LEU A 108 9.55 -21.38 7.36
C LEU A 108 8.89 -22.69 7.82
N SER A 109 7.63 -22.93 7.45
CA SER A 109 6.90 -24.17 7.77
C SER A 109 7.52 -25.40 7.11
N THR A 110 8.02 -25.26 5.87
CA THR A 110 8.72 -26.34 5.14
C THR A 110 10.09 -26.60 5.75
N SER A 111 10.89 -25.54 6.00
CA SER A 111 12.23 -25.64 6.56
C SER A 111 12.25 -26.23 7.98
N GLY A 112 11.23 -25.95 8.79
CA GLY A 112 11.06 -26.50 10.14
C GLY A 112 10.73 -28.00 10.18
N ALA A 113 10.36 -28.60 9.05
CA ALA A 113 10.06 -30.04 8.92
C ALA A 113 11.27 -30.90 8.47
N ILE A 114 12.42 -30.27 8.19
CA ILE A 114 13.68 -30.93 7.77
C ILE A 114 14.41 -31.54 8.97
N GLY A 1 -26.99 2.06 -5.68
CA GLY A 1 -27.98 2.19 -4.58
C GLY A 1 -28.57 3.59 -4.49
N PRO A 2 -29.28 3.92 -3.38
CA PRO A 2 -29.93 5.22 -3.18
C PRO A 2 -28.95 6.40 -3.23
N LEU A 3 -29.44 7.55 -3.71
CA LEU A 3 -28.70 8.82 -3.87
C LEU A 3 -27.39 8.70 -4.70
N GLY A 4 -27.33 7.74 -5.61
CA GLY A 4 -26.20 7.52 -6.52
C GLY A 4 -26.02 8.67 -7.53
N SER A 5 -24.77 8.95 -7.91
CA SER A 5 -24.38 10.03 -8.83
C SER A 5 -23.11 9.69 -9.63
N MET A 6 -23.03 10.18 -10.86
CA MET A 6 -21.87 10.03 -11.75
C MET A 6 -20.75 10.98 -11.31
N ALA A 7 -19.50 10.49 -11.25
CA ALA A 7 -18.33 11.25 -10.75
C ALA A 7 -17.26 11.62 -11.80
N GLY A 8 -17.50 11.25 -13.06
CA GLY A 8 -16.67 11.56 -14.24
C GLY A 8 -17.06 12.88 -14.94
N ARG A 9 -17.67 13.81 -14.20
CA ARG A 9 -18.21 15.09 -14.68
C ARG A 9 -17.13 16.04 -15.23
N PRO A 10 -17.48 16.98 -16.13
CA PRO A 10 -16.52 17.97 -16.66
C PRO A 10 -16.01 18.93 -15.58
N LEU A 11 -16.76 19.12 -14.48
CA LEU A 11 -16.37 19.95 -13.33
C LEU A 11 -15.07 19.40 -12.73
N ARG A 12 -13.96 20.13 -12.94
CA ARG A 12 -12.59 19.73 -12.55
C ARG A 12 -12.19 18.33 -13.07
N ILE A 13 -12.82 17.86 -14.15
CA ILE A 13 -12.65 16.50 -14.74
C ILE A 13 -12.98 15.40 -13.68
N GLY A 14 -13.71 15.73 -12.62
CA GLY A 14 -13.95 14.82 -11.49
C GLY A 14 -12.78 14.88 -10.50
N ASP A 15 -12.34 16.10 -10.19
CA ASP A 15 -11.20 16.52 -9.37
C ASP A 15 -9.82 16.06 -9.89
N GLN A 16 -9.59 14.75 -10.00
CA GLN A 16 -8.39 14.08 -10.55
C GLN A 16 -7.03 14.61 -10.03
N LEU A 17 -6.99 15.20 -8.84
CA LEU A 17 -5.77 15.80 -8.28
C LEU A 17 -4.73 14.73 -7.90
N VAL A 18 -3.54 14.81 -8.50
CA VAL A 18 -2.40 13.93 -8.19
C VAL A 18 -1.74 14.39 -6.89
N LEU A 19 -1.35 13.45 -6.04
CA LEU A 19 -0.77 13.66 -4.71
C LEU A 19 0.61 13.00 -4.62
N GLU A 20 1.30 13.38 -3.56
CA GLU A 20 2.65 12.92 -3.18
C GLU A 20 2.74 12.72 -1.65
N GLU A 21 3.59 11.80 -1.20
CA GLU A 21 3.88 11.51 0.20
C GLU A 21 5.15 12.23 0.69
N ASP A 22 5.56 11.89 1.90
CA ASP A 22 6.76 12.42 2.59
C ASP A 22 8.06 11.72 2.14
N TYR A 23 9.21 12.34 2.41
CA TYR A 23 10.54 11.81 2.07
C TYR A 23 11.55 12.11 3.20
N ASP A 24 12.23 11.06 3.63
CA ASP A 24 13.30 11.05 4.63
C ASP A 24 14.34 9.95 4.30
N GLU A 25 15.55 10.08 4.81
CA GLU A 25 16.68 9.20 4.52
C GLU A 25 16.51 7.75 5.02
N THR A 26 16.06 7.57 6.27
CA THR A 26 15.78 6.27 6.91
C THR A 26 14.83 6.44 8.09
N TYR A 27 13.89 5.50 8.25
CA TYR A 27 12.94 5.46 9.36
C TYR A 27 13.14 4.24 10.27
N ILE A 28 12.84 4.45 11.55
CA ILE A 28 13.02 3.49 12.65
C ILE A 28 11.68 3.41 13.40
N PRO A 29 10.79 2.46 13.05
CA PRO A 29 9.48 2.33 13.69
C PRO A 29 9.61 1.74 15.11
N SER A 30 8.70 2.14 16.00
CA SER A 30 8.64 1.62 17.38
C SER A 30 7.98 0.24 17.42
N GLU A 31 8.31 -0.58 18.43
CA GLU A 31 7.80 -1.97 18.54
C GLU A 31 6.26 -2.05 18.54
N GLN A 32 5.57 -1.12 19.18
CA GLN A 32 4.10 -1.07 19.18
C GLN A 32 3.53 -0.80 17.77
N GLU A 33 4.24 -0.07 16.92
CA GLU A 33 3.86 0.21 15.53
C GLU A 33 4.12 -1.02 14.64
N ILE A 34 5.22 -1.75 14.90
CA ILE A 34 5.55 -3.00 14.20
C ILE A 34 4.49 -4.08 14.55
N LEU A 35 4.11 -4.17 15.83
CA LEU A 35 3.05 -5.08 16.32
C LEU A 35 1.69 -4.75 15.68
N GLU A 36 1.36 -3.46 15.56
CA GLU A 36 0.12 -3.02 14.90
C GLU A 36 0.12 -3.35 13.40
N PHE A 37 1.23 -3.10 12.68
CA PHE A 37 1.33 -3.49 11.26
C PHE A 37 1.25 -5.00 11.08
N ALA A 38 1.90 -5.78 11.96
CA ALA A 38 1.84 -7.24 11.93
C ALA A 38 0.39 -7.76 12.05
N ARG A 39 -0.38 -7.28 13.04
CA ARG A 39 -1.79 -7.66 13.18
C ARG A 39 -2.65 -7.16 12.01
N GLU A 40 -2.29 -6.04 11.38
CA GLU A 40 -2.96 -5.51 10.19
C GLU A 40 -2.63 -6.32 8.92
N ILE A 41 -1.41 -6.87 8.78
CA ILE A 41 -1.02 -7.73 7.65
C ILE A 41 -1.31 -9.24 7.88
N GLY A 42 -2.18 -9.57 8.86
CA GLY A 42 -2.67 -10.92 9.14
C GLY A 42 -1.79 -11.84 9.99
N ILE A 43 -0.92 -11.28 10.85
CA ILE A 43 0.05 -12.02 11.68
C ILE A 43 -0.37 -12.06 13.16
N ASP A 44 -0.01 -13.13 13.88
CA ASP A 44 0.01 -13.16 15.35
C ASP A 44 1.48 -12.98 15.80
N PRO A 45 2.00 -11.74 15.92
CA PRO A 45 3.41 -11.46 16.18
C PRO A 45 4.03 -12.19 17.38
N ILE A 46 3.23 -12.54 18.39
CA ILE A 46 3.67 -13.29 19.59
C ILE A 46 4.32 -14.64 19.23
N LYS A 47 3.92 -15.25 18.10
CA LYS A 47 4.37 -16.58 17.66
C LYS A 47 5.00 -16.61 16.26
N GLU A 48 5.24 -15.45 15.64
CA GLU A 48 5.69 -15.33 14.24
C GLU A 48 6.80 -14.25 14.03
N PRO A 49 7.98 -14.36 14.66
CA PRO A 49 9.05 -13.33 14.57
C PRO A 49 9.60 -13.13 13.16
N GLU A 50 9.61 -14.14 12.29
CA GLU A 50 10.04 -13.99 10.89
C GLU A 50 9.04 -13.10 10.14
N LEU A 51 7.75 -13.35 10.36
CA LEU A 51 6.68 -12.53 9.79
C LEU A 51 6.71 -11.12 10.42
N MET A 52 7.33 -10.93 11.58
CA MET A 52 7.54 -9.60 12.15
C MET A 52 8.67 -8.84 11.44
N TRP A 53 9.73 -9.48 10.94
CA TRP A 53 10.73 -8.76 10.12
C TRP A 53 10.00 -8.21 8.88
N LEU A 54 9.10 -9.03 8.33
CA LEU A 54 8.21 -8.63 7.23
C LEU A 54 7.34 -7.43 7.59
N ALA A 55 6.77 -7.38 8.80
CA ALA A 55 5.92 -6.27 9.26
C ALA A 55 6.72 -4.98 9.55
N ARG A 56 7.96 -5.12 10.03
CA ARG A 56 8.90 -3.99 10.23
C ARG A 56 9.19 -3.35 8.87
N GLU A 57 9.41 -4.17 7.84
CA GLU A 57 9.57 -3.69 6.46
C GLU A 57 8.24 -3.09 5.95
N GLY A 58 7.13 -3.74 6.29
CA GLY A 58 5.74 -3.35 6.03
C GLY A 58 5.45 -1.87 6.25
N ILE A 59 5.71 -1.39 7.46
CA ILE A 59 5.39 -0.01 7.87
C ILE A 59 6.33 1.06 7.28
N VAL A 60 7.52 0.71 6.78
CA VAL A 60 8.49 1.68 6.20
C VAL A 60 8.59 1.67 4.67
N ALA A 61 8.13 0.61 4.00
CA ALA A 61 8.23 0.47 2.55
C ALA A 61 7.33 1.47 1.77
N PRO A 62 7.88 2.22 0.78
CA PRO A 62 7.11 3.13 -0.06
C PRO A 62 6.41 2.40 -1.23
N LEU A 63 5.59 3.12 -2.01
CA LEU A 63 4.93 2.58 -3.20
C LEU A 63 5.94 2.08 -4.27
N PRO A 64 5.56 1.12 -5.14
CA PRO A 64 6.42 0.68 -6.24
C PRO A 64 6.65 1.82 -7.24
N GLY A 65 7.73 1.74 -8.02
CA GLY A 65 8.19 2.77 -8.98
C GLY A 65 7.29 3.12 -10.17
N GLU A 66 5.99 2.78 -10.11
CA GLU A 66 4.97 3.07 -11.13
C GLU A 66 3.65 3.64 -10.58
N TRP A 67 3.38 3.50 -9.27
CA TRP A 67 2.13 3.92 -8.61
C TRP A 67 2.25 5.30 -7.94
N LYS A 68 1.16 6.09 -7.97
CA LYS A 68 1.00 7.39 -7.30
C LYS A 68 -0.41 7.56 -6.74
N PRO A 69 -0.60 8.21 -5.58
CA PRO A 69 -1.92 8.50 -5.03
C PRO A 69 -2.57 9.70 -5.71
N CYS A 70 -3.90 9.71 -5.71
CA CYS A 70 -4.76 10.72 -6.33
C CYS A 70 -6.06 10.90 -5.53
N GLN A 71 -6.77 12.01 -5.75
CA GLN A 71 -8.04 12.35 -5.11
C GLN A 71 -9.22 12.27 -6.09
N ASP A 72 -10.36 11.77 -5.58
CA ASP A 72 -11.65 11.67 -6.27
C ASP A 72 -12.64 12.74 -5.73
N ILE A 73 -13.43 13.34 -6.64
CA ILE A 73 -14.38 14.43 -6.36
C ILE A 73 -15.43 14.13 -5.27
N THR A 74 -15.71 12.85 -4.98
CA THR A 74 -16.60 12.44 -3.88
C THR A 74 -15.97 12.67 -2.48
N GLY A 75 -14.73 13.16 -2.42
CA GLY A 75 -13.96 13.39 -1.20
C GLY A 75 -13.20 12.14 -0.74
N ASP A 76 -12.65 11.38 -1.69
CA ASP A 76 -11.97 10.10 -1.43
C ASP A 76 -10.56 10.02 -2.06
N ILE A 77 -9.72 9.09 -1.59
CA ILE A 77 -8.33 8.89 -2.02
C ILE A 77 -8.17 7.51 -2.66
N TYR A 78 -7.46 7.44 -3.80
CA TYR A 78 -7.18 6.21 -4.55
C TYR A 78 -5.74 6.18 -5.06
N TYR A 79 -5.27 5.00 -5.52
CA TYR A 79 -3.94 4.76 -6.08
C TYR A 79 -4.00 4.44 -7.57
N PHE A 80 -3.02 4.92 -8.34
CA PHE A 80 -2.99 4.79 -9.79
C PHE A 80 -1.58 4.57 -10.37
N ASN A 81 -1.46 3.59 -11.26
CA ASN A 81 -0.28 3.25 -12.06
C ASN A 81 -0.57 3.59 -13.54
N PHE A 82 0.33 4.39 -14.12
CA PHE A 82 0.26 4.90 -15.48
C PHE A 82 0.32 3.80 -16.56
N ALA A 83 0.94 2.66 -16.29
CA ALA A 83 0.98 1.51 -17.18
C ALA A 83 -0.42 0.88 -17.30
N ASN A 84 -0.99 0.92 -18.52
CA ASN A 84 -2.35 0.47 -18.85
C ASN A 84 -3.48 1.14 -18.01
N GLY A 85 -3.17 2.25 -17.31
CA GLY A 85 -4.13 3.02 -16.51
C GLY A 85 -4.76 2.23 -15.35
N GLN A 86 -3.97 1.43 -14.63
CA GLN A 86 -4.43 0.56 -13.55
C GLN A 86 -4.70 1.34 -12.24
N SER A 87 -5.83 1.06 -11.59
CA SER A 87 -6.28 1.75 -10.36
C SER A 87 -6.60 0.79 -9.20
N MET A 88 -6.43 1.27 -7.95
CA MET A 88 -6.77 0.56 -6.71
C MET A 88 -7.39 1.53 -5.67
N TRP A 89 -8.36 1.05 -4.90
CA TRP A 89 -9.05 1.81 -3.84
C TRP A 89 -8.37 1.70 -2.46
N ASP A 90 -7.31 0.89 -2.37
CA ASP A 90 -6.46 0.66 -1.19
C ASP A 90 -4.98 0.63 -1.60
N HIS A 91 -4.07 0.74 -0.63
CA HIS A 91 -2.61 0.76 -0.87
C HIS A 91 -2.14 -0.52 -1.59
N PRO A 92 -1.40 -0.42 -2.71
CA PRO A 92 -0.86 -1.59 -3.43
C PRO A 92 0.05 -2.49 -2.57
N CYS A 93 0.84 -1.89 -1.67
CA CYS A 93 1.78 -2.61 -0.80
C CYS A 93 1.11 -3.42 0.31
N ASP A 94 -0.03 -2.96 0.83
CA ASP A 94 -0.77 -3.56 1.94
C ASP A 94 -1.30 -4.96 1.61
N GLU A 95 -1.99 -5.11 0.47
CA GLU A 95 -2.47 -6.43 0.00
C GLU A 95 -1.29 -7.31 -0.44
N HIS A 96 -0.23 -6.72 -1.00
CA HIS A 96 1.01 -7.43 -1.35
C HIS A 96 1.65 -8.04 -0.09
N TYR A 97 1.71 -7.29 1.02
CA TYR A 97 2.28 -7.78 2.28
C TYR A 97 1.45 -8.92 2.87
N ARG A 98 0.11 -8.92 2.76
CA ARG A 98 -0.70 -10.07 3.22
C ARG A 98 -0.35 -11.34 2.43
N SER A 99 -0.27 -11.25 1.10
CA SER A 99 0.15 -12.37 0.25
C SER A 99 1.59 -12.82 0.54
N LEU A 100 2.51 -11.88 0.80
CA LEU A 100 3.90 -12.16 1.14
C LEU A 100 4.02 -12.89 2.50
N VAL A 101 3.25 -12.49 3.51
CA VAL A 101 3.16 -13.14 4.83
C VAL A 101 2.76 -14.61 4.66
N ILE A 102 1.70 -14.85 3.88
CA ILE A 102 1.18 -16.19 3.59
C ILE A 102 2.21 -17.07 2.89
N GLN A 103 2.92 -16.52 1.90
CA GLN A 103 3.90 -17.27 1.10
C GLN A 103 5.19 -17.54 1.89
N GLU A 104 5.65 -16.61 2.73
CA GLU A 104 6.80 -16.84 3.61
C GLU A 104 6.43 -17.85 4.69
N ARG A 105 5.22 -17.77 5.27
CA ARG A 105 4.76 -18.74 6.28
C ARG A 105 4.62 -20.15 5.69
N ALA A 106 4.14 -20.27 4.45
CA ALA A 106 4.06 -21.55 3.75
C ALA A 106 5.44 -22.19 3.53
N LYS A 107 6.45 -21.37 3.17
CA LYS A 107 7.84 -21.81 2.95
C LYS A 107 8.51 -22.25 4.26
N LEU A 108 8.25 -21.54 5.35
CA LEU A 108 8.72 -21.90 6.69
C LEU A 108 8.04 -23.16 7.24
N SER A 109 6.77 -23.40 6.86
CA SER A 109 5.98 -24.57 7.29
C SER A 109 6.32 -25.84 6.50
N THR A 110 6.68 -25.72 5.21
CA THR A 110 6.98 -26.85 4.31
C THR A 110 8.47 -27.19 4.19
N SER A 111 9.37 -26.29 4.62
CA SER A 111 10.84 -26.46 4.61
C SER A 111 11.44 -26.69 3.19
N GLY A 112 12.73 -27.04 3.11
CA GLY A 112 13.44 -27.29 1.85
C GLY A 112 13.97 -26.02 1.15
N ALA A 113 14.00 -24.89 1.84
CA ALA A 113 14.52 -23.60 1.35
C ALA A 113 15.43 -22.93 2.40
N ILE A 114 16.41 -22.13 1.93
CA ILE A 114 17.41 -21.40 2.74
C ILE A 114 17.50 -19.94 2.26
N GLY A 1 8.06 22.12 -27.78
CA GLY A 1 8.98 21.05 -27.35
C GLY A 1 8.31 19.67 -27.40
N PRO A 2 9.10 18.57 -27.49
CA PRO A 2 8.58 17.21 -27.56
C PRO A 2 7.83 16.80 -26.28
N LEU A 3 6.84 15.91 -26.44
CA LEU A 3 5.93 15.41 -25.39
C LEU A 3 5.10 16.48 -24.64
N GLY A 4 5.10 17.74 -25.10
CA GLY A 4 4.30 18.83 -24.53
C GLY A 4 2.84 18.80 -25.00
N SER A 5 1.91 18.77 -24.05
CA SER A 5 0.45 18.70 -24.29
C SER A 5 -0.34 19.54 -23.28
N MET A 6 -1.46 20.13 -23.73
CA MET A 6 -2.40 20.91 -22.91
C MET A 6 -3.82 20.85 -23.51
N ALA A 7 -4.83 20.72 -22.65
CA ALA A 7 -6.25 20.63 -23.03
C ALA A 7 -6.92 22.01 -23.20
N GLY A 8 -6.17 23.01 -23.71
CA GLY A 8 -6.59 24.41 -23.86
C GLY A 8 -6.60 25.22 -22.55
N ARG A 9 -6.84 24.54 -21.42
CA ARG A 9 -6.84 25.06 -20.04
C ARG A 9 -6.33 23.96 -19.08
N PRO A 10 -5.55 24.28 -18.03
CA PRO A 10 -5.06 23.29 -17.07
C PRO A 10 -6.17 22.81 -16.13
N LEU A 11 -6.94 21.81 -16.59
CA LEU A 11 -8.11 21.23 -15.90
C LEU A 11 -7.78 19.98 -15.05
N ARG A 12 -6.51 19.54 -15.00
CA ARG A 12 -6.04 18.38 -14.21
C ARG A 12 -6.82 17.09 -14.51
N ILE A 13 -7.14 16.83 -15.78
CA ILE A 13 -7.95 15.69 -16.25
C ILE A 13 -9.33 15.64 -15.55
N GLY A 14 -9.84 16.80 -15.12
CA GLY A 14 -11.07 16.93 -14.32
C GLY A 14 -10.78 16.87 -12.82
N ASP A 15 -9.86 17.71 -12.33
CA ASP A 15 -9.43 17.82 -10.94
C ASP A 15 -8.96 16.50 -10.28
N GLN A 16 -8.34 15.62 -11.08
CA GLN A 16 -7.77 14.34 -10.63
C GLN A 16 -6.44 14.52 -9.86
N LEU A 17 -5.82 15.71 -9.97
CA LEU A 17 -4.63 16.25 -9.30
C LEU A 17 -3.66 15.23 -8.65
N VAL A 18 -2.48 15.05 -9.24
CA VAL A 18 -1.40 14.19 -8.67
C VAL A 18 -0.89 14.82 -7.36
N LEU A 19 -0.68 13.99 -6.34
CA LEU A 19 -0.33 14.38 -4.97
C LEU A 19 1.10 14.01 -4.52
N GLU A 20 2.00 13.69 -5.46
CA GLU A 20 3.40 13.38 -5.16
C GLU A 20 4.11 14.58 -4.49
N GLU A 21 4.74 14.35 -3.32
CA GLU A 21 5.38 15.39 -2.50
C GLU A 21 6.68 14.91 -1.84
N ASP A 22 6.64 13.79 -1.09
CA ASP A 22 7.78 13.16 -0.40
C ASP A 22 8.54 14.12 0.56
N TYR A 23 7.79 14.80 1.44
CA TYR A 23 8.34 15.78 2.41
C TYR A 23 9.27 15.15 3.46
N ASP A 24 9.06 13.86 3.80
CA ASP A 24 9.89 13.07 4.72
C ASP A 24 10.62 11.94 3.97
N GLU A 25 11.89 11.71 4.30
CA GLU A 25 12.75 10.71 3.63
C GLU A 25 12.60 9.30 4.23
N THR A 26 12.55 9.20 5.56
CA THR A 26 12.50 7.94 6.33
C THR A 26 11.57 8.01 7.55
N TYR A 27 11.14 6.83 8.01
CA TYR A 27 10.31 6.65 9.19
C TYR A 27 10.83 5.52 10.08
N ILE A 28 10.71 5.74 11.39
CA ILE A 28 11.19 4.85 12.45
C ILE A 28 9.95 4.43 13.26
N PRO A 29 9.36 3.24 12.99
CA PRO A 29 8.13 2.79 13.63
C PRO A 29 8.40 2.20 15.03
N SER A 30 7.44 2.39 15.94
CA SER A 30 7.48 1.83 17.30
C SER A 30 6.83 0.43 17.34
N GLU A 31 7.13 -0.35 18.37
CA GLU A 31 6.67 -1.75 18.50
C GLU A 31 5.14 -1.88 18.41
N GLN A 32 4.37 -0.95 19.01
CA GLN A 32 2.90 -0.95 18.92
C GLN A 32 2.38 -0.79 17.48
N GLU A 33 3.08 -0.05 16.61
CA GLU A 33 2.69 0.13 15.21
C GLU A 33 3.13 -1.06 14.35
N ILE A 34 4.28 -1.67 14.66
CA ILE A 34 4.76 -2.90 14.00
C ILE A 34 3.78 -4.06 14.30
N LEU A 35 3.35 -4.17 15.56
CA LEU A 35 2.34 -5.15 16.00
C LEU A 35 0.98 -4.91 15.29
N GLU A 36 0.59 -3.65 15.10
CA GLU A 36 -0.65 -3.31 14.41
C GLU A 36 -0.60 -3.71 12.92
N PHE A 37 0.48 -3.39 12.18
CA PHE A 37 0.57 -3.84 10.78
C PHE A 37 0.68 -5.37 10.68
N ALA A 38 1.38 -6.03 11.61
CA ALA A 38 1.46 -7.49 11.65
C ALA A 38 0.06 -8.11 11.78
N ARG A 39 -0.75 -7.66 12.74
CA ARG A 39 -2.14 -8.15 12.90
C ARG A 39 -3.04 -7.74 11.74
N GLU A 40 -2.83 -6.57 11.14
CA GLU A 40 -3.58 -6.09 9.97
C GLU A 40 -3.27 -6.91 8.71
N ILE A 41 -2.03 -7.41 8.53
CA ILE A 41 -1.66 -8.27 7.40
C ILE A 41 -1.93 -9.78 7.65
N GLY A 42 -2.50 -10.14 8.80
CA GLY A 42 -2.93 -11.51 9.16
C GLY A 42 -1.96 -12.34 10.02
N ILE A 43 -0.97 -11.73 10.68
CA ILE A 43 0.04 -12.37 11.53
C ILE A 43 -0.43 -12.43 13.00
N ASP A 44 0.01 -13.45 13.74
CA ASP A 44 -0.08 -13.50 15.21
C ASP A 44 1.34 -13.26 15.77
N PRO A 45 1.81 -11.99 15.88
CA PRO A 45 3.18 -11.63 16.24
C PRO A 45 3.76 -12.25 17.52
N ILE A 46 2.92 -12.75 18.44
CA ILE A 46 3.36 -13.44 19.67
C ILE A 46 4.23 -14.68 19.37
N LYS A 47 4.04 -15.33 18.20
CA LYS A 47 4.73 -16.57 17.79
C LYS A 47 5.33 -16.55 16.37
N GLU A 48 5.39 -15.38 15.73
CA GLU A 48 5.84 -15.22 14.33
C GLU A 48 6.90 -14.10 14.14
N PRO A 49 8.05 -14.12 14.84
CA PRO A 49 9.06 -13.03 14.79
C PRO A 49 9.68 -12.80 13.39
N GLU A 50 9.78 -13.83 12.55
CA GLU A 50 10.28 -13.65 11.17
C GLU A 50 9.27 -12.81 10.35
N LEU A 51 7.98 -13.13 10.55
CA LEU A 51 6.90 -12.39 9.91
C LEU A 51 6.77 -10.98 10.53
N MET A 52 7.39 -10.73 11.69
CA MET A 52 7.48 -9.38 12.26
C MET A 52 8.61 -8.55 11.62
N TRP A 53 9.73 -9.15 11.19
CA TRP A 53 10.73 -8.36 10.41
C TRP A 53 10.06 -7.89 9.12
N LEU A 54 9.25 -8.77 8.52
CA LEU A 54 8.41 -8.44 7.36
C LEU A 54 7.45 -7.29 7.68
N ALA A 55 6.79 -7.32 8.85
CA ALA A 55 5.83 -6.29 9.24
C ALA A 55 6.50 -4.93 9.52
N ARG A 56 7.72 -4.94 10.10
CA ARG A 56 8.53 -3.74 10.35
C ARG A 56 8.92 -3.05 9.04
N GLU A 57 9.21 -3.81 7.99
CA GLU A 57 9.47 -3.28 6.65
C GLU A 57 8.14 -2.80 6.01
N GLY A 58 7.08 -3.61 6.14
CA GLY A 58 5.72 -3.37 5.70
C GLY A 58 5.16 -1.98 5.97
N ILE A 59 5.26 -1.53 7.22
CA ILE A 59 4.69 -0.25 7.66
C ILE A 59 5.46 0.99 7.13
N VAL A 60 6.70 0.83 6.62
CA VAL A 60 7.53 1.93 6.08
C VAL A 60 7.80 1.85 4.57
N ALA A 61 7.51 0.72 3.92
CA ALA A 61 7.79 0.50 2.51
C ALA A 61 6.98 1.44 1.58
N PRO A 62 7.60 1.99 0.50
CA PRO A 62 6.93 2.83 -0.48
C PRO A 62 6.07 2.00 -1.47
N LEU A 63 5.24 2.68 -2.25
CA LEU A 63 4.41 2.08 -3.31
C LEU A 63 5.27 1.65 -4.52
N PRO A 64 4.79 0.74 -5.40
CA PRO A 64 5.51 0.36 -6.61
C PRO A 64 5.62 1.56 -7.58
N GLY A 65 6.62 1.55 -8.46
CA GLY A 65 6.93 2.67 -9.37
C GLY A 65 5.79 3.21 -10.24
N GLU A 66 4.78 2.38 -10.55
CA GLU A 66 3.64 2.79 -11.40
C GLU A 66 2.46 3.39 -10.62
N TRP A 67 2.30 3.08 -9.33
CA TRP A 67 1.24 3.58 -8.44
C TRP A 67 1.63 4.93 -7.84
N LYS A 68 0.82 5.98 -8.09
CA LYS A 68 1.02 7.32 -7.54
C LYS A 68 -0.27 7.88 -6.92
N PRO A 69 -0.19 8.68 -5.83
CA PRO A 69 -1.37 9.27 -5.21
C PRO A 69 -1.95 10.41 -6.05
N CYS A 70 -3.28 10.44 -6.09
CA CYS A 70 -4.12 11.34 -6.86
C CYS A 70 -5.36 11.72 -6.02
N GLN A 71 -6.10 12.75 -6.45
CA GLN A 71 -7.34 13.19 -5.81
C GLN A 71 -8.56 12.51 -6.48
N ASP A 72 -9.41 11.88 -5.68
CA ASP A 72 -10.67 11.29 -6.14
C ASP A 72 -11.74 12.38 -6.25
N ILE A 73 -12.55 12.32 -7.31
CA ILE A 73 -13.60 13.31 -7.66
C ILE A 73 -14.63 13.57 -6.55
N THR A 74 -14.84 12.63 -5.62
CA THR A 74 -15.73 12.80 -4.46
C THR A 74 -15.11 13.66 -3.34
N GLY A 75 -13.88 14.15 -3.53
CA GLY A 75 -13.11 14.93 -2.55
C GLY A 75 -12.29 14.04 -1.61
N ASP A 76 -11.69 12.97 -2.14
CA ASP A 76 -10.94 11.98 -1.33
C ASP A 76 -9.52 11.68 -1.89
N ILE A 77 -8.75 10.82 -1.21
CA ILE A 77 -7.35 10.48 -1.54
C ILE A 77 -7.24 9.00 -1.93
N TYR A 78 -6.61 8.71 -3.07
CA TYR A 78 -6.41 7.35 -3.59
C TYR A 78 -5.12 7.24 -4.45
N TYR A 79 -4.77 6.04 -4.91
CA TYR A 79 -3.63 5.78 -5.80
C TYR A 79 -4.07 5.29 -7.19
N PHE A 80 -3.32 5.69 -8.22
CA PHE A 80 -3.56 5.30 -9.61
C PHE A 80 -2.30 4.77 -10.31
N ASN A 81 -2.46 3.69 -11.05
CA ASN A 81 -1.47 3.06 -11.92
C ASN A 81 -1.84 3.29 -13.39
N PHE A 82 -1.00 4.06 -14.07
CA PHE A 82 -1.14 4.53 -15.46
C PHE A 82 -0.87 3.44 -16.52
N ALA A 83 -0.08 2.40 -16.18
CA ALA A 83 0.31 1.35 -17.12
C ALA A 83 -0.80 0.34 -17.41
N ASN A 84 -1.75 0.17 -16.49
CA ASN A 84 -2.91 -0.72 -16.60
C ASN A 84 -4.27 -0.03 -16.32
N GLY A 85 -4.26 1.26 -15.96
CA GLY A 85 -5.46 2.07 -15.70
C GLY A 85 -6.21 1.68 -14.41
N GLN A 86 -5.50 1.18 -13.39
CA GLN A 86 -6.11 0.68 -12.14
C GLN A 86 -6.04 1.69 -10.97
N SER A 87 -7.02 1.58 -10.07
CA SER A 87 -7.20 2.45 -8.90
C SER A 87 -7.33 1.63 -7.60
N MET A 88 -6.63 2.06 -6.53
CA MET A 88 -6.67 1.46 -5.19
C MET A 88 -6.59 2.54 -4.10
N TRP A 89 -7.12 2.28 -2.91
CA TRP A 89 -7.17 3.28 -1.83
C TRP A 89 -5.88 3.36 -0.99
N ASP A 90 -5.26 2.23 -0.65
CA ASP A 90 -4.07 2.17 0.22
C ASP A 90 -3.15 0.94 0.03
N HIS A 91 -3.57 -0.09 -0.71
CA HIS A 91 -3.01 -1.44 -0.68
C HIS A 91 -2.16 -2.06 -1.82
N PRO A 92 -1.60 -1.35 -2.82
CA PRO A 92 -0.73 -1.99 -3.83
C PRO A 92 0.45 -2.80 -3.25
N CYS A 93 1.07 -2.34 -2.15
CA CYS A 93 2.12 -3.08 -1.44
C CYS A 93 1.56 -3.97 -0.31
N ASP A 94 0.41 -3.64 0.26
CA ASP A 94 -0.29 -4.42 1.30
C ASP A 94 -0.65 -5.83 0.80
N GLU A 95 -1.22 -5.95 -0.41
CA GLU A 95 -1.53 -7.26 -1.01
C GLU A 95 -0.25 -8.08 -1.28
N HIS A 96 0.84 -7.39 -1.64
CA HIS A 96 2.16 -7.99 -1.82
C HIS A 96 2.70 -8.51 -0.48
N TYR A 97 2.60 -7.72 0.61
CA TYR A 97 3.06 -8.14 1.93
C TYR A 97 2.25 -9.31 2.48
N ARG A 98 0.93 -9.38 2.25
CA ARG A 98 0.11 -10.55 2.65
C ARG A 98 0.61 -11.82 1.94
N SER A 99 0.85 -11.73 0.64
CA SER A 99 1.40 -12.83 -0.17
C SER A 99 2.81 -13.21 0.29
N LEU A 100 3.66 -12.23 0.62
CA LEU A 100 5.04 -12.43 1.08
C LEU A 100 5.08 -13.11 2.47
N VAL A 101 4.20 -12.72 3.39
CA VAL A 101 4.03 -13.34 4.72
C VAL A 101 3.72 -14.83 4.58
N ILE A 102 2.76 -15.16 3.72
CA ILE A 102 2.34 -16.53 3.43
C ILE A 102 3.46 -17.36 2.81
N GLN A 103 4.20 -16.79 1.86
CA GLN A 103 5.27 -17.48 1.12
C GLN A 103 6.53 -17.67 1.98
N GLU A 104 6.88 -16.68 2.82
CA GLU A 104 8.00 -16.81 3.76
C GLU A 104 7.63 -17.84 4.84
N ARG A 105 6.38 -17.84 5.34
CA ARG A 105 5.95 -18.85 6.31
C ARG A 105 5.95 -20.25 5.70
N ALA A 106 5.55 -20.41 4.44
CA ALA A 106 5.58 -21.68 3.74
C ALA A 106 7.00 -22.26 3.58
N LYS A 107 8.03 -21.43 3.34
CA LYS A 107 9.43 -21.93 3.26
C LYS A 107 10.01 -22.23 4.63
N LEU A 108 9.69 -21.41 5.64
CA LEU A 108 10.11 -21.58 7.03
C LEU A 108 9.47 -22.82 7.68
N SER A 109 8.27 -23.21 7.25
CA SER A 109 7.54 -24.41 7.70
C SER A 109 8.06 -25.70 7.04
N THR A 110 9.39 -25.85 6.99
CA THR A 110 10.13 -26.97 6.36
C THR A 110 9.72 -27.20 4.89
N SER A 111 9.77 -26.13 4.09
CA SER A 111 9.43 -26.13 2.65
C SER A 111 8.04 -26.72 2.35
N GLY A 112 7.02 -26.26 3.08
CA GLY A 112 5.62 -26.69 2.95
C GLY A 112 4.86 -26.15 1.73
N ALA A 113 5.51 -25.34 0.88
CA ALA A 113 4.92 -24.79 -0.35
C ALA A 113 4.64 -25.89 -1.41
N ILE A 114 3.64 -25.64 -2.28
CA ILE A 114 3.20 -26.53 -3.37
C ILE A 114 3.14 -25.75 -4.70
N GLY A 1 -0.26 6.99 -27.72
CA GLY A 1 0.37 6.92 -29.06
C GLY A 1 -0.02 8.12 -29.93
N PRO A 2 0.67 8.34 -31.06
CA PRO A 2 0.40 9.44 -31.99
C PRO A 2 -0.93 9.28 -32.73
N LEU A 3 -1.47 10.39 -33.24
CA LEU A 3 -2.74 10.49 -33.99
C LEU A 3 -3.98 9.94 -33.23
N GLY A 4 -3.95 9.97 -31.89
CA GLY A 4 -5.06 9.56 -31.03
C GLY A 4 -6.28 10.49 -31.08
N SER A 5 -7.44 9.98 -30.64
CA SER A 5 -8.74 10.69 -30.64
C SER A 5 -9.60 10.32 -29.43
N MET A 6 -10.65 11.12 -29.17
CA MET A 6 -11.62 10.95 -28.08
C MET A 6 -13.03 11.36 -28.51
N ALA A 7 -14.06 10.70 -27.98
CA ALA A 7 -15.47 10.90 -28.30
C ALA A 7 -16.17 12.03 -27.50
N GLY A 8 -15.39 12.94 -26.91
CA GLY A 8 -15.83 14.06 -26.09
C GLY A 8 -14.66 14.93 -25.64
N ARG A 9 -14.78 15.51 -24.45
CA ARG A 9 -13.80 16.42 -23.80
C ARG A 9 -13.58 16.05 -22.32
N PRO A 10 -12.38 16.32 -21.74
CA PRO A 10 -12.11 16.07 -20.33
C PRO A 10 -12.88 17.02 -19.40
N LEU A 11 -13.09 16.58 -18.15
CA LEU A 11 -13.79 17.32 -17.08
C LEU A 11 -13.00 17.25 -15.76
N ARG A 12 -13.23 18.23 -14.87
CA ARG A 12 -12.61 18.35 -13.52
C ARG A 12 -11.10 18.09 -13.51
N ILE A 13 -10.33 19.01 -14.09
CA ILE A 13 -8.85 18.92 -14.09
C ILE A 13 -8.29 18.97 -12.64
N GLY A 14 -9.03 19.59 -11.71
CA GLY A 14 -8.66 19.59 -10.30
C GLY A 14 -8.70 18.18 -9.67
N ASP A 15 -9.57 17.29 -10.16
CA ASP A 15 -9.67 15.88 -9.76
C ASP A 15 -8.80 14.96 -10.64
N GLN A 16 -7.64 15.47 -11.08
CA GLN A 16 -6.58 14.76 -11.82
C GLN A 16 -5.21 14.93 -11.13
N LEU A 17 -5.16 15.64 -10.00
CA LEU A 17 -3.95 15.96 -9.25
C LEU A 17 -3.35 14.73 -8.56
N VAL A 18 -2.06 14.48 -8.78
CA VAL A 18 -1.28 13.41 -8.13
C VAL A 18 -0.65 13.96 -6.85
N LEU A 19 -0.81 13.24 -5.74
CA LEU A 19 -0.29 13.62 -4.43
C LEU A 19 1.14 13.09 -4.25
N GLU A 20 2.12 13.76 -4.85
CA GLU A 20 3.54 13.42 -4.72
C GLU A 20 4.01 13.48 -3.25
N GLU A 21 4.71 12.45 -2.80
CA GLU A 21 5.16 12.22 -1.44
C GLU A 21 6.70 12.38 -1.28
N ASP A 22 7.16 12.06 -0.08
CA ASP A 22 8.57 12.05 0.35
C ASP A 22 8.84 10.90 1.36
N TYR A 23 10.09 10.46 1.47
CA TYR A 23 10.55 9.38 2.33
C TYR A 23 11.92 9.74 2.95
N ASP A 24 12.02 9.66 4.27
CA ASP A 24 13.26 9.91 5.03
C ASP A 24 14.31 8.80 4.80
N GLU A 25 15.59 9.19 4.73
CA GLU A 25 16.71 8.26 4.55
C GLU A 25 17.01 7.45 5.83
N THR A 26 16.91 8.10 6.99
CA THR A 26 17.20 7.52 8.32
C THR A 26 15.95 7.39 9.18
N TYR A 27 15.44 6.16 9.31
CA TYR A 27 14.31 5.82 10.15
C TYR A 27 14.50 4.50 10.89
N ILE A 28 14.00 4.48 12.12
CA ILE A 28 14.10 3.38 13.08
C ILE A 28 12.69 3.19 13.68
N PRO A 29 11.89 2.21 13.20
CA PRO A 29 10.52 2.02 13.67
C PRO A 29 10.47 1.45 15.09
N SER A 30 9.51 1.94 15.89
CA SER A 30 9.28 1.51 17.27
C SER A 30 8.51 0.18 17.35
N GLU A 31 8.73 -0.60 18.41
CA GLU A 31 8.14 -1.93 18.60
C GLU A 31 6.61 -1.92 18.54
N GLN A 32 5.95 -0.91 19.12
CA GLN A 32 4.48 -0.79 19.08
C GLN A 32 3.93 -0.55 17.66
N GLU A 33 4.69 0.14 16.80
CA GLU A 33 4.32 0.37 15.39
C GLU A 33 4.61 -0.86 14.52
N ILE A 34 5.69 -1.60 14.82
CA ILE A 34 6.01 -2.87 14.15
C ILE A 34 4.90 -3.89 14.46
N LEU A 35 4.50 -3.99 15.74
CA LEU A 35 3.40 -4.85 16.19
C LEU A 35 2.05 -4.42 15.58
N GLU A 36 1.80 -3.11 15.42
CA GLU A 36 0.58 -2.61 14.79
C GLU A 36 0.48 -3.04 13.31
N PHE A 37 1.54 -2.88 12.50
CA PHE A 37 1.50 -3.36 11.11
C PHE A 37 1.45 -4.89 11.04
N ALA A 38 2.13 -5.61 11.96
CA ALA A 38 2.07 -7.07 12.00
C ALA A 38 0.63 -7.56 12.26
N ARG A 39 -0.02 -7.05 13.31
CA ARG A 39 -1.41 -7.38 13.66
C ARG A 39 -2.41 -6.93 12.58
N GLU A 40 -2.10 -5.85 11.84
CA GLU A 40 -2.90 -5.37 10.71
C GLU A 40 -2.78 -6.30 9.50
N ILE A 41 -1.57 -6.67 9.05
CA ILE A 41 -1.40 -7.52 7.85
C ILE A 41 -1.79 -8.99 8.08
N GLY A 42 -2.11 -9.38 9.32
CA GLY A 42 -2.60 -10.72 9.69
C GLY A 42 -1.62 -11.63 10.47
N ILE A 43 -0.53 -11.07 11.02
CA ILE A 43 0.48 -11.82 11.80
C ILE A 43 0.03 -12.01 13.26
N ASP A 44 0.41 -13.15 13.85
CA ASP A 44 0.40 -13.36 15.30
C ASP A 44 1.87 -13.26 15.78
N PRO A 45 2.39 -12.04 16.07
CA PRO A 45 3.81 -11.83 16.41
C PRO A 45 4.31 -12.61 17.64
N ILE A 46 3.40 -13.14 18.47
CA ILE A 46 3.72 -13.99 19.62
C ILE A 46 4.25 -15.37 19.16
N LYS A 47 3.83 -15.85 17.97
CA LYS A 47 4.15 -17.19 17.42
C LYS A 47 4.79 -17.19 16.01
N GLU A 48 4.73 -16.06 15.29
CA GLU A 48 5.19 -15.93 13.90
C GLU A 48 6.26 -14.83 13.70
N PRO A 49 7.42 -14.89 14.38
CA PRO A 49 8.44 -13.85 14.32
C PRO A 49 9.06 -13.67 12.92
N GLU A 50 9.00 -14.67 12.03
CA GLU A 50 9.48 -14.56 10.65
C GLU A 50 8.58 -13.60 9.86
N LEU A 51 7.27 -13.83 9.94
CA LEU A 51 6.29 -12.96 9.29
C LEU A 51 6.25 -11.57 9.96
N MET A 52 6.81 -11.44 11.17
CA MET A 52 6.98 -10.15 11.83
C MET A 52 8.29 -9.44 11.39
N TRP A 53 9.34 -10.14 10.92
CA TRP A 53 10.47 -9.45 10.27
C TRP A 53 9.94 -8.77 9.01
N LEU A 54 9.03 -9.45 8.31
CA LEU A 54 8.31 -8.91 7.17
C LEU A 54 7.53 -7.65 7.57
N ALA A 55 6.83 -7.67 8.71
CA ALA A 55 6.12 -6.49 9.22
C ALA A 55 7.06 -5.33 9.63
N ARG A 56 8.24 -5.65 10.17
CA ARG A 56 9.28 -4.67 10.54
C ARG A 56 9.81 -3.92 9.31
N GLU A 57 9.84 -4.59 8.15
CA GLU A 57 10.17 -3.97 6.86
C GLU A 57 8.97 -3.17 6.34
N GLY A 58 7.77 -3.75 6.43
CA GLY A 58 6.48 -3.17 6.06
C GLY A 58 6.18 -1.78 6.60
N ILE A 59 6.37 -1.58 7.91
CA ILE A 59 6.05 -0.32 8.60
C ILE A 59 6.88 0.89 8.07
N VAL A 60 8.00 0.65 7.39
CA VAL A 60 8.86 1.68 6.76
C VAL A 60 8.94 1.56 5.22
N ALA A 61 8.17 0.67 4.61
CA ALA A 61 8.22 0.41 3.16
C ALA A 61 7.52 1.53 2.34
N PRO A 62 8.14 1.99 1.23
CA PRO A 62 7.54 2.98 0.32
C PRO A 62 6.57 2.32 -0.68
N LEU A 63 5.81 3.13 -1.42
CA LEU A 63 4.94 2.63 -2.50
C LEU A 63 5.76 2.05 -3.67
N PRO A 64 5.24 1.03 -4.39
CA PRO A 64 5.87 0.52 -5.60
C PRO A 64 5.91 1.62 -6.67
N GLY A 65 7.00 1.71 -7.43
CA GLY A 65 7.28 2.78 -8.40
C GLY A 65 6.23 3.04 -9.50
N GLU A 66 5.32 2.09 -9.76
CA GLU A 66 4.28 2.21 -10.79
C GLU A 66 2.96 2.82 -10.28
N TRP A 67 2.81 3.07 -8.98
CA TRP A 67 1.61 3.57 -8.29
C TRP A 67 1.86 4.90 -7.52
N LYS A 68 0.86 5.80 -7.50
CA LYS A 68 0.84 7.05 -6.70
C LYS A 68 -0.59 7.41 -6.29
N PRO A 69 -0.81 8.11 -5.15
CA PRO A 69 -2.13 8.58 -4.76
C PRO A 69 -2.58 9.78 -5.61
N CYS A 70 -3.89 9.90 -5.76
CA CYS A 70 -4.60 10.90 -6.56
C CYS A 70 -5.98 11.16 -5.94
N GLN A 71 -6.71 12.20 -6.36
CA GLN A 71 -8.08 12.50 -5.90
C GLN A 71 -9.11 12.23 -7.00
N ASP A 72 -10.10 11.39 -6.72
CA ASP A 72 -11.22 11.10 -7.63
C ASP A 72 -12.36 12.10 -7.44
N ILE A 73 -13.06 12.40 -8.55
CA ILE A 73 -14.22 13.28 -8.68
C ILE A 73 -15.24 13.08 -7.53
N THR A 74 -15.57 11.83 -7.20
CA THR A 74 -16.52 11.43 -6.16
C THR A 74 -15.88 10.57 -5.06
N GLY A 75 -14.82 9.85 -5.38
CA GLY A 75 -14.12 8.90 -4.50
C GLY A 75 -13.11 9.51 -3.54
N ASP A 76 -12.79 10.80 -3.68
CA ASP A 76 -11.78 11.50 -2.87
C ASP A 76 -10.38 10.82 -3.03
N ILE A 77 -9.48 10.87 -2.03
CA ILE A 77 -8.13 10.31 -2.17
C ILE A 77 -8.17 8.78 -2.36
N TYR A 78 -7.48 8.31 -3.40
CA TYR A 78 -7.36 6.91 -3.86
C TYR A 78 -5.97 6.67 -4.48
N TYR A 79 -5.65 5.44 -4.90
CA TYR A 79 -4.36 5.08 -5.51
C TYR A 79 -4.48 4.73 -7.00
N PHE A 80 -3.50 5.15 -7.80
CA PHE A 80 -3.49 4.98 -9.26
C PHE A 80 -2.15 4.49 -9.83
N ASN A 81 -2.21 3.42 -10.63
CA ASN A 81 -1.14 2.81 -11.40
C ASN A 81 -1.14 3.35 -12.83
N PHE A 82 0.00 3.90 -13.26
CA PHE A 82 0.17 4.55 -14.57
C PHE A 82 0.48 3.58 -15.72
N ALA A 83 1.08 2.42 -15.42
CA ALA A 83 1.48 1.44 -16.43
C ALA A 83 0.29 0.63 -16.99
N ASN A 84 -0.69 0.33 -16.14
CA ASN A 84 -1.91 -0.42 -16.48
C ASN A 84 -3.19 0.46 -16.48
N GLY A 85 -3.10 1.72 -16.02
CA GLY A 85 -4.25 2.62 -15.88
C GLY A 85 -5.27 2.12 -14.84
N GLN A 86 -4.78 1.51 -13.76
CA GLN A 86 -5.60 0.84 -12.73
C GLN A 86 -5.77 1.71 -11.46
N SER A 87 -6.97 1.68 -10.89
CA SER A 87 -7.31 2.38 -9.63
C SER A 87 -7.49 1.40 -8.46
N MET A 88 -7.22 1.86 -7.24
CA MET A 88 -7.39 1.14 -5.98
C MET A 88 -7.92 2.07 -4.88
N TRP A 89 -8.79 1.54 -4.01
CA TRP A 89 -9.36 2.25 -2.85
C TRP A 89 -8.61 1.96 -1.53
N ASP A 90 -7.49 1.23 -1.61
CA ASP A 90 -6.60 0.87 -0.49
C ASP A 90 -5.13 0.93 -0.95
N HIS A 91 -4.19 0.98 0.00
CA HIS A 91 -2.75 1.14 -0.25
C HIS A 91 -2.13 -0.06 -1.03
N PRO A 92 -1.51 0.16 -2.21
CA PRO A 92 -0.94 -0.91 -3.02
C PRO A 92 0.18 -1.73 -2.34
N CYS A 93 1.01 -1.11 -1.50
CA CYS A 93 2.10 -1.81 -0.82
C CYS A 93 1.59 -2.71 0.32
N ASP A 94 0.51 -2.31 0.99
CA ASP A 94 -0.16 -3.09 2.04
C ASP A 94 -0.73 -4.40 1.49
N GLU A 95 -1.43 -4.35 0.34
CA GLU A 95 -1.93 -5.56 -0.34
C GLU A 95 -0.77 -6.47 -0.78
N HIS A 96 0.33 -5.86 -1.25
CA HIS A 96 1.57 -6.58 -1.58
C HIS A 96 2.15 -7.26 -0.34
N TYR A 97 2.21 -6.59 0.82
CA TYR A 97 2.72 -7.19 2.07
C TYR A 97 1.81 -8.32 2.55
N ARG A 98 0.48 -8.17 2.49
CA ARG A 98 -0.46 -9.25 2.82
C ARG A 98 -0.21 -10.49 1.94
N SER A 99 -0.01 -10.28 0.64
CA SER A 99 0.31 -11.36 -0.32
C SER A 99 1.70 -11.98 -0.06
N LEU A 100 2.69 -11.15 0.29
CA LEU A 100 4.05 -11.57 0.62
C LEU A 100 4.10 -12.43 1.89
N VAL A 101 3.30 -12.06 2.91
CA VAL A 101 3.12 -12.83 4.16
C VAL A 101 2.59 -14.21 3.84
N ILE A 102 1.53 -14.30 3.03
CA ILE A 102 0.91 -15.56 2.61
C ILE A 102 1.90 -16.48 1.87
N GLN A 103 2.72 -15.91 1.00
CA GLN A 103 3.71 -16.68 0.22
C GLN A 103 4.89 -17.13 1.09
N GLU A 104 5.38 -16.32 2.01
CA GLU A 104 6.44 -16.74 2.95
C GLU A 104 5.89 -17.76 3.96
N ARG A 105 4.64 -17.63 4.40
CA ARG A 105 3.97 -18.58 5.30
C ARG A 105 3.77 -19.94 4.62
N ALA A 106 3.40 -19.96 3.34
CA ALA A 106 3.28 -21.20 2.55
C ALA A 106 4.65 -21.90 2.38
N LYS A 107 5.74 -21.13 2.23
CA LYS A 107 7.13 -21.61 2.15
C LYS A 107 7.57 -22.23 3.48
N LEU A 108 7.29 -21.56 4.60
CA LEU A 108 7.59 -22.08 5.95
C LEU A 108 6.76 -23.32 6.30
N SER A 109 5.53 -23.41 5.77
CA SER A 109 4.62 -24.56 5.94
C SER A 109 4.85 -25.68 4.90
N THR A 110 5.95 -25.63 4.14
CA THR A 110 6.35 -26.61 3.12
C THR A 110 5.22 -26.92 2.11
N SER A 111 4.53 -25.86 1.66
CA SER A 111 3.38 -25.85 0.73
C SER A 111 2.24 -26.83 1.05
N GLY A 112 2.07 -27.21 2.32
CA GLY A 112 1.01 -28.11 2.80
C GLY A 112 0.84 -28.07 4.32
N ALA A 113 0.56 -29.23 4.91
CA ALA A 113 0.29 -29.41 6.35
C ALA A 113 0.93 -30.68 6.95
N ILE A 114 1.85 -31.33 6.23
CA ILE A 114 2.53 -32.59 6.59
C ILE A 114 4.05 -32.42 6.46
N GLY A 1 -5.76 22.08 -35.27
CA GLY A 1 -5.11 22.91 -34.23
C GLY A 1 -5.03 22.20 -32.88
N PRO A 2 -4.32 22.78 -31.90
CA PRO A 2 -4.16 22.20 -30.55
C PRO A 2 -5.47 22.25 -29.73
N LEU A 3 -5.55 21.40 -28.70
CA LEU A 3 -6.70 21.27 -27.81
C LEU A 3 -7.06 22.58 -27.07
N GLY A 4 -8.35 22.89 -27.01
CA GLY A 4 -8.91 24.04 -26.29
C GLY A 4 -9.13 23.75 -24.79
N SER A 5 -10.25 24.21 -24.23
CA SER A 5 -10.63 23.93 -22.84
C SER A 5 -10.91 22.44 -22.62
N MET A 6 -10.48 21.90 -21.46
CA MET A 6 -10.70 20.48 -21.10
C MET A 6 -12.10 20.17 -20.56
N ALA A 7 -12.96 21.19 -20.49
CA ALA A 7 -14.36 21.08 -20.07
C ALA A 7 -15.31 20.51 -21.15
N GLY A 8 -14.75 20.21 -22.32
CA GLY A 8 -15.44 19.58 -23.47
C GLY A 8 -15.51 18.04 -23.39
N ARG A 9 -14.90 17.43 -22.38
CA ARG A 9 -14.84 15.98 -22.12
C ARG A 9 -15.56 15.58 -20.82
N PRO A 10 -15.98 14.31 -20.65
CA PRO A 10 -16.59 13.83 -19.39
C PRO A 10 -15.62 13.80 -18.20
N LEU A 11 -14.31 13.76 -18.48
CA LEU A 11 -13.21 13.71 -17.50
C LEU A 11 -13.17 14.94 -16.58
N ARG A 12 -12.37 14.87 -15.50
CA ARG A 12 -12.13 15.91 -14.52
C ARG A 12 -10.67 15.93 -14.06
N ILE A 13 -10.16 17.10 -13.67
CA ILE A 13 -8.78 17.20 -13.14
C ILE A 13 -8.74 16.90 -11.63
N GLY A 14 -9.81 17.25 -10.92
CA GLY A 14 -9.95 16.94 -9.49
C GLY A 14 -10.00 15.43 -9.17
N ASP A 15 -10.20 14.60 -10.19
CA ASP A 15 -10.19 13.13 -10.12
C ASP A 15 -8.86 12.50 -10.61
N GLN A 16 -7.92 13.32 -11.10
CA GLN A 16 -6.63 12.88 -11.69
C GLN A 16 -5.39 13.52 -11.03
N LEU A 17 -5.58 14.54 -10.18
CA LEU A 17 -4.52 15.29 -9.50
C LEU A 17 -3.61 14.36 -8.67
N VAL A 18 -2.32 14.29 -9.01
CA VAL A 18 -1.30 13.52 -8.28
C VAL A 18 -0.96 14.22 -6.97
N LEU A 19 -0.82 13.43 -5.89
CA LEU A 19 -0.61 13.93 -4.51
C LEU A 19 0.82 13.74 -3.98
N GLU A 20 1.76 13.23 -4.78
CA GLU A 20 3.18 13.05 -4.42
C GLU A 20 3.98 14.37 -4.49
N GLU A 21 3.44 15.44 -3.89
CA GLU A 21 4.08 16.76 -3.78
C GLU A 21 4.93 16.85 -2.50
N ASP A 22 4.31 16.62 -1.34
CA ASP A 22 4.96 16.58 -0.03
C ASP A 22 5.62 15.21 0.23
N TYR A 23 6.75 15.18 0.93
CA TYR A 23 7.53 14.01 1.29
C TYR A 23 8.34 14.25 2.57
N ASP A 24 8.74 13.16 3.20
CA ASP A 24 9.58 13.09 4.40
C ASP A 24 10.60 11.94 4.31
N GLU A 25 11.64 11.96 5.15
CA GLU A 25 12.72 10.95 5.18
C GLU A 25 12.29 9.60 5.79
N THR A 26 13.22 8.63 5.79
CA THR A 26 13.00 7.24 6.25
C THR A 26 13.04 7.13 7.79
N TYR A 27 11.94 7.52 8.44
CA TYR A 27 11.76 7.42 9.89
C TYR A 27 11.61 5.96 10.35
N ILE A 28 11.92 5.73 11.64
CA ILE A 28 11.90 4.42 12.30
C ILE A 28 10.53 4.23 12.97
N PRO A 29 9.82 3.10 12.74
CA PRO A 29 8.48 2.87 13.29
C PRO A 29 8.49 2.43 14.78
N SER A 30 7.37 2.65 15.45
CA SER A 30 7.13 2.23 16.84
C SER A 30 6.49 0.84 16.89
N GLU A 31 6.73 0.07 17.96
CA GLU A 31 6.26 -1.31 18.14
C GLU A 31 4.74 -1.45 17.98
N GLN A 32 3.96 -0.47 18.47
CA GLN A 32 2.50 -0.44 18.31
C GLN A 32 2.07 -0.45 16.84
N GLU A 33 2.80 0.26 15.97
CA GLU A 33 2.50 0.38 14.55
C GLU A 33 2.96 -0.86 13.77
N ILE A 34 4.09 -1.45 14.18
CA ILE A 34 4.60 -2.71 13.62
C ILE A 34 3.62 -3.85 13.92
N LEU A 35 3.16 -3.96 15.17
CA LEU A 35 2.16 -4.95 15.60
C LEU A 35 0.82 -4.76 14.90
N GLU A 36 0.39 -3.51 14.66
CA GLU A 36 -0.84 -3.23 13.93
C GLU A 36 -0.75 -3.71 12.47
N PHE A 37 0.34 -3.40 11.74
CA PHE A 37 0.51 -3.90 10.38
C PHE A 37 0.63 -5.44 10.35
N ALA A 38 1.35 -6.04 11.30
CA ALA A 38 1.46 -7.50 11.42
C ALA A 38 0.08 -8.17 11.55
N ARG A 39 -0.79 -7.65 12.44
CA ARG A 39 -2.16 -8.17 12.61
C ARG A 39 -3.03 -7.93 11.38
N GLU A 40 -2.86 -6.82 10.65
CA GLU A 40 -3.58 -6.52 9.41
C GLU A 40 -3.11 -7.35 8.20
N ILE A 41 -1.84 -7.75 8.14
CA ILE A 41 -1.30 -8.60 7.05
C ILE A 41 -1.42 -10.12 7.34
N GLY A 42 -2.15 -10.51 8.39
CA GLY A 42 -2.44 -11.91 8.74
C GLY A 42 -1.37 -12.63 9.55
N ILE A 43 -0.73 -11.97 10.52
CA ILE A 43 0.33 -12.53 11.39
C ILE A 43 -0.11 -12.58 12.86
N ASP A 44 0.40 -13.57 13.59
CA ASP A 44 0.40 -13.62 15.06
C ASP A 44 1.83 -13.25 15.52
N PRO A 45 2.19 -11.95 15.59
CA PRO A 45 3.57 -11.50 15.87
C PRO A 45 4.14 -11.97 17.23
N ILE A 46 3.28 -12.41 18.15
CA ILE A 46 3.69 -12.97 19.46
C ILE A 46 4.38 -14.33 19.28
N LYS A 47 4.08 -15.06 18.20
CA LYS A 47 4.62 -16.41 17.88
C LYS A 47 5.34 -16.52 16.52
N GLU A 48 5.28 -15.48 15.68
CA GLU A 48 5.84 -15.45 14.33
C GLU A 48 6.82 -14.26 14.14
N PRO A 49 7.96 -14.21 14.87
CA PRO A 49 8.90 -13.09 14.83
C PRO A 49 9.55 -12.85 13.46
N GLU A 50 9.67 -13.88 12.61
CA GLU A 50 10.21 -13.72 11.25
C GLU A 50 9.26 -12.91 10.36
N LEU A 51 7.98 -13.28 10.39
CA LEU A 51 6.94 -12.54 9.67
C LEU A 51 6.77 -11.13 10.29
N MET A 52 7.18 -10.95 11.54
CA MET A 52 7.20 -9.64 12.19
C MET A 52 8.38 -8.77 11.72
N TRP A 53 9.54 -9.33 11.32
CA TRP A 53 10.61 -8.51 10.68
C TRP A 53 10.05 -7.97 9.37
N LEU A 54 9.32 -8.81 8.63
CA LEU A 54 8.61 -8.43 7.41
C LEU A 54 7.65 -7.25 7.68
N ALA A 55 6.89 -7.32 8.79
CA ALA A 55 5.96 -6.26 9.18
C ALA A 55 6.67 -4.95 9.59
N ARG A 56 7.86 -5.05 10.23
CA ARG A 56 8.70 -3.90 10.62
C ARG A 56 9.13 -3.10 9.39
N GLU A 57 9.47 -3.79 8.30
CA GLU A 57 9.78 -3.13 7.03
C GLU A 57 8.49 -2.59 6.39
N GLY A 58 7.42 -3.40 6.37
CA GLY A 58 6.08 -3.08 5.87
C GLY A 58 5.50 -1.72 6.26
N ILE A 59 5.46 -1.43 7.56
CA ILE A 59 4.85 -0.20 8.10
C ILE A 59 5.52 1.11 7.60
N VAL A 60 6.74 1.03 7.07
CA VAL A 60 7.49 2.17 6.47
C VAL A 60 7.94 1.91 5.02
N ALA A 61 7.40 0.89 4.36
CA ALA A 61 7.80 0.50 3.00
C ALA A 61 7.28 1.48 1.92
N PRO A 62 8.10 1.88 0.93
CA PRO A 62 7.66 2.71 -0.19
C PRO A 62 6.65 2.02 -1.11
N LEU A 63 5.95 2.81 -1.94
CA LEU A 63 5.00 2.30 -2.94
C LEU A 63 5.76 1.65 -4.13
N PRO A 64 5.14 0.70 -4.87
CA PRO A 64 5.73 0.13 -6.07
C PRO A 64 5.90 1.22 -7.15
N GLY A 65 6.95 1.14 -7.97
CA GLY A 65 7.31 2.17 -8.97
C GLY A 65 6.25 2.50 -10.03
N GLU A 66 5.25 1.64 -10.25
CA GLU A 66 4.16 1.86 -11.21
C GLU A 66 2.97 2.67 -10.64
N TRP A 67 2.81 2.75 -9.31
CA TRP A 67 1.70 3.38 -8.62
C TRP A 67 2.06 4.76 -8.02
N LYS A 68 1.09 5.69 -8.03
CA LYS A 68 1.17 7.03 -7.44
C LYS A 68 -0.15 7.40 -6.75
N PRO A 69 -0.15 8.12 -5.61
CA PRO A 69 -1.37 8.57 -4.96
C PRO A 69 -1.99 9.74 -5.72
N CYS A 70 -3.32 9.73 -5.80
CA CYS A 70 -4.13 10.70 -6.53
C CYS A 70 -5.39 11.08 -5.72
N GLN A 71 -5.99 12.22 -6.09
CA GLN A 71 -7.24 12.69 -5.49
C GLN A 71 -8.47 12.14 -6.23
N ASP A 72 -9.45 11.67 -5.48
CA ASP A 72 -10.76 11.21 -5.99
C ASP A 72 -11.76 12.38 -6.00
N ILE A 73 -12.62 12.46 -7.02
CA ILE A 73 -13.61 13.53 -7.26
C ILE A 73 -14.51 13.86 -6.06
N THR A 74 -14.76 12.92 -5.14
CA THR A 74 -15.53 13.14 -3.91
C THR A 74 -14.76 13.92 -2.83
N GLY A 75 -13.52 14.31 -3.11
CA GLY A 75 -12.61 14.99 -2.19
C GLY A 75 -11.84 14.01 -1.29
N ASP A 76 -11.44 12.86 -1.83
CA ASP A 76 -10.79 11.77 -1.08
C ASP A 76 -9.43 11.34 -1.67
N ILE A 77 -8.75 10.38 -1.02
CA ILE A 77 -7.40 9.89 -1.35
C ILE A 77 -7.44 8.43 -1.84
N TYR A 78 -6.76 8.12 -2.94
CA TYR A 78 -6.63 6.76 -3.49
C TYR A 78 -5.29 6.57 -4.26
N TYR A 79 -5.00 5.36 -4.75
CA TYR A 79 -3.78 5.02 -5.51
C TYR A 79 -4.07 4.63 -6.96
N PHE A 80 -3.18 5.04 -7.88
CA PHE A 80 -3.33 4.84 -9.33
C PHE A 80 -2.03 4.39 -10.04
N ASN A 81 -2.15 3.34 -10.85
CA ASN A 81 -1.15 2.81 -11.76
C ASN A 81 -1.54 3.11 -13.21
N PHE A 82 -0.63 3.78 -13.93
CA PHE A 82 -0.80 4.24 -15.30
C PHE A 82 -0.94 3.09 -16.32
N ALA A 83 -0.37 1.92 -16.04
CA ALA A 83 -0.51 0.73 -16.88
C ALA A 83 -1.96 0.21 -16.78
N ASN A 84 -2.68 0.21 -17.91
CA ASN A 84 -4.10 -0.14 -18.02
C ASN A 84 -5.04 0.68 -17.09
N GLY A 85 -4.61 1.86 -16.63
CA GLY A 85 -5.39 2.78 -15.79
C GLY A 85 -5.98 2.16 -14.52
N GLN A 86 -5.22 1.29 -13.84
CA GLN A 86 -5.68 0.55 -12.66
C GLN A 86 -5.63 1.39 -11.38
N SER A 87 -6.58 1.18 -10.48
CA SER A 87 -6.73 1.93 -9.23
C SER A 87 -7.10 1.06 -8.01
N MET A 88 -6.77 1.54 -6.81
CA MET A 88 -7.11 0.89 -5.54
C MET A 88 -7.24 1.94 -4.41
N TRP A 89 -8.15 1.72 -3.47
CA TRP A 89 -8.41 2.65 -2.35
C TRP A 89 -7.40 2.52 -1.20
N ASP A 90 -6.82 1.33 -1.04
CA ASP A 90 -5.78 0.99 -0.06
C ASP A 90 -4.39 0.94 -0.71
N HIS A 91 -3.33 0.95 0.12
CA HIS A 91 -1.93 0.97 -0.33
C HIS A 91 -1.56 -0.26 -1.19
N PRO A 92 -0.99 -0.11 -2.39
CA PRO A 92 -0.55 -1.24 -3.23
C PRO A 92 0.50 -2.16 -2.59
N CYS A 93 1.30 -1.66 -1.64
CA CYS A 93 2.28 -2.46 -0.91
C CYS A 93 1.68 -3.40 0.15
N ASP A 94 0.48 -3.13 0.65
CA ASP A 94 -0.22 -3.91 1.70
C ASP A 94 -0.60 -5.33 1.22
N GLU A 95 -1.20 -5.45 0.02
CA GLU A 95 -1.52 -6.76 -0.58
C GLU A 95 -0.24 -7.51 -0.98
N HIS A 96 0.80 -6.78 -1.39
CA HIS A 96 2.12 -7.34 -1.67
C HIS A 96 2.74 -7.94 -0.40
N TYR A 97 2.70 -7.23 0.73
CA TYR A 97 3.22 -7.72 2.02
C TYR A 97 2.39 -8.89 2.54
N ARG A 98 1.06 -8.86 2.44
CA ARG A 98 0.19 -9.98 2.83
C ARG A 98 0.56 -11.25 2.04
N SER A 99 0.82 -11.11 0.74
CA SER A 99 1.29 -12.22 -0.09
C SER A 99 2.72 -12.64 0.27
N LEU A 100 3.63 -11.70 0.52
CA LEU A 100 5.00 -12.00 0.95
C LEU A 100 5.01 -12.80 2.27
N VAL A 101 4.08 -12.51 3.18
CA VAL A 101 3.89 -13.18 4.48
C VAL A 101 3.46 -14.63 4.38
N ILE A 102 2.35 -14.95 3.69
CA ILE A 102 1.86 -16.37 3.68
C ILE A 102 2.82 -17.27 2.93
N GLN A 103 3.51 -16.67 1.97
CA GLN A 103 4.39 -17.33 1.05
C GLN A 103 5.76 -17.57 1.70
N GLU A 104 6.29 -16.62 2.50
CA GLU A 104 7.49 -16.87 3.32
C GLU A 104 7.15 -17.89 4.41
N ARG A 105 5.97 -17.77 5.06
CA ARG A 105 5.46 -18.74 6.05
C ARG A 105 5.40 -20.14 5.44
N ALA A 106 4.93 -20.27 4.19
CA ALA A 106 4.90 -21.55 3.47
C ALA A 106 6.30 -22.14 3.27
N LYS A 107 7.34 -21.33 2.97
CA LYS A 107 8.73 -21.84 2.85
C LYS A 107 9.24 -22.33 4.21
N LEU A 108 9.06 -21.51 5.24
CA LEU A 108 9.53 -21.75 6.61
C LEU A 108 8.92 -23.02 7.21
N SER A 109 7.59 -23.19 7.10
CA SER A 109 6.89 -24.37 7.59
C SER A 109 7.14 -25.64 6.77
N THR A 110 7.54 -25.52 5.49
CA THR A 110 7.89 -26.68 4.64
C THR A 110 9.31 -27.19 4.91
N SER A 111 10.31 -26.31 4.98
CA SER A 111 11.72 -26.66 5.18
C SER A 111 12.65 -25.54 5.65
N GLY A 112 12.24 -24.26 5.59
CA GLY A 112 13.10 -23.12 5.94
C GLY A 112 13.41 -22.96 7.44
N ALA A 113 12.53 -23.46 8.32
CA ALA A 113 12.74 -23.44 9.78
C ALA A 113 13.72 -24.53 10.26
N ILE A 114 14.40 -24.27 11.38
CA ILE A 114 15.40 -25.17 12.03
C ILE A 114 15.29 -25.15 13.56
N GLY A 1 -39.46 33.27 -15.65
CA GLY A 1 -38.74 32.72 -16.82
C GLY A 1 -37.34 32.22 -16.46
N PRO A 2 -36.74 31.33 -17.27
CA PRO A 2 -35.44 30.72 -16.98
C PRO A 2 -34.22 31.64 -17.26
N LEU A 3 -34.40 32.71 -18.03
CA LEU A 3 -33.36 33.67 -18.46
C LEU A 3 -32.17 33.03 -19.23
N GLY A 4 -32.43 31.92 -19.93
CA GLY A 4 -31.44 31.19 -20.75
C GLY A 4 -30.42 30.35 -19.95
N SER A 5 -29.47 29.77 -20.67
CA SER A 5 -28.42 28.87 -20.14
C SER A 5 -27.04 29.17 -20.76
N MET A 6 -25.98 28.84 -20.02
CA MET A 6 -24.57 28.99 -20.44
C MET A 6 -23.72 27.77 -20.03
N ALA A 7 -22.65 27.50 -20.78
CA ALA A 7 -21.74 26.36 -20.59
C ALA A 7 -20.25 26.76 -20.50
N GLY A 8 -19.97 28.06 -20.24
CA GLY A 8 -18.62 28.64 -20.20
C GLY A 8 -17.80 28.34 -18.93
N ARG A 9 -18.38 27.64 -17.94
CA ARG A 9 -17.76 27.32 -16.64
C ARG A 9 -17.91 25.82 -16.30
N PRO A 10 -16.95 24.96 -16.71
CA PRO A 10 -16.94 23.54 -16.36
C PRO A 10 -16.77 23.34 -14.84
N LEU A 11 -17.29 22.24 -14.29
CA LEU A 11 -17.26 21.93 -12.85
C LEU A 11 -16.59 20.57 -12.57
N ARG A 12 -15.74 20.55 -11.54
CA ARG A 12 -14.91 19.43 -11.01
C ARG A 12 -14.00 18.67 -11.98
N ILE A 13 -14.50 18.14 -13.10
CA ILE A 13 -13.77 17.31 -14.05
C ILE A 13 -13.04 16.10 -13.41
N GLY A 14 -13.70 15.48 -12.43
CA GLY A 14 -13.15 14.37 -11.63
C GLY A 14 -12.07 14.81 -10.62
N ASP A 15 -12.08 16.09 -10.24
CA ASP A 15 -11.13 16.82 -9.38
C ASP A 15 -9.70 16.96 -9.93
N GLN A 16 -9.26 16.04 -10.80
CA GLN A 16 -7.98 15.95 -11.54
C GLN A 16 -6.71 16.28 -10.73
N LEU A 17 -6.75 16.09 -9.41
CA LEU A 17 -5.67 16.43 -8.48
C LEU A 17 -4.74 15.23 -8.25
N VAL A 18 -3.65 15.18 -9.03
CA VAL A 18 -2.59 14.17 -8.94
C VAL A 18 -1.48 14.65 -8.00
N LEU A 19 -1.05 13.79 -7.07
CA LEU A 19 0.05 14.02 -6.14
C LEU A 19 1.28 13.28 -6.71
N GLU A 20 2.01 13.94 -7.60
CA GLU A 20 3.16 13.34 -8.32
C GLU A 20 4.31 12.89 -7.42
N GLU A 21 4.50 13.52 -6.26
CA GLU A 21 5.48 13.21 -5.24
C GLU A 21 4.83 13.16 -3.84
N ASP A 22 5.56 12.54 -2.93
CA ASP A 22 5.24 12.39 -1.50
C ASP A 22 6.53 12.19 -0.68
N TYR A 23 6.60 12.79 0.52
CA TYR A 23 7.69 12.68 1.48
C TYR A 23 7.18 13.02 2.89
N ASP A 24 7.95 12.57 3.88
CA ASP A 24 7.75 12.81 5.32
C ASP A 24 9.05 13.30 5.99
N GLU A 25 8.90 14.06 7.08
CA GLU A 25 10.01 14.71 7.77
C GLU A 25 10.92 13.73 8.56
N THR A 26 10.35 12.88 9.42
CA THR A 26 11.06 11.84 10.20
C THR A 26 10.09 10.79 10.72
N TYR A 27 10.46 9.52 10.57
CA TYR A 27 9.70 8.35 11.04
C TYR A 27 10.54 7.40 11.89
N ILE A 28 9.87 6.75 12.85
CA ILE A 28 10.45 5.84 13.83
C ILE A 28 9.51 4.62 13.97
N PRO A 29 9.92 3.43 13.48
CA PRO A 29 9.15 2.18 13.63
C PRO A 29 9.10 1.67 15.08
N SER A 30 8.20 2.22 15.89
CA SER A 30 7.98 1.78 17.27
C SER A 30 7.37 0.37 17.32
N GLU A 31 7.76 -0.44 18.29
CA GLU A 31 7.32 -1.85 18.40
C GLU A 31 5.79 -2.01 18.44
N GLN A 32 5.08 -1.14 19.17
CA GLN A 32 3.61 -1.15 19.23
C GLN A 32 2.96 -0.91 17.85
N GLU A 33 3.58 -0.09 17.00
CA GLU A 33 3.09 0.18 15.64
C GLU A 33 3.47 -0.95 14.66
N ILE A 34 4.64 -1.59 14.84
CA ILE A 34 5.03 -2.78 14.06
C ILE A 34 4.07 -3.93 14.38
N LEU A 35 3.72 -4.12 15.66
CA LEU A 35 2.74 -5.11 16.12
C LEU A 35 1.35 -4.82 15.53
N GLU A 36 0.95 -3.54 15.42
CA GLU A 36 -0.30 -3.15 14.80
C GLU A 36 -0.33 -3.46 13.29
N PHE A 37 0.73 -3.15 12.53
CA PHE A 37 0.79 -3.50 11.11
C PHE A 37 0.84 -5.03 10.92
N ALA A 38 1.59 -5.76 11.75
CA ALA A 38 1.65 -7.23 11.73
C ALA A 38 0.25 -7.85 11.89
N ARG A 39 -0.50 -7.44 12.91
CA ARG A 39 -1.88 -7.92 13.13
C ARG A 39 -2.83 -7.48 12.00
N GLU A 40 -2.61 -6.31 11.42
CA GLU A 40 -3.37 -5.79 10.27
C GLU A 40 -3.05 -6.51 8.94
N ILE A 41 -1.86 -7.14 8.80
CA ILE A 41 -1.50 -7.96 7.63
C ILE A 41 -1.68 -9.48 7.87
N GLY A 42 -2.35 -9.87 8.95
CA GLY A 42 -2.71 -11.27 9.26
C GLY A 42 -1.62 -12.11 9.95
N ILE A 43 -0.78 -11.51 10.80
CA ILE A 43 0.30 -12.18 11.55
C ILE A 43 -0.08 -12.42 13.02
N ASP A 44 0.45 -13.49 13.61
CA ASP A 44 0.43 -13.77 15.05
C ASP A 44 1.85 -13.44 15.58
N PRO A 45 2.16 -12.16 15.89
CA PRO A 45 3.52 -11.72 16.24
C PRO A 45 4.13 -12.40 17.48
N ILE A 46 3.30 -12.99 18.35
CA ILE A 46 3.77 -13.74 19.53
C ILE A 46 4.48 -15.05 19.12
N LYS A 47 4.18 -15.58 17.92
CA LYS A 47 4.68 -16.86 17.41
C LYS A 47 5.42 -16.81 16.06
N GLU A 48 5.36 -15.67 15.34
CA GLU A 48 5.89 -15.53 13.97
C GLU A 48 6.88 -14.35 13.80
N PRO A 49 8.08 -14.37 14.42
CA PRO A 49 9.06 -13.30 14.34
C PRO A 49 9.62 -13.06 12.92
N GLU A 50 9.58 -14.07 12.04
CA GLU A 50 10.00 -13.92 10.64
C GLU A 50 9.02 -13.00 9.89
N LEU A 51 7.72 -13.25 10.11
CA LEU A 51 6.68 -12.40 9.56
C LEU A 51 6.73 -11.02 10.24
N MET A 52 7.30 -10.89 11.45
CA MET A 52 7.54 -9.56 12.03
C MET A 52 8.68 -8.82 11.32
N TRP A 53 9.70 -9.51 10.75
CA TRP A 53 10.71 -8.81 9.92
C TRP A 53 10.01 -8.19 8.71
N LEU A 54 9.05 -8.92 8.10
CA LEU A 54 8.22 -8.34 7.03
C LEU A 54 7.46 -7.11 7.53
N ALA A 55 6.88 -7.15 8.73
CA ALA A 55 6.11 -6.03 9.28
C ALA A 55 6.98 -4.79 9.60
N ARG A 56 8.21 -5.00 10.08
CA ARG A 56 9.21 -3.95 10.37
C ARG A 56 9.59 -3.21 9.09
N GLU A 57 9.72 -3.92 7.97
CA GLU A 57 9.95 -3.34 6.64
C GLU A 57 8.67 -2.69 6.09
N GLY A 58 7.53 -3.35 6.30
CA GLY A 58 6.18 -2.95 5.97
C GLY A 58 5.78 -1.53 6.31
N ILE A 59 5.97 -1.15 7.58
CA ILE A 59 5.52 0.14 8.10
C ILE A 59 6.25 1.36 7.52
N VAL A 60 7.33 1.15 6.76
CA VAL A 60 8.11 2.19 6.05
C VAL A 60 8.23 1.92 4.53
N ALA A 61 7.51 0.93 3.99
CA ALA A 61 7.59 0.54 2.58
C ALA A 61 6.85 1.52 1.63
N PRO A 62 7.52 2.07 0.61
CA PRO A 62 6.90 2.93 -0.40
C PRO A 62 6.18 2.10 -1.48
N LEU A 63 5.26 2.72 -2.22
CA LEU A 63 4.56 2.10 -3.35
C LEU A 63 5.46 1.95 -4.60
N PRO A 64 5.16 1.04 -5.54
CA PRO A 64 5.96 0.86 -6.76
C PRO A 64 5.94 2.10 -7.65
N GLY A 65 7.03 2.34 -8.39
CA GLY A 65 7.21 3.54 -9.23
C GLY A 65 6.17 3.77 -10.33
N GLU A 66 5.41 2.75 -10.71
CA GLU A 66 4.33 2.84 -11.72
C GLU A 66 3.01 3.41 -11.17
N TRP A 67 2.85 3.52 -9.85
CA TRP A 67 1.68 4.09 -9.16
C TRP A 67 1.93 5.54 -8.73
N LYS A 68 0.87 6.35 -8.67
CA LYS A 68 0.89 7.74 -8.13
C LYS A 68 -0.40 8.00 -7.34
N PRO A 69 -0.34 8.61 -6.14
CA PRO A 69 -1.54 8.98 -5.40
C PRO A 69 -2.24 10.20 -6.03
N CYS A 70 -3.53 10.30 -5.77
CA CYS A 70 -4.45 11.31 -6.27
C CYS A 70 -5.54 11.58 -5.23
N GLN A 71 -6.22 12.74 -5.32
CA GLN A 71 -7.26 13.14 -4.38
C GLN A 71 -8.68 13.08 -4.95
N ASP A 72 -9.60 12.68 -4.07
CA ASP A 72 -11.05 12.62 -4.20
C ASP A 72 -11.65 11.71 -5.26
N ILE A 73 -11.78 12.20 -6.50
CA ILE A 73 -12.53 11.69 -7.68
C ILE A 73 -14.03 11.43 -7.41
N THR A 74 -14.35 10.83 -6.26
CA THR A 74 -15.68 10.60 -5.68
C THR A 74 -15.73 10.98 -4.19
N GLY A 75 -14.59 11.29 -3.53
CA GLY A 75 -14.56 11.76 -2.14
C GLY A 75 -13.47 11.22 -1.19
N ASP A 76 -12.43 10.52 -1.67
CA ASP A 76 -11.32 10.04 -0.81
C ASP A 76 -9.96 9.98 -1.52
N ILE A 77 -8.86 9.81 -0.79
CA ILE A 77 -7.51 9.63 -1.36
C ILE A 77 -7.39 8.24 -2.00
N TYR A 78 -6.82 8.19 -3.20
CA TYR A 78 -6.67 6.96 -4.01
C TYR A 78 -5.33 6.92 -4.76
N TYR A 79 -5.05 5.80 -5.43
CA TYR A 79 -3.82 5.54 -6.19
C TYR A 79 -4.14 5.07 -7.62
N PHE A 80 -3.30 5.43 -8.59
CA PHE A 80 -3.44 5.03 -10.00
C PHE A 80 -2.10 4.55 -10.61
N ASN A 81 -2.12 3.35 -11.19
CA ASN A 81 -1.05 2.69 -11.93
C ASN A 81 -1.09 3.02 -13.43
N PHE A 82 0.03 3.57 -13.94
CA PHE A 82 0.18 4.03 -15.33
C PHE A 82 0.54 2.90 -16.31
N ALA A 83 1.20 1.83 -15.85
CA ALA A 83 1.60 0.70 -16.68
C ALA A 83 0.42 -0.22 -17.06
N ASN A 84 -0.61 -0.29 -16.22
CA ASN A 84 -1.79 -1.13 -16.39
C ASN A 84 -3.11 -0.33 -16.55
N GLY A 85 -3.11 0.97 -16.26
CA GLY A 85 -4.31 1.82 -16.28
C GLY A 85 -5.31 1.39 -15.20
N GLN A 86 -4.83 1.10 -13.99
CA GLN A 86 -5.61 0.54 -12.87
C GLN A 86 -5.62 1.42 -11.61
N SER A 87 -6.71 1.38 -10.85
CA SER A 87 -6.93 2.21 -9.64
C SER A 87 -7.04 1.36 -8.36
N MET A 88 -6.64 1.94 -7.23
CA MET A 88 -6.71 1.36 -5.88
C MET A 88 -7.12 2.42 -4.84
N TRP A 89 -7.91 2.04 -3.84
CA TRP A 89 -8.32 2.91 -2.72
C TRP A 89 -7.49 2.71 -1.44
N ASP A 90 -6.44 1.90 -1.50
CA ASP A 90 -5.46 1.61 -0.45
C ASP A 90 -4.04 1.52 -1.04
N HIS A 91 -3.01 1.70 -0.20
CA HIS A 91 -1.60 1.59 -0.59
C HIS A 91 -1.32 0.22 -1.27
N PRO A 92 -0.84 0.16 -2.52
CA PRO A 92 -0.63 -1.11 -3.25
C PRO A 92 0.25 -2.15 -2.54
N CYS A 93 1.19 -1.74 -1.67
CA CYS A 93 2.03 -2.68 -0.93
C CYS A 93 1.31 -3.39 0.23
N ASP A 94 0.20 -2.86 0.75
CA ASP A 94 -0.55 -3.41 1.89
C ASP A 94 -1.16 -4.80 1.56
N GLU A 95 -1.85 -4.91 0.42
CA GLU A 95 -2.40 -6.18 -0.08
C GLU A 95 -1.29 -7.15 -0.52
N HIS A 96 -0.18 -6.61 -1.03
CA HIS A 96 1.01 -7.38 -1.37
C HIS A 96 1.65 -7.96 -0.11
N TYR A 97 1.73 -7.21 0.99
CA TYR A 97 2.28 -7.68 2.28
C TYR A 97 1.42 -8.81 2.86
N ARG A 98 0.10 -8.79 2.71
CA ARG A 98 -0.76 -9.93 3.14
C ARG A 98 -0.42 -11.19 2.34
N SER A 99 -0.34 -11.07 1.01
CA SER A 99 0.02 -12.18 0.12
C SER A 99 1.48 -12.66 0.31
N LEU A 100 2.39 -11.75 0.68
CA LEU A 100 3.78 -12.08 1.01
C LEU A 100 3.85 -12.83 2.34
N VAL A 101 3.03 -12.44 3.33
CA VAL A 101 2.87 -13.14 4.61
C VAL A 101 2.39 -14.56 4.37
N ILE A 102 1.40 -14.77 3.49
CA ILE A 102 0.92 -16.12 3.11
C ILE A 102 2.06 -17.00 2.59
N GLN A 103 2.83 -16.48 1.64
CA GLN A 103 3.88 -17.21 0.95
C GLN A 103 5.13 -17.45 1.80
N GLU A 104 5.59 -16.46 2.58
CA GLU A 104 6.72 -16.67 3.50
C GLU A 104 6.33 -17.65 4.61
N ARG A 105 5.09 -17.57 5.12
CA ARG A 105 4.57 -18.53 6.12
C ARG A 105 4.53 -19.95 5.55
N ALA A 106 4.19 -20.12 4.27
CA ALA A 106 4.20 -21.43 3.61
C ALA A 106 5.61 -22.03 3.50
N LYS A 107 6.65 -21.22 3.22
CA LYS A 107 8.05 -21.69 3.18
C LYS A 107 8.52 -22.18 4.55
N LEU A 108 8.16 -21.42 5.59
CA LEU A 108 8.50 -21.70 6.98
C LEU A 108 7.74 -22.91 7.53
N SER A 109 6.51 -23.14 7.07
CA SER A 109 5.67 -24.28 7.49
C SER A 109 6.06 -25.59 6.79
N THR A 110 6.48 -25.54 5.52
CA THR A 110 6.86 -26.72 4.72
C THR A 110 8.34 -27.10 4.84
N SER A 111 9.24 -26.13 5.04
CA SER A 111 10.69 -26.34 5.14
C SER A 111 11.24 -27.18 3.94
N GLY A 112 12.08 -28.18 4.19
CA GLY A 112 12.66 -29.08 3.18
C GLY A 112 11.71 -30.16 2.61
N ALA A 113 10.45 -30.24 3.04
CA ALA A 113 9.49 -31.24 2.57
C ALA A 113 8.98 -30.99 1.14
N ILE A 114 8.53 -32.06 0.47
CA ILE A 114 7.96 -32.04 -0.90
C ILE A 114 6.51 -31.51 -0.95
N GLY A 1 -23.89 -3.02 -13.99
CA GLY A 1 -25.31 -3.31 -14.23
C GLY A 1 -25.60 -4.81 -14.13
N PRO A 2 -26.78 -5.27 -14.58
CA PRO A 2 -27.18 -6.68 -14.51
C PRO A 2 -26.24 -7.60 -15.29
N LEU A 3 -25.62 -8.56 -14.59
CA LEU A 3 -24.69 -9.59 -15.10
C LEU A 3 -23.43 -9.05 -15.82
N GLY A 4 -23.14 -7.75 -15.75
CA GLY A 4 -21.96 -7.13 -16.37
C GLY A 4 -21.89 -5.61 -16.23
N SER A 5 -20.68 -5.04 -16.35
CA SER A 5 -20.39 -3.61 -16.22
C SER A 5 -19.27 -3.16 -17.18
N MET A 6 -19.21 -1.85 -17.46
CA MET A 6 -18.20 -1.19 -18.30
C MET A 6 -17.67 0.10 -17.63
N ALA A 7 -16.50 0.57 -18.06
CA ALA A 7 -15.84 1.76 -17.50
C ALA A 7 -16.60 3.05 -17.87
N GLY A 8 -17.34 3.62 -16.90
CA GLY A 8 -18.16 4.82 -17.06
C GLY A 8 -17.39 6.17 -17.04
N ARG A 9 -16.09 6.13 -16.71
CA ARG A 9 -15.14 7.27 -16.54
C ARG A 9 -15.50 8.22 -15.37
N PRO A 10 -14.51 8.90 -14.75
CA PRO A 10 -14.75 9.81 -13.62
C PRO A 10 -15.46 11.11 -14.05
N LEU A 11 -16.32 11.63 -13.17
CA LEU A 11 -17.03 12.90 -13.33
C LEU A 11 -16.32 13.98 -12.48
N ARG A 12 -16.22 15.21 -12.99
CA ARG A 12 -15.47 16.35 -12.39
C ARG A 12 -13.97 16.09 -12.33
N ILE A 13 -13.17 17.14 -12.10
CA ILE A 13 -11.72 16.97 -11.87
C ILE A 13 -11.46 16.61 -10.40
N GLY A 14 -12.37 16.94 -9.48
CA GLY A 14 -12.27 16.55 -8.07
C GLY A 14 -12.22 15.03 -7.85
N ASP A 15 -12.78 14.23 -8.78
CA ASP A 15 -12.71 12.76 -8.76
C ASP A 15 -11.45 12.16 -9.43
N GLN A 16 -10.54 13.01 -9.94
CA GLN A 16 -9.32 12.65 -10.67
C GLN A 16 -8.11 13.57 -10.37
N LEU A 17 -8.18 14.37 -9.32
CA LEU A 17 -7.13 15.33 -8.93
C LEU A 17 -5.91 14.56 -8.37
N VAL A 18 -4.75 14.73 -9.01
CA VAL A 18 -3.50 14.05 -8.63
C VAL A 18 -2.88 14.72 -7.40
N LEU A 19 -2.39 13.93 -6.45
CA LEU A 19 -1.85 14.34 -5.15
C LEU A 19 -0.32 14.17 -5.04
N GLU A 20 0.39 14.20 -6.17
CA GLU A 20 1.84 13.98 -6.30
C GLU A 20 2.74 15.15 -5.81
N GLU A 21 2.16 16.15 -5.16
CA GLU A 21 2.82 17.37 -4.67
C GLU A 21 3.98 17.09 -3.69
N ASP A 22 3.72 16.27 -2.66
CA ASP A 22 4.68 15.92 -1.59
C ASP A 22 4.59 14.45 -1.17
N TYR A 23 5.73 13.88 -0.75
CA TYR A 23 5.88 12.51 -0.25
C TYR A 23 6.86 12.50 0.94
N ASP A 24 6.42 11.98 2.08
CA ASP A 24 7.25 11.81 3.29
C ASP A 24 8.22 10.62 3.21
N GLU A 25 9.35 10.73 3.89
CA GLU A 25 10.43 9.72 3.84
C GLU A 25 11.28 9.64 5.13
N THR A 26 11.63 10.79 5.72
CA THR A 26 12.52 10.91 6.91
C THR A 26 11.81 10.57 8.24
N TYR A 27 11.24 9.36 8.33
CA TYR A 27 10.52 8.84 9.49
C TYR A 27 11.02 7.45 9.92
N ILE A 28 10.82 7.16 11.21
CA ILE A 28 11.22 5.94 11.89
C ILE A 28 10.00 5.40 12.68
N PRO A 29 9.55 4.16 12.44
CA PRO A 29 8.35 3.60 13.08
C PRO A 29 8.59 3.12 14.52
N SER A 30 7.54 3.17 15.33
CA SER A 30 7.52 2.63 16.70
C SER A 30 7.21 1.12 16.69
N GLU A 31 7.63 0.40 17.72
CA GLU A 31 7.34 -1.03 17.87
C GLU A 31 5.82 -1.31 17.91
N GLN A 32 5.05 -0.37 18.47
CA GLN A 32 3.58 -0.45 18.50
C GLN A 32 2.96 -0.28 17.11
N GLU A 33 3.57 0.52 16.23
CA GLU A 33 3.12 0.70 14.83
C GLU A 33 3.45 -0.55 14.00
N ILE A 34 4.65 -1.12 14.19
CA ILE A 34 5.08 -2.38 13.55
C ILE A 34 4.13 -3.52 13.95
N LEU A 35 3.77 -3.61 15.24
CA LEU A 35 2.80 -4.56 15.76
C LEU A 35 1.42 -4.39 15.09
N GLU A 36 0.97 -3.14 14.88
CA GLU A 36 -0.30 -2.90 14.20
C GLU A 36 -0.25 -3.25 12.71
N PHE A 37 0.84 -2.98 11.96
CA PHE A 37 0.92 -3.42 10.56
C PHE A 37 0.88 -4.97 10.49
N ALA A 38 1.62 -5.66 11.38
CA ALA A 38 1.60 -7.10 11.48
C ALA A 38 0.20 -7.66 11.77
N ARG A 39 -0.49 -7.15 12.80
CA ARG A 39 -1.84 -7.59 13.18
C ARG A 39 -2.87 -7.27 12.08
N GLU A 40 -2.73 -6.15 11.37
CA GLU A 40 -3.61 -5.76 10.26
C GLU A 40 -3.38 -6.58 8.98
N ILE A 41 -2.16 -7.05 8.70
CA ILE A 41 -1.87 -7.92 7.52
C ILE A 41 -2.12 -9.42 7.80
N GLY A 42 -2.64 -9.78 8.99
CA GLY A 42 -3.04 -11.14 9.37
C GLY A 42 -2.02 -11.95 10.18
N ILE A 43 -1.03 -11.31 10.82
CA ILE A 43 0.03 -11.96 11.62
C ILE A 43 -0.37 -12.06 13.10
N ASP A 44 -0.03 -13.18 13.74
CA ASP A 44 -0.22 -13.36 15.17
C ASP A 44 0.99 -12.74 15.92
N PRO A 45 0.77 -11.71 16.75
CA PRO A 45 1.85 -10.97 17.37
C PRO A 45 2.67 -11.85 18.32
N ILE A 46 3.97 -11.81 18.06
CA ILE A 46 5.07 -12.55 18.72
C ILE A 46 5.02 -14.07 18.49
N LYS A 47 3.87 -14.66 18.14
CA LYS A 47 3.70 -16.08 17.81
C LYS A 47 4.25 -16.45 16.43
N GLU A 48 4.34 -15.47 15.52
CA GLU A 48 4.92 -15.61 14.16
C GLU A 48 5.96 -14.49 13.92
N PRO A 49 7.08 -14.47 14.66
CA PRO A 49 8.06 -13.38 14.60
C PRO A 49 8.79 -13.26 13.24
N GLU A 50 8.88 -14.33 12.44
CA GLU A 50 9.46 -14.26 11.10
C GLU A 50 8.62 -13.35 10.20
N LEU A 51 7.30 -13.53 10.26
CA LEU A 51 6.36 -12.68 9.54
C LEU A 51 6.44 -11.23 10.08
N MET A 52 6.93 -11.04 11.31
CA MET A 52 7.17 -9.70 11.85
C MET A 52 8.47 -9.07 11.35
N TRP A 53 9.51 -9.83 10.96
CA TRP A 53 10.67 -9.22 10.24
C TRP A 53 10.12 -8.64 8.93
N LEU A 54 9.20 -9.38 8.30
CA LEU A 54 8.46 -8.94 7.12
C LEU A 54 7.68 -7.65 7.40
N ALA A 55 6.99 -7.55 8.55
CA ALA A 55 6.24 -6.35 8.94
C ALA A 55 7.15 -5.14 9.26
N ARG A 56 8.35 -5.36 9.82
CA ARG A 56 9.35 -4.30 10.08
C ARG A 56 9.78 -3.63 8.77
N GLU A 57 10.00 -4.42 7.71
CA GLU A 57 10.28 -3.89 6.37
C GLU A 57 9.00 -3.30 5.73
N GLY A 58 7.86 -3.94 5.98
CA GLY A 58 6.51 -3.58 5.59
C GLY A 58 6.12 -2.12 5.75
N ILE A 59 6.18 -1.64 6.99
CA ILE A 59 5.71 -0.31 7.37
C ILE A 59 6.55 0.86 6.85
N VAL A 60 7.76 0.62 6.32
CA VAL A 60 8.67 1.65 5.77
C VAL A 60 8.83 1.60 4.24
N ALA A 61 8.29 0.60 3.55
CA ALA A 61 8.45 0.43 2.10
C ALA A 61 7.51 1.37 1.30
N PRO A 62 8.03 2.26 0.43
CA PRO A 62 7.23 3.15 -0.40
C PRO A 62 6.65 2.43 -1.64
N LEU A 63 5.58 2.99 -2.21
CA LEU A 63 4.94 2.49 -3.43
C LEU A 63 5.88 2.59 -4.67
N PRO A 64 5.75 1.68 -5.66
CA PRO A 64 6.56 1.74 -6.89
C PRO A 64 6.33 3.03 -7.69
N GLY A 65 7.37 3.50 -8.40
CA GLY A 65 7.36 4.78 -9.14
C GLY A 65 6.32 4.92 -10.28
N GLU A 66 5.70 3.83 -10.72
CA GLU A 66 4.65 3.85 -11.74
C GLU A 66 3.26 4.23 -11.19
N TRP A 67 3.08 4.22 -9.86
CA TRP A 67 1.85 4.60 -9.16
C TRP A 67 1.86 6.07 -8.71
N LYS A 68 0.70 6.74 -8.77
CA LYS A 68 0.47 8.10 -8.25
C LYS A 68 -0.83 8.13 -7.43
N PRO A 69 -0.90 8.88 -6.32
CA PRO A 69 -2.12 9.05 -5.54
C PRO A 69 -3.04 10.11 -6.16
N CYS A 70 -4.34 9.89 -6.05
CA CYS A 70 -5.41 10.76 -6.58
C CYS A 70 -6.60 10.83 -5.62
N GLN A 71 -7.37 11.91 -5.69
CA GLN A 71 -8.55 12.14 -4.86
C GLN A 71 -9.86 11.65 -5.51
N ASP A 72 -10.77 11.13 -4.69
CA ASP A 72 -12.13 10.70 -5.00
C ASP A 72 -13.12 11.75 -4.46
N ILE A 73 -14.15 12.08 -5.25
CA ILE A 73 -15.14 13.14 -4.97
C ILE A 73 -15.91 12.97 -3.64
N THR A 74 -15.98 11.76 -3.08
CA THR A 74 -16.60 11.50 -1.76
C THR A 74 -15.74 11.98 -0.58
N GLY A 75 -14.54 12.52 -0.85
CA GLY A 75 -13.56 12.96 0.16
C GLY A 75 -12.58 11.87 0.56
N ASP A 76 -12.16 11.03 -0.40
CA ASP A 76 -11.26 9.88 -0.17
C ASP A 76 -10.04 9.88 -1.11
N ILE A 77 -9.05 9.03 -0.87
CA ILE A 77 -7.80 8.94 -1.66
C ILE A 77 -7.56 7.50 -2.14
N TYR A 78 -7.15 7.35 -3.40
CA TYR A 78 -6.78 6.10 -4.06
C TYR A 78 -5.45 6.24 -4.83
N TYR A 79 -4.92 5.13 -5.37
CA TYR A 79 -3.69 5.08 -6.15
C TYR A 79 -3.94 4.54 -7.56
N PHE A 80 -3.20 5.01 -8.57
CA PHE A 80 -3.28 4.54 -9.95
C PHE A 80 -1.91 4.35 -10.61
N ASN A 81 -1.68 3.17 -11.20
CA ASN A 81 -0.50 2.76 -11.96
C ASN A 81 -0.66 3.10 -13.45
N PHE A 82 0.29 3.89 -13.97
CA PHE A 82 0.31 4.40 -15.34
C PHE A 82 0.89 3.40 -16.36
N ALA A 83 1.77 2.49 -15.94
CA ALA A 83 2.38 1.47 -16.79
C ALA A 83 1.47 0.24 -16.98
N ASN A 84 0.79 -0.17 -15.90
CA ASN A 84 -0.15 -1.30 -15.90
C ASN A 84 -1.60 -0.88 -16.23
N GLY A 85 -1.94 0.41 -16.03
CA GLY A 85 -3.30 0.93 -16.22
C GLY A 85 -4.29 0.37 -15.19
N GLN A 86 -3.91 0.39 -13.91
CA GLN A 86 -4.70 -0.22 -12.80
C GLN A 86 -4.81 0.68 -11.57
N SER A 87 -5.91 0.57 -10.82
CA SER A 87 -6.18 1.32 -9.58
C SER A 87 -6.14 0.44 -8.31
N MET A 88 -5.89 1.08 -7.17
CA MET A 88 -5.85 0.48 -5.82
C MET A 88 -6.45 1.44 -4.78
N TRP A 89 -7.27 0.91 -3.86
CA TRP A 89 -7.96 1.68 -2.80
C TRP A 89 -7.13 1.84 -1.50
N ASP A 90 -5.96 1.20 -1.45
CA ASP A 90 -4.96 1.24 -0.38
C ASP A 90 -3.56 1.27 -1.00
N HIS A 91 -2.50 1.46 -0.20
CA HIS A 91 -1.11 1.43 -0.68
C HIS A 91 -0.83 0.13 -1.46
N PRO A 92 -0.22 0.17 -2.67
CA PRO A 92 0.09 -1.04 -3.46
C PRO A 92 0.92 -2.08 -2.71
N CYS A 93 1.74 -1.64 -1.75
CA CYS A 93 2.56 -2.51 -0.89
C CYS A 93 1.73 -3.41 0.04
N ASP A 94 0.53 -2.99 0.46
CA ASP A 94 -0.32 -3.71 1.43
C ASP A 94 -0.85 -5.04 0.86
N GLU A 95 -1.38 -5.05 -0.36
CA GLU A 95 -1.85 -6.28 -1.03
C GLU A 95 -0.67 -7.23 -1.31
N HIS A 96 0.48 -6.67 -1.67
CA HIS A 96 1.73 -7.39 -1.88
C HIS A 96 2.20 -8.04 -0.56
N TYR A 97 2.23 -7.30 0.55
CA TYR A 97 2.68 -7.82 1.85
C TYR A 97 1.73 -8.88 2.41
N ARG A 98 0.40 -8.75 2.22
CA ARG A 98 -0.55 -9.79 2.63
C ARG A 98 -0.24 -11.10 1.91
N SER A 99 -0.08 -11.05 0.59
CA SER A 99 0.30 -12.20 -0.25
C SER A 99 1.65 -12.79 0.18
N LEU A 100 2.65 -11.93 0.45
CA LEU A 100 3.99 -12.33 0.86
C LEU A 100 3.99 -13.03 2.24
N VAL A 101 3.25 -12.47 3.21
CA VAL A 101 3.05 -13.03 4.56
C VAL A 101 2.42 -14.42 4.48
N ILE A 102 1.34 -14.55 3.69
CA ILE A 102 0.60 -15.81 3.50
C ILE A 102 1.48 -16.90 2.87
N GLN A 103 2.28 -16.57 1.87
CA GLN A 103 3.15 -17.53 1.17
C GLN A 103 4.36 -17.94 2.03
N GLU A 104 4.94 -17.02 2.80
CA GLU A 104 6.01 -17.34 3.75
C GLU A 104 5.45 -18.18 4.91
N ARG A 105 4.26 -17.85 5.43
CA ARG A 105 3.60 -18.63 6.49
C ARG A 105 3.27 -20.05 6.02
N ALA A 106 2.82 -20.20 4.77
CA ALA A 106 2.53 -21.51 4.18
C ALA A 106 3.78 -22.40 4.09
N LYS A 107 4.92 -21.89 3.63
CA LYS A 107 6.16 -22.70 3.48
C LYS A 107 6.80 -23.03 4.83
N LEU A 108 6.67 -22.14 5.82
CA LEU A 108 7.15 -22.36 7.19
C LEU A 108 6.27 -23.37 7.95
N SER A 109 4.96 -23.38 7.69
CA SER A 109 4.01 -24.31 8.33
C SER A 109 4.02 -25.70 7.69
N THR A 110 4.18 -25.78 6.36
CA THR A 110 4.14 -27.02 5.57
C THR A 110 5.23 -27.02 4.49
N SER A 111 6.21 -27.92 4.62
CA SER A 111 7.32 -28.08 3.69
C SER A 111 6.92 -28.61 2.30
N GLY A 112 5.82 -29.38 2.22
CA GLY A 112 5.25 -29.91 0.99
C GLY A 112 4.06 -30.86 1.28
N ALA A 113 2.98 -30.70 0.52
CA ALA A 113 1.75 -31.49 0.61
C ALA A 113 1.03 -31.63 -0.75
N ILE A 114 0.14 -32.61 -0.86
CA ILE A 114 -0.70 -32.92 -2.05
C ILE A 114 -2.19 -32.99 -1.64
N GLY A 1 -1.39 29.72 -18.66
CA GLY A 1 -2.22 29.60 -19.89
C GLY A 1 -3.69 29.36 -19.57
N PRO A 2 -4.60 29.56 -20.55
CA PRO A 2 -6.05 29.43 -20.36
C PRO A 2 -6.57 27.98 -20.30
N LEU A 3 -5.74 26.99 -20.68
CA LEU A 3 -6.02 25.56 -20.65
C LEU A 3 -4.71 24.76 -20.46
N GLY A 4 -4.79 23.60 -19.81
CA GLY A 4 -3.67 22.67 -19.60
C GLY A 4 -3.40 21.77 -20.81
N SER A 5 -2.95 20.54 -20.55
CA SER A 5 -2.63 19.52 -21.58
C SER A 5 -3.86 18.84 -22.22
N MET A 6 -5.08 19.17 -21.77
CA MET A 6 -6.34 18.63 -22.28
C MET A 6 -6.60 18.98 -23.76
N ALA A 7 -7.19 18.04 -24.51
CA ALA A 7 -7.53 18.19 -25.93
C ALA A 7 -8.98 18.67 -26.17
N GLY A 8 -9.62 19.24 -25.14
CA GLY A 8 -10.99 19.73 -25.12
C GLY A 8 -11.29 20.42 -23.78
N ARG A 9 -12.53 20.28 -23.29
CA ARG A 9 -12.95 20.82 -21.98
C ARG A 9 -12.23 20.09 -20.82
N PRO A 10 -11.84 20.80 -19.75
CA PRO A 10 -11.10 20.21 -18.63
C PRO A 10 -11.96 19.32 -17.73
N LEU A 11 -11.30 18.45 -16.95
CA LEU A 11 -11.93 17.57 -15.95
C LEU A 11 -12.31 18.35 -14.68
N ARG A 12 -13.16 17.75 -13.83
CA ARG A 12 -13.58 18.30 -12.53
C ARG A 12 -12.36 18.72 -11.69
N ILE A 13 -12.41 19.86 -11.01
CA ILE A 13 -11.22 20.36 -10.29
C ILE A 13 -10.83 19.49 -9.08
N GLY A 14 -11.78 18.72 -8.55
CA GLY A 14 -11.54 17.73 -7.49
C GLY A 14 -11.03 16.37 -8.01
N ASP A 15 -11.15 16.10 -9.32
CA ASP A 15 -10.67 14.86 -9.97
C ASP A 15 -9.33 15.04 -10.73
N GLN A 16 -9.03 16.25 -11.22
CA GLN A 16 -7.83 16.57 -12.01
C GLN A 16 -6.50 16.48 -11.22
N LEU A 17 -6.53 16.53 -9.89
CA LEU A 17 -5.34 16.59 -9.03
C LEU A 17 -4.62 15.25 -8.87
N VAL A 18 -3.41 15.17 -9.43
CA VAL A 18 -2.45 14.06 -9.28
C VAL A 18 -1.47 14.48 -8.19
N LEU A 19 -1.20 13.60 -7.21
CA LEU A 19 -0.37 13.88 -6.04
C LEU A 19 1.03 13.29 -6.23
N GLU A 20 1.96 14.15 -6.68
CA GLU A 20 3.35 13.76 -7.03
C GLU A 20 4.44 14.40 -6.16
N GLU A 21 4.11 15.40 -5.32
CA GLU A 21 5.08 16.16 -4.51
C GLU A 21 5.00 15.88 -3.00
N ASP A 22 3.92 16.32 -2.33
CA ASP A 22 3.69 16.22 -0.87
C ASP A 22 4.82 16.86 -0.01
N TYR A 23 4.77 16.70 1.32
CA TYR A 23 5.78 17.18 2.26
C TYR A 23 5.88 16.26 3.49
N ASP A 24 7.09 15.78 3.76
CA ASP A 24 7.46 14.94 4.92
C ASP A 24 8.96 15.09 5.25
N GLU A 25 9.32 14.78 6.49
CA GLU A 25 10.69 14.91 7.02
C GLU A 25 11.35 13.54 7.26
N THR A 26 11.08 12.90 8.41
CA THR A 26 11.59 11.56 8.75
C THR A 26 10.76 10.90 9.86
N TYR A 27 10.71 9.56 9.84
CA TYR A 27 9.93 8.72 10.74
C TYR A 27 10.61 7.38 10.97
N ILE A 28 10.52 6.92 12.22
CA ILE A 28 11.04 5.67 12.74
C ILE A 28 9.86 4.96 13.43
N PRO A 29 9.47 3.73 13.03
CA PRO A 29 8.29 3.06 13.57
C PRO A 29 8.50 2.56 15.01
N SER A 30 7.51 2.82 15.86
CA SER A 30 7.48 2.34 17.25
C SER A 30 7.03 0.87 17.33
N GLU A 31 7.41 0.15 18.39
CA GLU A 31 7.08 -1.28 18.56
C GLU A 31 5.56 -1.55 18.52
N GLN A 32 4.75 -0.65 19.10
CA GLN A 32 3.29 -0.76 19.06
C GLN A 32 2.71 -0.55 17.64
N GLU A 33 3.41 0.20 16.79
CA GLU A 33 3.02 0.44 15.39
C GLU A 33 3.44 -0.75 14.51
N ILE A 34 4.60 -1.35 14.79
CA ILE A 34 5.09 -2.57 14.12
C ILE A 34 4.11 -3.72 14.43
N LEU A 35 3.71 -3.85 15.70
CA LEU A 35 2.69 -4.82 16.15
C LEU A 35 1.34 -4.57 15.47
N GLU A 36 0.94 -3.30 15.29
CA GLU A 36 -0.30 -2.94 14.60
C GLU A 36 -0.29 -3.35 13.13
N PHE A 37 0.76 -3.01 12.34
CA PHE A 37 0.83 -3.47 10.95
C PHE A 37 0.96 -4.99 10.84
N ALA A 38 1.69 -5.64 11.75
CA ALA A 38 1.81 -7.10 11.78
C ALA A 38 0.44 -7.76 11.97
N ARG A 39 -0.29 -7.39 13.02
CA ARG A 39 -1.63 -7.94 13.30
C ARG A 39 -2.65 -7.55 12.22
N GLU A 40 -2.46 -6.41 11.54
CA GLU A 40 -3.31 -5.95 10.42
C GLU A 40 -3.02 -6.71 9.11
N ILE A 41 -1.77 -7.07 8.81
CA ILE A 41 -1.46 -7.89 7.61
C ILE A 41 -1.76 -9.39 7.83
N GLY A 42 -1.98 -9.82 9.08
CA GLY A 42 -2.38 -11.18 9.47
C GLY A 42 -1.37 -11.98 10.32
N ILE A 43 -0.33 -11.35 10.87
CA ILE A 43 0.73 -12.01 11.65
C ILE A 43 0.33 -12.26 13.10
N ASP A 44 0.73 -13.41 13.67
CA ASP A 44 0.59 -13.67 15.10
C ASP A 44 1.72 -12.90 15.84
N PRO A 45 1.41 -11.97 16.76
CA PRO A 45 2.40 -11.11 17.41
C PRO A 45 3.36 -11.83 18.37
N ILE A 46 3.11 -13.09 18.69
CA ILE A 46 3.90 -13.90 19.65
C ILE A 46 4.61 -15.09 18.96
N LYS A 47 3.93 -15.78 18.04
CA LYS A 47 4.41 -17.03 17.41
C LYS A 47 5.05 -16.90 16.02
N GLU A 48 5.00 -15.73 15.37
CA GLU A 48 5.50 -15.54 13.99
C GLU A 48 6.48 -14.35 13.83
N PRO A 49 7.59 -14.27 14.60
CA PRO A 49 8.52 -13.14 14.57
C PRO A 49 9.23 -12.93 13.21
N GLU A 50 9.36 -13.96 12.37
CA GLU A 50 9.94 -13.82 11.03
C GLU A 50 9.00 -13.00 10.13
N LEU A 51 7.71 -13.34 10.18
CA LEU A 51 6.67 -12.60 9.46
C LEU A 51 6.50 -11.18 10.08
N MET A 52 7.03 -10.95 11.29
CA MET A 52 7.09 -9.62 11.88
C MET A 52 8.30 -8.82 11.39
N TRP A 53 9.43 -9.44 10.99
CA TRP A 53 10.51 -8.67 10.33
C TRP A 53 9.93 -8.11 9.03
N LEU A 54 9.10 -8.93 8.35
CA LEU A 54 8.35 -8.51 7.17
C LEU A 54 7.44 -7.31 7.49
N ALA A 55 6.72 -7.35 8.61
CA ALA A 55 5.85 -6.25 9.04
C ALA A 55 6.61 -4.97 9.44
N ARG A 56 7.82 -5.10 10.03
CA ARG A 56 8.71 -3.99 10.39
C ARG A 56 9.14 -3.23 9.13
N GLU A 57 9.40 -3.95 8.04
CA GLU A 57 9.65 -3.35 6.72
C GLU A 57 8.34 -2.79 6.14
N GLY A 58 7.24 -3.54 6.27
CA GLY A 58 5.88 -3.21 5.89
C GLY A 58 5.41 -1.79 6.19
N ILE A 59 5.58 -1.36 7.44
CA ILE A 59 5.11 -0.04 7.90
C ILE A 59 5.92 1.15 7.36
N VAL A 60 7.13 0.94 6.84
CA VAL A 60 7.99 1.99 6.25
C VAL A 60 8.17 1.89 4.73
N ALA A 61 7.91 0.72 4.13
CA ALA A 61 8.09 0.50 2.69
C ALA A 61 7.09 1.30 1.83
N PRO A 62 7.53 1.87 0.68
CA PRO A 62 6.67 2.62 -0.23
C PRO A 62 5.83 1.73 -1.15
N LEU A 63 4.93 2.35 -1.91
CA LEU A 63 4.11 1.70 -2.94
C LEU A 63 5.00 1.26 -4.13
N PRO A 64 4.61 0.24 -4.93
CA PRO A 64 5.39 -0.15 -6.11
C PRO A 64 5.50 1.02 -7.11
N GLY A 65 6.63 1.13 -7.81
CA GLY A 65 6.97 2.26 -8.71
C GLY A 65 5.99 2.63 -9.83
N GLU A 66 5.03 1.76 -10.16
CA GLU A 66 4.00 2.02 -11.17
C GLU A 66 2.80 2.83 -10.63
N TRP A 67 2.58 2.84 -9.31
CA TRP A 67 1.46 3.47 -8.61
C TRP A 67 1.80 4.86 -8.05
N LYS A 68 0.85 5.80 -8.15
CA LYS A 68 0.92 7.13 -7.52
C LYS A 68 -0.49 7.66 -7.19
N PRO A 69 -0.69 8.42 -6.09
CA PRO A 69 -2.01 8.87 -5.67
C PRO A 69 -2.59 10.01 -6.50
N CYS A 70 -3.92 10.10 -6.46
CA CYS A 70 -4.77 11.11 -7.08
C CYS A 70 -5.96 11.43 -6.14
N GLN A 71 -6.51 12.63 -6.25
CA GLN A 71 -7.69 13.05 -5.49
C GLN A 71 -8.98 12.65 -6.23
N ASP A 72 -10.02 12.30 -5.47
CA ASP A 72 -11.37 11.98 -5.94
C ASP A 72 -12.35 13.11 -5.55
N ILE A 73 -13.26 13.45 -6.48
CA ILE A 73 -14.25 14.53 -6.37
C ILE A 73 -15.13 14.49 -5.11
N THR A 74 -15.32 13.32 -4.49
CA THR A 74 -16.07 13.17 -3.22
C THR A 74 -15.30 13.71 -1.99
N GLY A 75 -14.07 14.21 -2.17
CA GLY A 75 -13.19 14.69 -1.11
C GLY A 75 -12.31 13.58 -0.52
N ASP A 76 -11.88 12.63 -1.35
CA ASP A 76 -11.11 11.44 -0.95
C ASP A 76 -9.82 11.29 -1.79
N ILE A 77 -8.94 10.34 -1.45
CA ILE A 77 -7.68 10.05 -2.16
C ILE A 77 -7.56 8.55 -2.43
N TYR A 78 -7.05 8.19 -3.61
CA TYR A 78 -6.89 6.82 -4.11
C TYR A 78 -5.60 6.68 -4.94
N TYR A 79 -5.20 5.46 -5.30
CA TYR A 79 -4.01 5.17 -6.11
C TYR A 79 -4.33 4.71 -7.53
N PHE A 80 -3.48 5.09 -8.49
CA PHE A 80 -3.56 4.65 -9.87
C PHE A 80 -2.21 4.17 -10.39
N ASN A 81 -2.21 3.01 -11.07
CA ASN A 81 -1.09 2.41 -11.76
C ASN A 81 -1.10 2.90 -13.21
N PHE A 82 -0.05 3.63 -13.61
CA PHE A 82 0.09 4.28 -14.92
C PHE A 82 0.71 3.38 -16.00
N ALA A 83 1.29 2.24 -15.62
CA ALA A 83 1.86 1.26 -16.55
C ALA A 83 0.82 0.22 -17.02
N ASN A 84 -0.09 -0.18 -16.12
CA ASN A 84 -1.17 -1.14 -16.36
C ASN A 84 -2.55 -0.49 -16.58
N GLY A 85 -2.74 0.76 -16.12
CA GLY A 85 -4.02 1.47 -16.21
C GLY A 85 -5.07 0.93 -15.22
N GLN A 86 -4.72 0.85 -13.93
CA GLN A 86 -5.59 0.24 -12.89
C GLN A 86 -5.68 1.10 -11.61
N SER A 87 -6.85 1.12 -10.98
CA SER A 87 -7.14 1.84 -9.73
C SER A 87 -7.14 0.92 -8.49
N MET A 88 -6.74 1.47 -7.34
CA MET A 88 -6.74 0.85 -5.99
C MET A 88 -7.04 1.92 -4.94
N TRP A 89 -7.62 1.53 -3.80
CA TRP A 89 -8.03 2.50 -2.76
C TRP A 89 -6.93 2.85 -1.76
N ASP A 90 -6.24 1.85 -1.19
CA ASP A 90 -5.23 2.07 -0.14
C ASP A 90 -4.10 1.00 -0.07
N HIS A 91 -4.21 -0.10 -0.83
CA HIS A 91 -3.43 -1.33 -0.65
C HIS A 91 -2.47 -1.87 -1.74
N PRO A 92 -1.92 -1.12 -2.72
CA PRO A 92 -0.93 -1.67 -3.66
C PRO A 92 0.28 -2.35 -2.99
N CYS A 93 0.76 -1.81 -1.86
CA CYS A 93 1.83 -2.41 -1.05
C CYS A 93 1.29 -3.43 -0.03
N ASP A 94 0.12 -3.16 0.56
CA ASP A 94 -0.57 -3.99 1.55
C ASP A 94 -0.93 -5.39 0.99
N GLU A 95 -1.52 -5.46 -0.20
CA GLU A 95 -1.85 -6.72 -0.89
C GLU A 95 -0.56 -7.50 -1.24
N HIS A 96 0.49 -6.78 -1.64
CA HIS A 96 1.82 -7.33 -1.89
C HIS A 96 2.41 -7.93 -0.60
N TYR A 97 2.31 -7.24 0.54
CA TYR A 97 2.79 -7.74 1.83
C TYR A 97 2.00 -8.97 2.30
N ARG A 98 0.67 -9.02 2.12
CA ARG A 98 -0.13 -10.21 2.45
C ARG A 98 0.33 -11.42 1.63
N SER A 99 0.55 -11.25 0.33
CA SER A 99 1.07 -12.30 -0.55
C SER A 99 2.50 -12.72 -0.15
N LEU A 100 3.37 -11.75 0.15
CA LEU A 100 4.76 -11.98 0.58
C LEU A 100 4.83 -12.74 1.91
N VAL A 101 3.94 -12.43 2.87
CA VAL A 101 3.79 -13.12 4.16
C VAL A 101 3.45 -14.60 3.93
N ILE A 102 2.44 -14.86 3.10
CA ILE A 102 1.98 -16.21 2.77
C ILE A 102 3.08 -17.04 2.10
N GLN A 103 3.83 -16.44 1.19
CA GLN A 103 4.92 -17.10 0.47
C GLN A 103 6.13 -17.35 1.37
N GLU A 104 6.49 -16.41 2.24
CA GLU A 104 7.58 -16.60 3.21
C GLU A 104 7.18 -17.66 4.24
N ARG A 105 5.92 -17.69 4.69
CA ARG A 105 5.40 -18.70 5.62
C ARG A 105 5.45 -20.11 5.02
N ALA A 106 5.07 -20.25 3.75
CA ALA A 106 5.13 -21.50 2.99
C ALA A 106 6.57 -21.97 2.68
N LYS A 107 7.54 -21.04 2.67
CA LYS A 107 8.98 -21.31 2.46
C LYS A 107 9.67 -21.68 3.77
N LEU A 108 9.39 -20.95 4.86
CA LEU A 108 9.95 -21.19 6.20
C LEU A 108 9.46 -22.51 6.82
N SER A 109 8.22 -22.94 6.54
CA SER A 109 7.68 -24.22 7.03
C SER A 109 8.39 -25.46 6.45
N THR A 110 9.18 -25.29 5.38
CA THR A 110 10.00 -26.34 4.74
C THR A 110 11.49 -25.96 4.63
N SER A 111 11.93 -24.93 5.38
CA SER A 111 13.30 -24.39 5.39
C SER A 111 13.87 -24.06 3.99
N GLY A 112 13.01 -23.70 3.04
CA GLY A 112 13.37 -23.42 1.63
C GLY A 112 13.83 -24.63 0.81
N ALA A 113 13.67 -25.86 1.32
CA ALA A 113 14.09 -27.08 0.62
C ALA A 113 13.17 -27.45 -0.56
N ILE A 114 13.72 -28.20 -1.53
CA ILE A 114 13.04 -28.70 -2.75
C ILE A 114 13.29 -30.20 -2.92
N GLY A 1 -36.56 19.60 2.02
CA GLY A 1 -37.39 20.73 1.53
C GLY A 1 -36.83 21.33 0.24
N PRO A 2 -37.63 22.13 -0.50
CA PRO A 2 -37.20 22.77 -1.74
C PRO A 2 -36.00 23.71 -1.52
N LEU A 3 -35.15 23.82 -2.54
CA LEU A 3 -33.87 24.55 -2.58
C LEU A 3 -32.79 24.03 -1.61
N GLY A 4 -33.09 23.88 -0.32
CA GLY A 4 -32.16 23.39 0.71
C GLY A 4 -31.65 21.96 0.46
N SER A 5 -32.51 21.08 -0.06
CA SER A 5 -32.18 19.69 -0.44
C SER A 5 -31.77 19.55 -1.92
N MET A 6 -31.59 20.66 -2.64
CA MET A 6 -31.30 20.73 -4.09
C MET A 6 -29.91 21.32 -4.41
N ALA A 7 -29.00 21.34 -3.43
CA ALA A 7 -27.64 21.91 -3.54
C ALA A 7 -26.49 20.88 -3.51
N GLY A 8 -26.83 19.59 -3.49
CA GLY A 8 -25.90 18.44 -3.52
C GLY A 8 -25.41 18.11 -4.94
N ARG A 9 -24.95 19.12 -5.68
CA ARG A 9 -24.55 19.05 -7.09
C ARG A 9 -23.06 18.67 -7.28
N PRO A 10 -22.68 17.95 -8.35
CA PRO A 10 -21.30 17.56 -8.62
C PRO A 10 -20.43 18.74 -9.09
N LEU A 11 -19.12 18.59 -8.94
CA LEU A 11 -18.10 19.62 -9.24
C LEU A 11 -16.75 18.99 -9.63
N ARG A 12 -15.88 19.74 -10.33
CA ARG A 12 -14.57 19.30 -10.85
C ARG A 12 -14.69 18.01 -11.71
N ILE A 13 -13.57 17.28 -11.84
CA ILE A 13 -13.45 15.99 -12.52
C ILE A 13 -13.57 14.84 -11.49
N GLY A 14 -14.24 15.08 -10.36
CA GLY A 14 -14.14 14.22 -9.16
C GLY A 14 -12.83 14.50 -8.40
N ASP A 15 -12.36 15.75 -8.51
CA ASP A 15 -11.10 16.33 -7.99
C ASP A 15 -9.81 15.78 -8.64
N GLN A 16 -9.58 14.47 -8.55
CA GLN A 16 -8.42 13.74 -9.09
C GLN A 16 -7.02 14.34 -8.78
N LEU A 17 -6.88 15.07 -7.66
CA LEU A 17 -5.63 15.73 -7.29
C LEU A 17 -4.55 14.70 -6.92
N VAL A 18 -3.38 14.76 -7.56
CA VAL A 18 -2.23 13.87 -7.26
C VAL A 18 -1.59 14.29 -5.94
N LEU A 19 -1.30 13.33 -5.07
CA LEU A 19 -0.77 13.53 -3.71
C LEU A 19 0.73 13.20 -3.62
N GLU A 20 1.50 13.89 -4.47
CA GLU A 20 2.97 13.77 -4.57
C GLU A 20 3.63 15.17 -4.58
N GLU A 21 4.49 15.43 -3.60
CA GLU A 21 5.28 16.67 -3.47
C GLU A 21 6.64 16.37 -2.80
N ASP A 22 6.62 15.87 -1.57
CA ASP A 22 7.78 15.46 -0.77
C ASP A 22 7.37 14.41 0.29
N TYR A 23 8.26 13.46 0.62
CA TYR A 23 8.02 12.39 1.59
C TYR A 23 9.35 11.84 2.15
N ASP A 24 9.42 11.72 3.48
CA ASP A 24 10.57 11.14 4.21
C ASP A 24 10.49 9.62 4.24
N GLU A 25 10.85 9.02 3.10
CA GLU A 25 10.81 7.58 2.86
C GLU A 25 11.69 6.77 3.81
N THR A 26 12.85 7.31 4.20
CA THR A 26 13.86 6.65 5.06
C THR A 26 13.56 6.70 6.57
N TYR A 27 12.35 7.06 6.99
CA TYR A 27 11.97 7.12 8.41
C TYR A 27 11.97 5.73 9.10
N ILE A 28 12.15 5.76 10.41
CA ILE A 28 12.21 4.59 11.30
C ILE A 28 10.89 4.51 12.10
N PRO A 29 10.14 3.39 12.04
CA PRO A 29 8.84 3.24 12.72
C PRO A 29 9.00 2.78 14.18
N SER A 30 8.01 3.10 15.01
CA SER A 30 7.94 2.65 16.42
C SER A 30 7.33 1.24 16.51
N GLU A 31 7.62 0.50 17.60
CA GLU A 31 7.16 -0.89 17.77
C GLU A 31 5.62 -1.02 17.71
N GLN A 32 4.88 -0.05 18.24
CA GLN A 32 3.41 -0.02 18.17
C GLN A 32 2.89 0.12 16.72
N GLU A 33 3.64 0.77 15.84
CA GLU A 33 3.31 0.92 14.42
C GLU A 33 3.63 -0.38 13.65
N ILE A 34 4.75 -1.04 13.98
CA ILE A 34 5.14 -2.34 13.42
C ILE A 34 4.08 -3.40 13.80
N LEU A 35 3.65 -3.40 15.07
CA LEU A 35 2.57 -4.26 15.58
C LEU A 35 1.24 -3.99 14.87
N GLU A 36 0.93 -2.72 14.57
CA GLU A 36 -0.29 -2.36 13.84
C GLU A 36 -0.27 -2.91 12.40
N PHE A 37 0.80 -2.72 11.62
CA PHE A 37 0.87 -3.31 10.28
C PHE A 37 0.85 -4.85 10.31
N ALA A 38 1.54 -5.47 11.28
CA ALA A 38 1.52 -6.92 11.46
C ALA A 38 0.08 -7.45 11.68
N ARG A 39 -0.66 -6.88 12.64
CA ARG A 39 -2.05 -7.28 12.90
C ARG A 39 -2.99 -6.94 11.72
N GLU A 40 -2.77 -5.83 11.01
CA GLU A 40 -3.55 -5.45 9.84
C GLU A 40 -3.28 -6.33 8.60
N ILE A 41 -2.08 -6.89 8.43
CA ILE A 41 -1.77 -7.83 7.33
C ILE A 41 -2.09 -9.31 7.68
N GLY A 42 -2.64 -9.57 8.88
CA GLY A 42 -3.10 -10.89 9.34
C GLY A 42 -2.14 -11.71 10.21
N ILE A 43 -1.12 -11.09 10.81
CA ILE A 43 -0.10 -11.75 11.64
C ILE A 43 -0.50 -11.80 13.13
N ASP A 44 -0.08 -12.85 13.83
CA ASP A 44 -0.16 -12.97 15.29
C ASP A 44 1.24 -12.62 15.85
N PRO A 45 1.51 -11.35 16.22
CA PRO A 45 2.85 -10.90 16.63
C PRO A 45 3.40 -11.60 17.88
N ILE A 46 2.55 -12.23 18.69
CA ILE A 46 2.95 -13.00 19.88
C ILE A 46 3.66 -14.31 19.50
N LYS A 47 3.41 -14.85 18.28
CA LYS A 47 3.93 -16.15 17.82
C LYS A 47 4.68 -16.14 16.48
N GLU A 48 4.76 -15.02 15.77
CA GLU A 48 5.34 -14.92 14.42
C GLU A 48 6.40 -13.80 14.26
N PRO A 49 7.55 -13.85 14.97
CA PRO A 49 8.58 -12.80 14.91
C PRO A 49 9.25 -12.66 13.53
N GLU A 50 9.30 -13.73 12.72
CA GLU A 50 9.84 -13.65 11.35
C GLU A 50 8.91 -12.83 10.45
N LEU A 51 7.60 -13.08 10.57
CA LEU A 51 6.59 -12.33 9.85
C LEU A 51 6.56 -10.87 10.36
N MET A 52 7.09 -10.59 11.56
CA MET A 52 7.24 -9.22 12.06
C MET A 52 8.47 -8.52 11.46
N TRP A 53 9.57 -9.19 11.11
CA TRP A 53 10.66 -8.51 10.37
C TRP A 53 10.08 -8.02 9.03
N LEU A 54 9.23 -8.88 8.44
CA LEU A 54 8.47 -8.57 7.23
C LEU A 54 7.57 -7.33 7.44
N ALA A 55 6.89 -7.24 8.59
CA ALA A 55 6.02 -6.10 8.91
C ALA A 55 6.81 -4.80 9.16
N ARG A 56 8.01 -4.89 9.76
CA ARG A 56 8.93 -3.77 9.99
C ARG A 56 9.42 -3.16 8.68
N GLU A 57 9.58 -3.99 7.63
CA GLU A 57 9.87 -3.50 6.28
C GLU A 57 8.58 -2.94 5.65
N GLY A 58 7.50 -3.72 5.74
CA GLY A 58 6.13 -3.45 5.31
C GLY A 58 5.62 -2.02 5.46
N ILE A 59 5.63 -1.52 6.70
CA ILE A 59 5.07 -0.20 7.01
C ILE A 59 5.89 0.98 6.42
N VAL A 60 7.19 0.78 6.21
CA VAL A 60 8.11 1.79 5.64
C VAL A 60 8.13 1.73 4.10
N ALA A 61 7.98 0.54 3.53
CA ALA A 61 8.04 0.30 2.09
C ALA A 61 6.96 1.10 1.32
N PRO A 62 7.32 1.74 0.18
CA PRO A 62 6.40 2.49 -0.67
C PRO A 62 5.52 1.56 -1.54
N LEU A 63 4.67 2.17 -2.37
CA LEU A 63 3.84 1.48 -3.37
C LEU A 63 4.74 0.83 -4.46
N PRO A 64 4.22 -0.01 -5.38
CA PRO A 64 5.01 -0.75 -6.40
C PRO A 64 5.67 0.08 -7.54
N GLY A 65 6.35 1.19 -7.21
CA GLY A 65 7.13 2.05 -8.11
C GLY A 65 6.31 2.96 -9.03
N GLU A 66 5.51 2.36 -9.91
CA GLU A 66 4.71 3.07 -10.94
C GLU A 66 3.36 3.61 -10.40
N TRP A 67 3.03 3.30 -9.15
CA TRP A 67 1.81 3.68 -8.43
C TRP A 67 2.00 4.98 -7.63
N LYS A 68 1.04 5.91 -7.72
CA LYS A 68 0.98 7.17 -6.96
C LYS A 68 -0.42 7.37 -6.36
N PRO A 69 -0.56 7.94 -5.16
CA PRO A 69 -1.85 8.24 -4.57
C PRO A 69 -2.45 9.55 -5.08
N CYS A 70 -3.78 9.59 -5.07
CA CYS A 70 -4.62 10.68 -5.56
C CYS A 70 -5.86 10.85 -4.67
N GLN A 71 -6.50 12.03 -4.74
CA GLN A 71 -7.69 12.38 -3.96
C GLN A 71 -8.98 12.37 -4.81
N ASP A 72 -10.07 11.91 -4.21
CA ASP A 72 -11.43 11.92 -4.76
C ASP A 72 -12.28 12.97 -4.01
N ILE A 73 -13.10 13.74 -4.74
CA ILE A 73 -13.92 14.85 -4.22
C ILE A 73 -14.84 14.51 -3.04
N THR A 74 -15.19 13.23 -2.85
CA THR A 74 -15.99 12.77 -1.69
C THR A 74 -15.20 12.81 -0.36
N GLY A 75 -13.93 13.23 -0.40
CA GLY A 75 -13.02 13.26 0.75
C GLY A 75 -12.31 11.93 0.96
N ASP A 76 -12.01 11.21 -0.13
CA ASP A 76 -11.41 9.86 -0.11
C ASP A 76 -10.08 9.78 -0.88
N ILE A 77 -9.30 8.73 -0.63
CA ILE A 77 -7.96 8.49 -1.20
C ILE A 77 -7.96 7.23 -2.08
N TYR A 78 -7.33 7.30 -3.25
CA TYR A 78 -7.17 6.17 -4.19
C TYR A 78 -5.75 6.15 -4.79
N TYR A 79 -5.40 5.11 -5.55
CA TYR A 79 -4.10 4.94 -6.20
C TYR A 79 -4.20 4.79 -7.72
N PHE A 80 -3.20 5.29 -8.45
CA PHE A 80 -3.09 5.20 -9.90
C PHE A 80 -1.69 4.76 -10.35
N ASN A 81 -1.64 3.69 -11.14
CA ASN A 81 -0.48 3.10 -11.79
C ASN A 81 -0.29 3.69 -13.21
N PHE A 82 0.87 4.27 -13.43
CA PHE A 82 1.27 4.90 -14.69
C PHE A 82 1.49 3.85 -15.80
N ALA A 83 1.79 2.60 -15.45
CA ALA A 83 1.91 1.50 -16.40
C ALA A 83 0.51 0.98 -16.76
N ASN A 84 0.14 1.06 -18.05
CA ASN A 84 -1.16 0.70 -18.61
C ASN A 84 -2.39 1.40 -17.96
N GLY A 85 -2.19 2.54 -17.28
CA GLY A 85 -3.24 3.37 -16.68
C GLY A 85 -4.19 2.67 -15.70
N GLN A 86 -3.66 1.85 -14.78
CA GLN A 86 -4.48 1.06 -13.83
C GLN A 86 -4.79 1.85 -12.54
N SER A 87 -5.82 1.46 -11.80
CA SER A 87 -6.18 2.08 -10.51
C SER A 87 -6.65 1.08 -9.44
N MET A 88 -6.54 1.48 -8.17
CA MET A 88 -6.99 0.73 -6.99
C MET A 88 -7.37 1.69 -5.84
N TRP A 89 -7.95 1.19 -4.75
CA TRP A 89 -8.47 2.01 -3.64
C TRP A 89 -7.85 1.77 -2.26
N ASP A 90 -6.95 0.77 -2.07
CA ASP A 90 -6.43 0.45 -0.73
C ASP A 90 -4.99 -0.11 -0.63
N HIS A 91 -4.67 -1.23 -1.29
CA HIS A 91 -3.51 -2.05 -0.99
C HIS A 91 -2.58 -2.48 -2.15
N PRO A 92 -2.06 -1.59 -3.03
CA PRO A 92 -1.14 -1.99 -4.11
C PRO A 92 0.10 -2.81 -3.69
N CYS A 93 0.81 -2.39 -2.62
CA CYS A 93 1.95 -3.14 -2.06
C CYS A 93 1.53 -4.01 -0.84
N ASP A 94 0.47 -3.61 -0.15
CA ASP A 94 -0.13 -4.31 0.99
C ASP A 94 -0.63 -5.72 0.59
N GLU A 95 -1.27 -5.88 -0.58
CA GLU A 95 -1.68 -7.20 -1.11
C GLU A 95 -0.45 -8.10 -1.36
N HIS A 96 0.65 -7.51 -1.85
CA HIS A 96 1.92 -8.21 -2.03
C HIS A 96 2.48 -8.66 -0.67
N TYR A 97 2.43 -7.81 0.36
CA TYR A 97 2.90 -8.17 1.70
C TYR A 97 2.06 -9.28 2.33
N ARG A 98 0.73 -9.34 2.10
CA ARG A 98 -0.10 -10.46 2.59
C ARG A 98 0.35 -11.78 1.96
N SER A 99 0.52 -11.82 0.64
CA SER A 99 1.03 -13.01 -0.07
C SER A 99 2.45 -13.38 0.37
N LEU A 100 3.33 -12.39 0.62
CA LEU A 100 4.69 -12.59 1.10
C LEU A 100 4.72 -13.19 2.51
N VAL A 101 3.87 -12.72 3.42
CA VAL A 101 3.68 -13.24 4.79
C VAL A 101 3.27 -14.71 4.73
N ILE A 102 2.28 -15.04 3.90
CA ILE A 102 1.77 -16.39 3.69
C ILE A 102 2.83 -17.34 3.12
N GLN A 103 3.63 -16.88 2.16
CA GLN A 103 4.66 -17.69 1.51
C GLN A 103 5.86 -17.92 2.43
N GLU A 104 6.30 -16.90 3.19
CA GLU A 104 7.35 -17.09 4.19
C GLU A 104 6.87 -18.05 5.28
N ARG A 105 5.62 -17.90 5.76
CA ARG A 105 5.03 -18.79 6.76
C ARG A 105 4.94 -20.24 6.26
N ALA A 106 4.64 -20.45 4.99
CA ALA A 106 4.60 -21.79 4.37
C ALA A 106 5.99 -22.46 4.38
N LYS A 107 7.08 -21.72 4.10
CA LYS A 107 8.46 -22.26 4.13
C LYS A 107 8.91 -22.57 5.55
N LEU A 108 8.53 -21.73 6.51
CA LEU A 108 8.90 -21.85 7.92
C LEU A 108 8.12 -22.96 8.65
N SER A 109 6.84 -23.13 8.31
CA SER A 109 5.95 -24.14 8.91
C SER A 109 6.17 -25.55 8.30
N THR A 110 6.44 -25.63 7.00
CA THR A 110 6.63 -26.90 6.25
C THR A 110 8.10 -27.29 6.06
N SER A 111 9.01 -26.65 6.81
CA SER A 111 10.48 -26.87 6.78
C SER A 111 11.17 -26.60 5.42
N GLY A 112 10.50 -25.96 4.46
CA GLY A 112 11.04 -25.56 3.16
C GLY A 112 12.10 -24.46 3.23
N ALA A 113 12.21 -23.77 4.37
CA ALA A 113 13.22 -22.73 4.65
C ALA A 113 14.64 -23.31 4.92
N ILE A 114 14.76 -24.63 5.15
CA ILE A 114 16.01 -25.33 5.46
C ILE A 114 16.78 -25.69 4.17
N GLY A 1 -36.11 -1.81 -15.76
CA GLY A 1 -35.54 -0.72 -14.93
C GLY A 1 -36.05 0.66 -15.34
N PRO A 2 -35.33 1.74 -15.00
CA PRO A 2 -35.69 3.11 -15.34
C PRO A 2 -35.76 3.40 -16.85
N LEU A 3 -36.49 4.45 -17.24
CA LEU A 3 -36.65 4.97 -18.59
C LEU A 3 -36.93 6.48 -18.59
N GLY A 4 -36.25 7.22 -19.48
CA GLY A 4 -36.35 8.67 -19.62
C GLY A 4 -35.10 9.30 -20.23
N SER A 5 -34.99 10.62 -20.17
CA SER A 5 -33.83 11.41 -20.64
C SER A 5 -33.56 12.64 -19.75
N MET A 6 -32.29 13.04 -19.65
CA MET A 6 -31.80 14.15 -18.82
C MET A 6 -30.63 14.90 -19.49
N ALA A 7 -30.44 16.17 -19.13
CA ALA A 7 -29.34 17.03 -19.62
C ALA A 7 -28.21 17.24 -18.57
N GLY A 8 -28.22 16.45 -17.49
CA GLY A 8 -27.29 16.51 -16.36
C GLY A 8 -25.91 15.93 -16.68
N ARG A 9 -25.16 16.63 -17.52
CA ARG A 9 -23.81 16.27 -18.00
C ARG A 9 -22.75 16.34 -16.88
N PRO A 10 -21.69 15.52 -16.93
CA PRO A 10 -20.65 15.46 -15.89
C PRO A 10 -19.78 16.72 -15.83
N LEU A 11 -19.16 16.95 -14.67
CA LEU A 11 -18.21 18.04 -14.38
C LEU A 11 -16.94 17.50 -13.71
N ARG A 12 -15.83 18.24 -13.85
CA ARG A 12 -14.47 17.91 -13.38
C ARG A 12 -13.90 16.59 -13.95
N ILE A 13 -12.65 16.30 -13.59
CA ILE A 13 -11.91 15.06 -13.93
C ILE A 13 -12.07 14.02 -12.80
N GLY A 14 -12.88 14.31 -11.78
CA GLY A 14 -13.03 13.49 -10.57
C GLY A 14 -12.03 13.93 -9.49
N ASP A 15 -11.79 15.24 -9.38
CA ASP A 15 -10.81 15.93 -8.49
C ASP A 15 -9.34 15.63 -8.82
N GLN A 16 -8.91 14.36 -8.74
CA GLN A 16 -7.59 13.84 -9.09
C GLN A 16 -6.38 14.54 -8.42
N LEU A 17 -6.55 15.14 -7.23
CA LEU A 17 -5.43 15.74 -6.50
C LEU A 17 -4.42 14.66 -6.07
N VAL A 18 -3.14 14.83 -6.43
CA VAL A 18 -2.05 13.91 -6.07
C VAL A 18 -1.72 14.03 -4.58
N LEU A 19 -1.52 12.88 -3.90
CA LEU A 19 -1.31 12.79 -2.45
C LEU A 19 0.10 12.34 -2.03
N GLU A 20 1.08 12.41 -2.93
CA GLU A 20 2.49 12.09 -2.66
C GLU A 20 3.11 13.05 -1.60
N GLU A 21 3.94 12.50 -0.71
CA GLU A 21 4.63 13.25 0.36
C GLU A 21 6.16 13.19 0.21
N ASP A 22 6.74 11.99 0.23
CA ASP A 22 8.19 11.70 0.05
C ASP A 22 9.15 12.33 1.09
N TYR A 23 8.62 12.88 2.19
CA TYR A 23 9.38 13.50 3.30
C TYR A 23 9.64 12.53 4.48
N ASP A 24 9.40 11.23 4.30
CA ASP A 24 9.65 10.18 5.29
C ASP A 24 11.14 9.84 5.48
N GLU A 25 11.98 10.16 4.48
CA GLU A 25 13.44 10.05 4.43
C GLU A 25 14.05 8.83 5.16
N THR A 26 14.47 9.00 6.42
CA THR A 26 15.15 7.99 7.26
C THR A 26 14.48 7.78 8.63
N TYR A 27 13.16 7.94 8.73
CA TYR A 27 12.44 7.64 9.98
C TYR A 27 12.46 6.13 10.28
N ILE A 28 12.61 5.79 11.57
CA ILE A 28 12.61 4.43 12.11
C ILE A 28 11.34 4.26 12.98
N PRO A 29 10.54 3.19 12.78
CA PRO A 29 9.30 2.96 13.52
C PRO A 29 9.55 2.36 14.92
N SER A 30 8.64 2.64 15.86
CA SER A 30 8.64 2.06 17.21
C SER A 30 8.12 0.61 17.19
N GLU A 31 8.47 -0.20 18.19
CA GLU A 31 7.98 -1.58 18.32
C GLU A 31 6.45 -1.65 18.35
N GLN A 32 5.78 -0.67 18.97
CA GLN A 32 4.32 -0.57 19.01
C GLN A 32 3.72 -0.31 17.61
N GLU A 33 4.44 0.41 16.74
CA GLU A 33 4.01 0.69 15.36
C GLU A 33 4.26 -0.53 14.45
N ILE A 34 5.37 -1.26 14.68
CA ILE A 34 5.67 -2.52 13.98
C ILE A 34 4.59 -3.56 14.32
N LEU A 35 4.21 -3.67 15.60
CA LEU A 35 3.14 -4.54 16.08
C LEU A 35 1.77 -4.15 15.49
N GLU A 36 1.51 -2.85 15.31
CA GLU A 36 0.27 -2.37 14.70
C GLU A 36 0.19 -2.77 13.22
N PHE A 37 1.25 -2.57 12.41
CA PHE A 37 1.24 -3.03 11.01
C PHE A 37 1.22 -4.56 10.93
N ALA A 38 1.86 -5.28 11.86
CA ALA A 38 1.82 -6.74 11.91
C ALA A 38 0.38 -7.25 12.09
N ARG A 39 -0.34 -6.79 13.12
CA ARG A 39 -1.75 -7.17 13.33
C ARG A 39 -2.67 -6.68 12.20
N GLU A 40 -2.32 -5.58 11.52
CA GLU A 40 -3.07 -5.06 10.37
C GLU A 40 -2.84 -5.86 9.08
N ILE A 41 -1.62 -6.37 8.79
CA ILE A 41 -1.37 -7.21 7.60
C ILE A 41 -1.75 -8.70 7.79
N GLY A 42 -2.13 -9.10 9.02
CA GLY A 42 -2.61 -10.45 9.34
C GLY A 42 -1.58 -11.36 10.04
N ILE A 43 -0.72 -10.80 10.90
CA ILE A 43 0.28 -11.52 11.70
C ILE A 43 -0.22 -11.79 13.14
N ASP A 44 0.31 -12.87 13.73
CA ASP A 44 0.14 -13.23 15.15
C ASP A 44 1.52 -13.01 15.80
N PRO A 45 1.89 -11.76 16.16
CA PRO A 45 3.24 -11.40 16.65
C PRO A 45 3.70 -12.15 17.91
N ILE A 46 2.78 -12.76 18.66
CA ILE A 46 3.08 -13.58 19.84
C ILE A 46 3.84 -14.86 19.46
N LYS A 47 3.72 -15.35 18.21
CA LYS A 47 4.32 -16.62 17.74
C LYS A 47 4.94 -16.60 16.32
N GLU A 48 5.05 -15.44 15.66
CA GLU A 48 5.58 -15.32 14.29
C GLU A 48 6.65 -14.20 14.12
N PRO A 49 7.87 -14.34 14.69
CA PRO A 49 8.93 -13.34 14.55
C PRO A 49 9.40 -13.09 13.12
N GLU A 50 9.35 -14.11 12.25
CA GLU A 50 9.71 -13.96 10.83
C GLU A 50 8.70 -13.05 10.11
N LEU A 51 7.42 -13.25 10.40
CA LEU A 51 6.38 -12.39 9.84
C LEU A 51 6.40 -10.99 10.46
N MET A 52 7.13 -10.80 11.57
CA MET A 52 7.37 -9.48 12.13
C MET A 52 8.55 -8.78 11.40
N TRP A 53 9.54 -9.51 10.85
CA TRP A 53 10.55 -8.86 10.00
C TRP A 53 9.83 -8.29 8.78
N LEU A 54 8.85 -9.04 8.24
CA LEU A 54 7.99 -8.56 7.15
C LEU A 54 7.24 -7.29 7.59
N ALA A 55 6.67 -7.27 8.80
CA ALA A 55 5.91 -6.12 9.28
C ALA A 55 6.78 -4.87 9.52
N ARG A 56 8.03 -5.06 9.98
CA ARG A 56 9.02 -3.99 10.20
C ARG A 56 9.38 -3.30 8.88
N GLU A 57 9.57 -4.07 7.80
CA GLU A 57 9.78 -3.52 6.46
C GLU A 57 8.47 -2.92 5.91
N GLY A 58 7.34 -3.56 6.20
CA GLY A 58 5.98 -3.18 5.87
C GLY A 58 5.62 -1.71 6.08
N ILE A 59 5.86 -1.20 7.29
CA ILE A 59 5.50 0.17 7.67
C ILE A 59 6.44 1.26 7.09
N VAL A 60 7.62 0.90 6.58
CA VAL A 60 8.59 1.85 5.99
C VAL A 60 8.72 1.76 4.46
N ALA A 61 8.28 0.66 3.84
CA ALA A 61 8.40 0.44 2.39
C ALA A 61 7.54 1.39 1.53
N PRO A 62 8.06 1.89 0.39
CA PRO A 62 7.32 2.74 -0.55
C PRO A 62 6.40 1.90 -1.47
N LEU A 63 5.62 2.59 -2.32
CA LEU A 63 4.77 1.95 -3.31
C LEU A 63 5.60 1.23 -4.40
N PRO A 64 5.13 0.08 -4.93
CA PRO A 64 5.81 -0.65 -5.99
C PRO A 64 5.69 0.07 -7.35
N GLY A 65 6.65 -0.18 -8.25
CA GLY A 65 6.66 0.33 -9.63
C GLY A 65 6.36 1.83 -9.77
N GLU A 66 5.33 2.14 -10.56
CA GLU A 66 4.88 3.49 -10.92
C GLU A 66 3.48 3.86 -10.37
N TRP A 67 3.10 3.27 -9.24
CA TRP A 67 1.85 3.58 -8.52
C TRP A 67 2.03 4.83 -7.63
N LYS A 68 1.00 5.70 -7.57
CA LYS A 68 0.92 6.90 -6.71
C LYS A 68 -0.50 7.06 -6.13
N PRO A 69 -0.68 7.69 -4.95
CA PRO A 69 -2.01 7.95 -4.39
C PRO A 69 -2.60 9.25 -4.92
N CYS A 70 -3.92 9.26 -5.07
CA CYS A 70 -4.72 10.39 -5.54
C CYS A 70 -6.08 10.45 -4.80
N GLN A 71 -6.70 11.64 -4.80
CA GLN A 71 -8.01 11.88 -4.23
C GLN A 71 -9.11 11.79 -5.31
N ASP A 72 -10.27 11.23 -4.94
CA ASP A 72 -11.48 11.13 -5.75
C ASP A 72 -12.53 12.13 -5.22
N ILE A 73 -13.28 12.76 -6.14
CA ILE A 73 -14.28 13.83 -5.88
C ILE A 73 -15.35 13.48 -4.83
N THR A 74 -15.60 12.20 -4.55
CA THR A 74 -16.52 11.76 -3.48
C THR A 74 -15.97 12.03 -2.07
N GLY A 75 -14.72 12.51 -1.97
CA GLY A 75 -14.00 12.76 -0.72
C GLY A 75 -13.25 11.52 -0.23
N ASP A 76 -12.71 10.71 -1.16
CA ASP A 76 -12.04 9.44 -0.85
C ASP A 76 -10.62 9.32 -1.46
N ILE A 77 -9.81 8.40 -0.95
CA ILE A 77 -8.40 8.18 -1.33
C ILE A 77 -8.30 6.87 -2.12
N TYR A 78 -7.54 6.89 -3.23
CA TYR A 78 -7.29 5.74 -4.10
C TYR A 78 -5.86 5.76 -4.68
N TYR A 79 -5.44 4.69 -5.37
CA TYR A 79 -4.11 4.52 -5.96
C TYR A 79 -4.16 4.35 -7.49
N PHE A 80 -3.18 4.91 -8.21
CA PHE A 80 -3.10 4.92 -9.68
C PHE A 80 -1.69 4.60 -10.23
N ASN A 81 -1.61 3.66 -11.17
CA ASN A 81 -0.44 3.25 -11.93
C ASN A 81 -0.36 4.00 -13.26
N PHE A 82 0.74 4.72 -13.47
CA PHE A 82 0.97 5.62 -14.61
C PHE A 82 1.29 4.91 -15.93
N ALA A 83 2.04 3.79 -15.92
CA ALA A 83 2.46 3.09 -17.13
C ALA A 83 1.34 2.24 -17.75
N ASN A 84 0.53 1.59 -16.91
CA ASN A 84 -0.57 0.72 -17.34
C ASN A 84 -1.94 1.44 -17.36
N GLY A 85 -2.06 2.60 -16.71
CA GLY A 85 -3.32 3.34 -16.57
C GLY A 85 -4.32 2.61 -15.66
N GLN A 86 -3.82 1.95 -14.60
CA GLN A 86 -4.62 1.11 -13.69
C GLN A 86 -4.92 1.82 -12.36
N SER A 87 -5.99 1.43 -11.67
CA SER A 87 -6.38 2.01 -10.37
C SER A 87 -6.95 0.99 -9.37
N MET A 88 -6.79 1.27 -8.07
CA MET A 88 -7.33 0.47 -6.95
C MET A 88 -7.75 1.37 -5.78
N TRP A 89 -8.72 0.90 -4.98
CA TRP A 89 -9.20 1.57 -3.76
C TRP A 89 -8.44 1.15 -2.49
N ASP A 90 -7.46 0.26 -2.62
CA ASP A 90 -6.55 -0.23 -1.57
C ASP A 90 -5.09 -0.12 -2.02
N HIS A 91 -4.16 -0.02 -1.07
CA HIS A 91 -2.74 0.20 -1.32
C HIS A 91 -2.10 -0.98 -2.09
N PRO A 92 -1.39 -0.74 -3.21
CA PRO A 92 -0.67 -1.80 -3.93
C PRO A 92 0.40 -2.51 -3.09
N CYS A 93 1.07 -1.78 -2.18
CA CYS A 93 2.06 -2.36 -1.25
C CYS A 93 1.42 -3.27 -0.19
N ASP A 94 0.20 -2.97 0.27
CA ASP A 94 -0.58 -3.77 1.22
C ASP A 94 -1.03 -5.09 0.61
N GLU A 95 -1.52 -5.08 -0.65
CA GLU A 95 -1.87 -6.31 -1.37
C GLU A 95 -0.63 -7.20 -1.56
N HIS A 96 0.51 -6.57 -1.89
CA HIS A 96 1.82 -7.24 -1.99
C HIS A 96 2.23 -7.85 -0.65
N TYR A 97 2.14 -7.11 0.46
CA TYR A 97 2.54 -7.61 1.78
C TYR A 97 1.64 -8.74 2.26
N ARG A 98 0.31 -8.67 2.07
CA ARG A 98 -0.60 -9.78 2.43
C ARG A 98 -0.24 -11.06 1.67
N SER A 99 0.09 -10.95 0.38
CA SER A 99 0.55 -12.11 -0.39
C SER A 99 1.92 -12.60 0.10
N LEU A 100 2.85 -11.69 0.39
CA LEU A 100 4.16 -12.05 0.94
C LEU A 100 4.02 -12.79 2.29
N VAL A 101 3.04 -12.41 3.12
CA VAL A 101 2.73 -13.01 4.43
C VAL A 101 2.23 -14.43 4.36
N ILE A 102 1.15 -14.73 3.61
CA ILE A 102 0.58 -16.10 3.63
C ILE A 102 1.54 -17.09 3.02
N GLN A 103 2.31 -16.58 2.06
CA GLN A 103 3.21 -17.37 1.25
C GLN A 103 4.52 -17.67 2.01
N GLU A 104 5.04 -16.72 2.81
CA GLU A 104 6.17 -16.98 3.70
C GLU A 104 5.72 -17.88 4.85
N ARG A 105 4.55 -17.60 5.44
CA ARG A 105 3.94 -18.43 6.50
C ARG A 105 3.75 -19.88 6.05
N ALA A 106 3.23 -20.10 4.84
CA ALA A 106 3.07 -21.43 4.26
C ALA A 106 4.41 -22.17 4.03
N LYS A 107 5.49 -21.47 3.64
CA LYS A 107 6.81 -22.11 3.47
C LYS A 107 7.45 -22.48 4.82
N LEU A 108 7.21 -21.67 5.86
CA LEU A 108 7.68 -21.90 7.23
C LEU A 108 6.90 -23.02 7.94
N SER A 109 5.58 -23.10 7.73
CA SER A 109 4.71 -24.12 8.33
C SER A 109 4.63 -25.43 7.54
N THR A 110 5.27 -25.51 6.37
CA THR A 110 5.20 -26.64 5.43
C THR A 110 3.73 -26.93 5.06
N SER A 111 3.03 -25.88 4.62
CA SER A 111 1.58 -25.89 4.29
C SER A 111 0.69 -26.40 5.45
N GLY A 112 1.09 -26.11 6.69
CA GLY A 112 0.39 -26.53 7.92
C GLY A 112 0.56 -28.01 8.30
N ALA A 113 1.50 -28.74 7.70
CA ALA A 113 1.76 -30.15 7.99
C ALA A 113 2.34 -30.39 9.41
N ILE A 114 2.08 -31.58 9.97
CA ILE A 114 2.53 -32.04 11.30
C ILE A 114 2.86 -33.55 11.31
N GLY A 1 -0.70 27.03 -16.97
CA GLY A 1 0.78 27.03 -16.94
C GLY A 1 1.36 25.64 -17.17
N PRO A 2 2.65 25.42 -16.87
CA PRO A 2 3.34 24.14 -17.05
C PRO A 2 2.74 22.98 -16.24
N LEU A 3 2.89 21.75 -16.76
CA LEU A 3 2.40 20.52 -16.14
C LEU A 3 3.04 20.24 -14.77
N GLY A 4 2.26 19.73 -13.81
CA GLY A 4 2.70 19.46 -12.43
C GLY A 4 3.74 18.34 -12.31
N SER A 5 4.58 18.42 -11.27
CA SER A 5 5.69 17.48 -11.01
C SER A 5 5.19 16.03 -10.89
N MET A 6 5.65 15.16 -11.80
CA MET A 6 5.26 13.74 -11.93
C MET A 6 3.74 13.48 -12.00
N ALA A 7 2.96 14.49 -12.41
CA ALA A 7 1.52 14.39 -12.59
C ALA A 7 1.17 14.33 -14.09
N GLY A 8 0.45 13.29 -14.50
CA GLY A 8 -0.05 13.12 -15.86
C GLY A 8 -1.29 13.97 -16.16
N ARG A 9 -2.10 13.49 -17.11
CA ARG A 9 -3.32 14.16 -17.63
C ARG A 9 -4.53 13.20 -17.70
N PRO A 10 -5.05 12.72 -16.56
CA PRO A 10 -6.24 11.86 -16.51
C PRO A 10 -7.54 12.63 -16.85
N LEU A 11 -8.64 11.90 -17.05
CA LEU A 11 -9.97 12.46 -17.31
C LEU A 11 -10.60 13.12 -16.07
N ARG A 12 -11.61 13.99 -16.29
CA ARG A 12 -12.35 14.84 -15.33
C ARG A 12 -11.48 15.81 -14.54
N ILE A 13 -11.77 17.12 -14.65
CA ILE A 13 -11.05 18.16 -13.89
C ILE A 13 -11.26 17.99 -12.38
N GLY A 14 -12.43 17.53 -11.95
CA GLY A 14 -12.71 17.24 -10.54
C GLY A 14 -11.97 16.00 -10.00
N ASP A 15 -11.41 15.16 -10.87
CA ASP A 15 -10.66 13.95 -10.51
C ASP A 15 -9.15 14.02 -10.85
N GLN A 16 -8.67 15.11 -11.48
CA GLN A 16 -7.29 15.25 -11.98
C GLN A 16 -6.21 15.59 -10.93
N LEU A 17 -6.58 15.90 -9.68
CA LEU A 17 -5.63 16.33 -8.65
C LEU A 17 -4.75 15.17 -8.16
N VAL A 18 -3.43 15.26 -8.45
CA VAL A 18 -2.39 14.31 -8.02
C VAL A 18 -1.66 14.88 -6.80
N LEU A 19 -1.42 14.06 -5.78
CA LEU A 19 -0.76 14.43 -4.54
C LEU A 19 0.73 14.08 -4.61
N GLU A 20 1.55 15.06 -5.02
CA GLU A 20 3.02 14.94 -5.10
C GLU A 20 3.68 16.02 -4.21
N GLU A 21 3.48 15.88 -2.89
CA GLU A 21 4.00 16.78 -1.86
C GLU A 21 4.44 16.00 -0.60
N ASP A 22 3.56 15.17 -0.05
CA ASP A 22 3.77 14.28 1.10
C ASP A 22 4.54 12.99 0.72
N TYR A 23 5.72 13.15 0.13
CA TYR A 23 6.68 12.11 -0.26
C TYR A 23 7.97 12.30 0.54
N ASP A 24 8.33 11.26 1.27
CA ASP A 24 9.56 11.12 2.07
C ASP A 24 10.30 9.80 1.76
N GLU A 25 11.62 9.78 1.98
CA GLU A 25 12.49 8.66 1.62
C GLU A 25 12.49 7.50 2.63
N THR A 26 12.69 7.79 3.93
CA THR A 26 12.81 6.77 5.00
C THR A 26 12.25 7.28 6.33
N TYR A 27 11.34 6.49 6.92
CA TYR A 27 10.75 6.72 8.25
C TYR A 27 10.99 5.53 9.17
N ILE A 28 11.07 5.82 10.47
CA ILE A 28 11.38 4.87 11.53
C ILE A 28 10.08 4.60 12.33
N PRO A 29 9.46 3.42 12.19
CA PRO A 29 8.19 3.09 12.83
C PRO A 29 8.36 2.70 14.30
N SER A 30 7.39 3.09 15.13
CA SER A 30 7.31 2.69 16.53
C SER A 30 6.92 1.21 16.66
N GLU A 31 7.21 0.58 17.81
CA GLU A 31 6.83 -0.82 18.07
C GLU A 31 5.31 -1.04 17.93
N GLN A 32 4.50 -0.05 18.36
CA GLN A 32 3.04 -0.08 18.21
C GLN A 32 2.60 -0.07 16.73
N GLU A 33 3.34 0.62 15.85
CA GLU A 33 3.07 0.67 14.42
C GLU A 33 3.46 -0.65 13.73
N ILE A 34 4.61 -1.23 14.13
CA ILE A 34 5.08 -2.53 13.64
C ILE A 34 4.07 -3.63 14.02
N LEU A 35 3.59 -3.63 15.27
CA LEU A 35 2.56 -4.54 15.77
C LEU A 35 1.23 -4.33 15.06
N GLU A 36 0.85 -3.10 14.72
CA GLU A 36 -0.37 -2.80 13.99
C GLU A 36 -0.34 -3.39 12.57
N PHE A 37 0.71 -3.17 11.77
CA PHE A 37 0.78 -3.77 10.42
C PHE A 37 0.83 -5.31 10.51
N ALA A 38 1.57 -5.89 11.46
CA ALA A 38 1.61 -7.33 11.67
C ALA A 38 0.22 -7.92 11.98
N ARG A 39 -0.50 -7.36 12.95
CA ARG A 39 -1.85 -7.84 13.32
C ARG A 39 -2.89 -7.60 12.20
N GLU A 40 -2.75 -6.51 11.44
CA GLU A 40 -3.63 -6.22 10.29
C GLU A 40 -3.36 -7.14 9.08
N ILE A 41 -2.12 -7.56 8.81
CA ILE A 41 -1.80 -8.50 7.72
C ILE A 41 -1.98 -9.99 8.11
N GLY A 42 -2.48 -10.26 9.32
CA GLY A 42 -2.81 -11.61 9.81
C GLY A 42 -1.68 -12.38 10.52
N ILE A 43 -0.84 -11.70 11.31
CA ILE A 43 0.28 -12.27 12.07
C ILE A 43 -0.03 -12.32 13.58
N ASP A 44 0.49 -13.33 14.27
CA ASP A 44 0.47 -13.45 15.73
C ASP A 44 1.86 -13.03 16.26
N PRO A 45 2.10 -11.74 16.58
CA PRO A 45 3.42 -11.23 16.96
C PRO A 45 4.01 -11.85 18.24
N ILE A 46 3.19 -12.50 19.07
CA ILE A 46 3.62 -13.21 20.28
C ILE A 46 4.40 -14.49 19.93
N LYS A 47 4.15 -15.10 18.76
CA LYS A 47 4.74 -16.40 18.34
C LYS A 47 5.41 -16.43 16.95
N GLU A 48 5.30 -15.38 16.14
CA GLU A 48 5.78 -15.35 14.75
C GLU A 48 6.79 -14.21 14.44
N PRO A 49 7.95 -14.13 15.11
CA PRO A 49 8.93 -13.06 14.90
C PRO A 49 9.54 -13.04 13.48
N GLU A 50 9.53 -14.17 12.74
CA GLU A 50 9.99 -14.16 11.33
C GLU A 50 9.02 -13.32 10.48
N LEU A 51 7.72 -13.56 10.66
CA LEU A 51 6.69 -12.77 9.99
C LEU A 51 6.72 -11.31 10.47
N MET A 52 7.33 -11.02 11.63
CA MET A 52 7.54 -9.64 12.08
C MET A 52 8.73 -8.96 11.37
N TRP A 53 9.79 -9.68 10.97
CA TRP A 53 10.84 -9.05 10.13
C TRP A 53 10.16 -8.58 8.83
N LEU A 54 9.26 -9.43 8.31
CA LEU A 54 8.41 -9.14 7.17
C LEU A 54 7.56 -7.88 7.39
N ALA A 55 6.94 -7.74 8.57
CA ALA A 55 6.10 -6.59 8.90
C ALA A 55 6.91 -5.29 9.10
N ARG A 56 8.14 -5.38 9.65
CA ARG A 56 9.07 -4.25 9.81
C ARG A 56 9.45 -3.65 8.45
N GLU A 57 9.69 -4.50 7.44
CA GLU A 57 9.92 -4.05 6.07
C GLU A 57 8.60 -3.53 5.46
N GLY A 58 7.51 -4.27 5.69
CA GLY A 58 6.14 -3.99 5.33
C GLY A 58 5.68 -2.54 5.46
N ILE A 59 5.78 -2.01 6.69
CA ILE A 59 5.28 -0.68 7.01
C ILE A 59 6.12 0.48 6.43
N VAL A 60 7.42 0.25 6.16
CA VAL A 60 8.34 1.30 5.64
C VAL A 60 8.51 1.28 4.12
N ALA A 61 8.21 0.16 3.44
CA ALA A 61 8.39 0.01 2.00
C ALA A 61 7.44 0.93 1.20
N PRO A 62 7.95 1.78 0.28
CA PRO A 62 7.13 2.66 -0.56
C PRO A 62 6.48 1.93 -1.73
N LEU A 63 5.40 2.49 -2.27
CA LEU A 63 4.70 1.99 -3.45
C LEU A 63 5.56 2.05 -4.74
N PRO A 64 5.29 1.21 -5.76
CA PRO A 64 6.05 1.24 -7.02
C PRO A 64 5.89 2.59 -7.75
N GLY A 65 6.94 3.04 -8.44
CA GLY A 65 7.00 4.36 -9.10
C GLY A 65 5.90 4.65 -10.14
N GLU A 66 5.25 3.62 -10.68
CA GLU A 66 4.13 3.75 -11.62
C GLU A 66 2.87 4.34 -10.97
N TRP A 67 2.71 4.20 -9.64
CA TRP A 67 1.55 4.63 -8.85
C TRP A 67 1.78 6.00 -8.18
N LYS A 68 0.72 6.84 -8.12
CA LYS A 68 0.70 8.12 -7.38
C LYS A 68 -0.64 8.27 -6.65
N PRO A 69 -0.70 8.85 -5.44
CA PRO A 69 -1.97 9.15 -4.79
C PRO A 69 -2.65 10.32 -5.51
N CYS A 70 -3.97 10.21 -5.62
CA CYS A 70 -4.84 11.15 -6.33
C CYS A 70 -6.12 11.37 -5.52
N GLN A 71 -6.81 12.49 -5.77
CA GLN A 71 -8.09 12.81 -5.15
C GLN A 71 -9.26 12.35 -6.04
N ASP A 72 -10.10 11.48 -5.50
CA ASP A 72 -11.33 11.02 -6.13
C ASP A 72 -12.41 12.12 -6.03
N ILE A 73 -13.10 12.37 -7.14
CA ILE A 73 -14.13 13.42 -7.31
C ILE A 73 -15.26 13.40 -6.26
N THR A 74 -15.51 12.27 -5.59
CA THR A 74 -16.50 12.17 -4.49
C THR A 74 -16.00 12.79 -3.17
N GLY A 75 -14.75 13.25 -3.12
CA GLY A 75 -14.11 13.88 -1.96
C GLY A 75 -13.26 12.93 -1.12
N ASP A 76 -12.51 12.02 -1.76
CA ASP A 76 -11.70 10.99 -1.06
C ASP A 76 -10.29 10.83 -1.68
N ILE A 77 -9.38 10.11 -1.02
CA ILE A 77 -8.01 9.85 -1.50
C ILE A 77 -7.82 8.36 -1.86
N TYR A 78 -7.16 8.10 -2.98
CA TYR A 78 -6.88 6.77 -3.53
C TYR A 78 -5.55 6.76 -4.31
N TYR A 79 -5.12 5.62 -4.86
CA TYR A 79 -3.88 5.46 -5.63
C TYR A 79 -4.14 5.04 -7.09
N PHE A 80 -3.40 5.63 -8.04
CA PHE A 80 -3.54 5.39 -9.48
C PHE A 80 -2.21 5.08 -10.18
N ASN A 81 -2.17 3.99 -10.96
CA ASN A 81 -1.07 3.56 -11.81
C ASN A 81 -1.20 4.18 -13.21
N PHE A 82 -0.22 4.96 -13.63
CA PHE A 82 -0.22 5.71 -14.88
C PHE A 82 0.30 4.91 -16.10
N ALA A 83 1.00 3.79 -15.87
CA ALA A 83 1.52 2.91 -16.93
C ALA A 83 0.48 1.88 -17.40
N ASN A 84 -0.35 1.38 -16.48
CA ASN A 84 -1.40 0.37 -16.72
C ASN A 84 -2.83 0.94 -16.68
N GLY A 85 -3.03 2.17 -16.18
CA GLY A 85 -4.35 2.79 -16.00
C GLY A 85 -5.17 2.08 -14.91
N GLN A 86 -4.52 1.72 -13.81
CA GLN A 86 -5.08 0.91 -12.72
C GLN A 86 -5.37 1.72 -11.44
N SER A 87 -6.38 1.32 -10.66
CA SER A 87 -6.83 2.02 -9.45
C SER A 87 -6.86 1.11 -8.22
N MET A 88 -6.45 1.65 -7.06
CA MET A 88 -6.42 1.01 -5.74
C MET A 88 -6.85 1.98 -4.63
N TRP A 89 -7.52 1.48 -3.60
CA TRP A 89 -7.95 2.26 -2.42
C TRP A 89 -6.93 2.26 -1.27
N ASP A 90 -5.83 1.52 -1.42
CA ASP A 90 -4.74 1.35 -0.45
C ASP A 90 -3.40 1.08 -1.18
N HIS A 91 -2.28 1.01 -0.47
CA HIS A 91 -0.96 0.74 -1.06
C HIS A 91 -0.92 -0.63 -1.77
N PRO A 92 -0.42 -0.72 -3.03
CA PRO A 92 -0.28 -2.00 -3.75
C PRO A 92 0.56 -3.04 -3.01
N CYS A 93 1.50 -2.58 -2.18
CA CYS A 93 2.39 -3.43 -1.37
C CYS A 93 1.63 -4.25 -0.30
N ASP A 94 0.45 -3.84 0.14
CA ASP A 94 -0.35 -4.53 1.16
C ASP A 94 -0.83 -5.91 0.70
N GLU A 95 -1.30 -6.02 -0.56
CA GLU A 95 -1.71 -7.29 -1.17
C GLU A 95 -0.49 -8.21 -1.34
N HIS A 96 0.64 -7.63 -1.77
CA HIS A 96 1.93 -8.31 -1.90
C HIS A 96 2.41 -8.85 -0.54
N TYR A 97 2.39 -8.06 0.53
CA TYR A 97 2.86 -8.47 1.85
C TYR A 97 1.95 -9.51 2.49
N ARG A 98 0.62 -9.44 2.34
CA ARG A 98 -0.29 -10.49 2.85
C ARG A 98 0.05 -11.84 2.19
N SER A 99 0.27 -11.86 0.88
CA SER A 99 0.71 -13.08 0.19
C SER A 99 2.13 -13.50 0.61
N LEU A 100 3.06 -12.56 0.79
CA LEU A 100 4.42 -12.88 1.25
C LEU A 100 4.39 -13.53 2.66
N VAL A 101 3.48 -13.10 3.54
CA VAL A 101 3.29 -13.62 4.90
C VAL A 101 2.80 -15.06 4.95
N ILE A 102 1.68 -15.41 4.29
CA ILE A 102 1.14 -16.79 4.43
C ILE A 102 2.03 -17.80 3.76
N GLN A 103 2.74 -17.33 2.73
CA GLN A 103 3.56 -18.14 1.86
C GLN A 103 4.95 -18.38 2.50
N GLU A 104 5.49 -17.41 3.26
CA GLU A 104 6.69 -17.62 4.09
C GLU A 104 6.31 -18.48 5.30
N ARG A 105 5.12 -18.26 5.91
CA ARG A 105 4.59 -19.08 7.02
C ARG A 105 4.49 -20.54 6.59
N ALA A 106 3.93 -20.82 5.41
CA ALA A 106 3.85 -22.16 4.84
C ALA A 106 5.25 -22.80 4.69
N LYS A 107 6.22 -22.02 4.20
CA LYS A 107 7.63 -22.45 3.99
C LYS A 107 8.32 -22.89 5.29
N LEU A 108 7.95 -22.28 6.42
CA LEU A 108 8.53 -22.51 7.74
C LEU A 108 7.72 -23.51 8.60
N SER A 109 6.40 -23.60 8.38
CA SER A 109 5.49 -24.45 9.17
C SER A 109 5.24 -25.84 8.57
N THR A 110 5.25 -25.94 7.23
CA THR A 110 4.96 -27.17 6.46
C THR A 110 6.03 -27.41 5.38
N SER A 111 7.30 -27.23 5.76
CA SER A 111 8.50 -27.36 4.93
C SER A 111 8.60 -28.68 4.14
N GLY A 112 9.24 -28.65 2.98
CA GLY A 112 9.43 -29.79 2.10
C GLY A 112 10.32 -29.44 0.89
N ALA A 113 11.07 -30.43 0.42
CA ALA A 113 12.01 -30.34 -0.70
C ALA A 113 11.89 -31.55 -1.66
N ILE A 114 12.43 -31.41 -2.88
CA ILE A 114 12.45 -32.43 -3.95
C ILE A 114 13.52 -33.50 -3.66
#